data_4GGH
#
_entry.id   4GGH
#
_cell.length_a   92.948
_cell.length_b   209.550
_cell.length_c   208.468
_cell.angle_alpha   90.000
_cell.angle_beta   90.000
_cell.angle_gamma   90.000
#
_symmetry.space_group_name_H-M   'C 2 2 21'
#
loop_
_entity.id
_entity.type
_entity.pdbx_description
1 polymer 'Putative uncharacterized protein'
2 non-polymer 'MAGNESIUM ION'
3 non-polymer '4-(2-HYDROXYETHYL)-1-PIPERAZINE ETHANESULFONIC ACID'
4 non-polymer 1,2-ETHANEDIOL
5 non-polymer 'CHLORIDE ION'
6 non-polymer GLYCEROL
7 water water
#
_entity_poly.entity_id   1
_entity_poly.type   'polypeptide(L)'
_entity_poly.pdbx_seq_one_letter_code
;MHHHHHHSSGVDLGTENLYFQSMMNKNTISNIECVITKPDRHNLITVIVETESGVTGYGCATFQQRPLAVKTMVDEYLKP
LLIGKDANNIEDLWQMMMVNAYWRNGPVINNAISGVDMALWDIKAKIANMPLHQLFGGKSRDAIQVYTHATSDTMEGLYE
QVDKYLEQGYQHIRCQLGFYGGVPENIQTAQNPTQGSYYDQDQYIENTVEMFKNLREKYGKQFHILHDVHERLFPNQAIQ
FAKQIEQYNPFFIEDILPPSQTEWLDNIRNQSSVSLALGELFNNPEEWKALIINRRVDFIRCHVSQIGGITPALKLGHFC
ESFGVRIAWHCPPDMTPIGAAVNTHLNVHLHNAAIQEHVEYKANTQRVFPNAAEPINGYLYASEIAGIGVEMDREAAQDF
PVEYRPHEWTQSRLPDGSIHTP
;
_entity_poly.pdbx_strand_id   A,B,C,D
#
loop_
_chem_comp.id
_chem_comp.type
_chem_comp.name
_chem_comp.formula
CL non-polymer 'CHLORIDE ION' 'Cl -1'
EDO non-polymer 1,2-ETHANEDIOL 'C2 H6 O2'
EPE non-polymer '4-(2-HYDROXYETHYL)-1-PIPERAZINE ETHANESULFONIC ACID' 'C8 H18 N2 O4 S'
GOL non-polymer GLYCEROL 'C3 H8 O3'
MG non-polymer 'MAGNESIUM ION' 'Mg 2'
#
# COMPACT_ATOMS: atom_id res chain seq x y z
N LYS A 26 42.38 4.99 -7.62
CA LYS A 26 42.04 3.92 -8.56
C LYS A 26 42.92 2.69 -8.32
N ASN A 27 42.39 1.52 -8.66
CA ASN A 27 43.17 0.29 -8.54
C ASN A 27 43.17 -0.46 -9.87
N THR A 28 44.19 -0.20 -10.68
CA THR A 28 44.23 -0.69 -12.05
C THR A 28 44.45 -2.20 -12.15
N ILE A 29 43.61 -2.88 -12.93
CA ILE A 29 43.78 -4.32 -13.15
C ILE A 29 45.04 -4.56 -13.97
N SER A 30 45.91 -5.44 -13.48
CA SER A 30 47.20 -5.69 -14.15
C SER A 30 47.26 -7.05 -14.84
N ASN A 31 46.43 -8.00 -14.42
CA ASN A 31 46.36 -9.29 -15.09
C ASN A 31 45.03 -9.99 -14.85
N ILE A 32 44.69 -10.89 -15.76
CA ILE A 32 43.51 -11.73 -15.60
C ILE A 32 43.94 -13.14 -15.97
N GLU A 33 43.72 -14.11 -15.08
CA GLU A 33 44.05 -15.50 -15.40
C GLU A 33 42.88 -16.42 -15.14
N CYS A 34 42.82 -17.51 -15.89
CA CYS A 34 41.75 -18.49 -15.71
C CYS A 34 42.41 -19.86 -15.61
N VAL A 35 42.13 -20.56 -14.52
CA VAL A 35 42.69 -21.90 -14.30
C VAL A 35 41.59 -22.93 -14.18
N ILE A 36 41.73 -24.04 -14.92
CA ILE A 36 40.84 -25.17 -14.74
C ILE A 36 41.59 -26.21 -13.91
N THR A 37 40.96 -26.68 -12.84
CA THR A 37 41.60 -27.72 -12.03
C THR A 37 40.58 -28.81 -11.68
N LYS A 38 41.02 -30.06 -11.71
CA LYS A 38 40.16 -31.19 -11.36
C LYS A 38 40.77 -31.97 -10.20
N PRO A 39 40.74 -31.39 -8.99
CA PRO A 39 41.36 -32.12 -7.87
C PRO A 39 40.64 -33.44 -7.58
N ASP A 40 39.34 -33.47 -7.81
CA ASP A 40 38.58 -34.69 -7.58
C ASP A 40 37.69 -35.07 -8.75
N ARG A 41 36.37 -35.06 -8.57
CA ARG A 41 35.47 -35.57 -9.60
C ARG A 41 35.14 -34.57 -10.71
N HIS A 42 35.30 -33.29 -10.41
CA HIS A 42 34.78 -32.24 -11.28
C HIS A 42 35.82 -31.24 -11.75
N ASN A 43 35.70 -30.84 -13.02
CA ASN A 43 36.48 -29.72 -13.54
C ASN A 43 36.02 -28.38 -12.96
N LEU A 44 36.82 -27.80 -12.07
CA LEU A 44 36.49 -26.53 -11.43
C LEU A 44 37.22 -25.42 -12.15
N ILE A 45 36.65 -24.21 -12.11
CA ILE A 45 37.22 -23.08 -12.85
C ILE A 45 37.36 -21.87 -11.96
N THR A 46 38.58 -21.35 -11.86
CA THR A 46 38.86 -20.19 -11.04
C THR A 46 39.36 -19.06 -11.92
N VAL A 47 38.93 -17.84 -11.62
CA VAL A 47 39.48 -16.66 -12.27
C VAL A 47 40.29 -15.88 -11.25
N ILE A 48 41.46 -15.40 -11.67
CA ILE A 48 42.32 -14.67 -10.76
C ILE A 48 42.61 -13.29 -11.34
N VAL A 49 42.32 -12.26 -10.55
CA VAL A 49 42.55 -10.87 -10.97
C VAL A 49 43.66 -10.27 -10.14
N GLU A 50 44.69 -9.77 -10.81
CA GLU A 50 45.79 -9.08 -10.14
C GLU A 50 45.67 -7.58 -10.40
N THR A 51 46.05 -6.77 -9.41
CA THR A 51 45.90 -5.33 -9.52
C THR A 51 47.20 -4.63 -9.18
N GLU A 52 47.33 -3.37 -9.58
CA GLU A 52 48.54 -2.60 -9.34
C GLU A 52 48.81 -2.35 -7.86
N SER A 53 47.78 -2.51 -7.03
CA SER A 53 47.97 -2.41 -5.59
C SER A 53 48.68 -3.63 -5.03
N GLY A 54 48.80 -4.68 -5.84
CA GLY A 54 49.37 -5.94 -5.38
C GLY A 54 48.36 -6.82 -4.68
N VAL A 55 47.10 -6.37 -4.63
CA VAL A 55 46.03 -7.16 -4.03
C VAL A 55 45.40 -8.08 -5.09
N THR A 56 45.35 -9.38 -4.78
CA THR A 56 44.85 -10.36 -5.74
C THR A 56 43.48 -10.92 -5.37
N GLY A 57 42.60 -11.03 -6.36
CA GLY A 57 41.26 -11.56 -6.18
C GLY A 57 41.06 -12.90 -6.86
N TYR A 58 40.13 -13.68 -6.34
CA TYR A 58 39.83 -15.01 -6.84
C TYR A 58 38.31 -15.12 -6.98
N GLY A 59 37.85 -15.79 -8.04
CA GLY A 59 36.42 -15.94 -8.24
C GLY A 59 36.10 -17.27 -8.88
N CYS A 60 34.83 -17.65 -8.83
CA CYS A 60 34.38 -18.90 -9.41
C CYS A 60 33.70 -18.67 -10.76
N ALA A 61 34.13 -19.44 -11.76
CA ALA A 61 33.56 -19.37 -13.10
C ALA A 61 33.17 -20.77 -13.53
N THR A 62 32.85 -21.63 -12.56
CA THR A 62 32.70 -23.06 -12.83
C THR A 62 31.42 -23.43 -13.58
N PHE A 63 31.60 -23.76 -14.86
CA PHE A 63 30.57 -24.40 -15.70
C PHE A 63 31.24 -25.72 -16.09
N GLN A 64 31.03 -26.75 -15.28
CA GLN A 64 31.89 -27.92 -15.34
C GLN A 64 31.80 -28.65 -16.67
N GLN A 65 30.65 -28.55 -17.35
CA GLN A 65 30.43 -29.31 -18.57
C GLN A 65 31.17 -28.76 -19.79
N ARG A 66 31.60 -27.49 -19.72
CA ARG A 66 32.25 -26.83 -20.86
C ARG A 66 33.41 -25.95 -20.41
N PRO A 67 34.35 -26.50 -19.61
CA PRO A 67 35.34 -25.60 -19.00
C PRO A 67 36.27 -24.92 -20.00
N LEU A 68 36.68 -25.60 -21.07
CA LEU A 68 37.56 -24.97 -22.06
C LEU A 68 36.91 -23.75 -22.73
N ALA A 69 35.60 -23.78 -22.88
CA ALA A 69 34.87 -22.65 -23.47
C ALA A 69 34.92 -21.43 -22.54
N VAL A 70 34.73 -21.66 -21.25
CA VAL A 70 34.82 -20.57 -20.28
C VAL A 70 36.25 -20.00 -20.25
N LYS A 71 37.25 -20.88 -20.30
CA LYS A 71 38.64 -20.43 -20.26
C LYS A 71 38.97 -19.60 -21.49
N THR A 72 38.54 -20.08 -22.66
CA THR A 72 38.72 -19.32 -23.90
C THR A 72 38.10 -17.93 -23.75
N MET A 73 36.89 -17.87 -23.21
CA MET A 73 36.17 -16.63 -23.03
C MET A 73 36.96 -15.65 -22.16
N VAL A 74 37.59 -16.17 -21.11
CA VAL A 74 38.35 -15.29 -20.20
C VAL A 74 39.69 -14.86 -20.80
N ASP A 75 40.47 -15.85 -21.28
CA ASP A 75 41.80 -15.61 -21.82
C ASP A 75 41.79 -14.75 -23.08
N GLU A 76 40.89 -15.06 -24.00
CA GLU A 76 40.92 -14.42 -25.31
C GLU A 76 40.14 -13.10 -25.38
N TYR A 77 39.17 -12.91 -24.49
CA TYR A 77 38.26 -11.77 -24.56
C TYR A 77 38.19 -10.88 -23.32
N LEU A 78 37.84 -11.44 -22.16
CA LEU A 78 37.78 -10.59 -20.97
C LEU A 78 39.14 -10.02 -20.59
N LYS A 79 40.20 -10.80 -20.79
CA LYS A 79 41.53 -10.33 -20.38
C LYS A 79 41.98 -9.03 -21.08
N PRO A 80 42.00 -9.03 -22.44
CA PRO A 80 42.44 -7.77 -23.08
C PRO A 80 41.45 -6.65 -22.88
N LEU A 81 40.18 -6.98 -22.64
CA LEU A 81 39.19 -5.96 -22.31
C LEU A 81 39.44 -5.31 -20.95
N LEU A 82 39.85 -6.12 -19.96
CA LEU A 82 39.88 -5.65 -18.58
C LEU A 82 41.20 -5.05 -18.10
N ILE A 83 42.31 -5.46 -18.71
CA ILE A 83 43.60 -4.97 -18.26
C ILE A 83 43.69 -3.47 -18.49
N GLY A 84 44.04 -2.73 -17.43
CA GLY A 84 44.13 -1.30 -17.55
C GLY A 84 42.99 -0.55 -16.90
N LYS A 85 41.89 -1.25 -16.63
CA LYS A 85 40.70 -0.62 -16.05
C LYS A 85 40.71 -0.60 -14.51
N ASP A 86 39.84 0.24 -13.92
CA ASP A 86 39.83 0.45 -12.48
C ASP A 86 39.01 -0.63 -11.78
N ALA A 87 39.67 -1.49 -11.02
CA ALA A 87 38.98 -2.58 -10.33
C ALA A 87 37.98 -2.11 -9.24
N ASN A 88 38.12 -0.88 -8.75
CA ASN A 88 37.18 -0.36 -7.75
C ASN A 88 35.74 -0.31 -8.23
N ASN A 89 35.55 -0.02 -9.51
CA ASN A 89 34.20 0.21 -10.02
C ASN A 89 33.55 -1.08 -10.53
N ILE A 90 33.28 -1.99 -9.59
CA ILE A 90 32.75 -3.29 -9.94
C ILE A 90 31.45 -3.16 -10.74
N GLU A 91 30.58 -2.25 -10.30
CA GLU A 91 29.27 -2.10 -10.95
C GLU A 91 29.37 -1.70 -12.42
N ASP A 92 30.19 -0.70 -12.73
CA ASP A 92 30.40 -0.35 -14.14
C ASP A 92 31.03 -1.51 -14.90
N LEU A 93 32.03 -2.16 -14.30
CA LEU A 93 32.69 -3.26 -14.97
C LEU A 93 31.70 -4.39 -15.24
N TRP A 94 30.78 -4.64 -14.32
CA TRP A 94 29.78 -5.67 -14.57
C TRP A 94 28.84 -5.25 -15.70
N GLN A 95 28.37 -4.01 -15.68
CA GLN A 95 27.41 -3.57 -16.71
C GLN A 95 28.09 -3.56 -18.07
N MET A 96 29.34 -3.12 -18.09
CA MET A 96 30.12 -3.06 -19.32
C MET A 96 30.40 -4.46 -19.87
N MET A 97 30.83 -5.38 -18.99
CA MET A 97 31.16 -6.75 -19.40
C MET A 97 29.96 -7.49 -19.96
N MET A 98 28.81 -7.30 -19.30
CA MET A 98 27.61 -8.06 -19.66
C MET A 98 27.19 -7.79 -21.11
N VAL A 99 27.34 -6.55 -21.56
CA VAL A 99 26.93 -6.18 -22.93
C VAL A 99 28.08 -6.15 -23.94
N ASN A 100 29.28 -6.52 -23.52
CA ASN A 100 30.47 -6.30 -24.35
C ASN A 100 30.53 -7.10 -25.66
N ALA A 101 29.87 -8.26 -25.69
CA ALA A 101 29.85 -9.07 -26.92
C ALA A 101 28.61 -8.80 -27.75
N TYR A 102 27.87 -7.75 -27.36
CA TYR A 102 26.56 -7.39 -27.91
C TYR A 102 25.53 -8.43 -27.53
N TRP A 103 25.59 -9.61 -28.16
CA TRP A 103 24.79 -10.71 -27.68
C TRP A 103 25.27 -11.10 -26.29
N ARG A 104 24.36 -11.60 -25.46
CA ARG A 104 24.67 -11.74 -24.04
C ARG A 104 23.80 -12.77 -23.33
N ASN A 105 23.96 -12.82 -22.00
CA ASN A 105 23.36 -13.84 -21.16
C ASN A 105 23.91 -15.24 -21.54
N GLY A 106 23.37 -16.30 -20.94
CA GLY A 106 23.87 -17.63 -21.25
C GLY A 106 25.06 -18.08 -20.40
N PRO A 107 25.31 -19.40 -20.38
CA PRO A 107 26.24 -19.98 -19.40
C PRO A 107 27.72 -19.67 -19.65
N VAL A 108 28.17 -19.56 -20.89
CA VAL A 108 29.62 -19.39 -21.10
C VAL A 108 30.08 -17.97 -20.77
N ILE A 109 29.39 -16.99 -21.32
CA ILE A 109 29.70 -15.60 -20.96
C ILE A 109 29.48 -15.33 -19.47
N ASN A 110 28.35 -15.77 -18.91
CA ASN A 110 28.06 -15.42 -17.52
C ASN A 110 29.06 -15.97 -16.50
N ASN A 111 29.52 -17.18 -16.72
CA ASN A 111 30.49 -17.79 -15.81
C ASN A 111 31.81 -17.05 -15.88
N ALA A 112 32.21 -16.69 -17.11
CA ALA A 112 33.45 -15.94 -17.28
C ALA A 112 33.35 -14.60 -16.56
N ILE A 113 32.23 -13.92 -16.70
CA ILE A 113 32.04 -12.63 -16.03
C ILE A 113 31.96 -12.82 -14.51
N SER A 114 31.28 -13.88 -14.08
CA SER A 114 31.20 -14.21 -12.64
C SER A 114 32.58 -14.37 -12.02
N GLY A 115 33.46 -15.07 -12.72
CA GLY A 115 34.82 -15.25 -12.22
C GLY A 115 35.49 -13.92 -11.91
N VAL A 116 35.42 -12.99 -12.87
CA VAL A 116 35.97 -11.65 -12.69
C VAL A 116 35.22 -10.90 -11.59
N ASP A 117 33.88 -10.90 -11.65
CA ASP A 117 33.08 -10.18 -10.67
C ASP A 117 33.39 -10.57 -9.22
N MET A 118 33.41 -11.88 -8.94
CA MET A 118 33.75 -12.36 -7.60
C MET A 118 35.16 -11.95 -7.16
N ALA A 119 36.11 -12.06 -8.08
CA ALA A 119 37.48 -11.68 -7.77
C ALA A 119 37.59 -10.18 -7.47
N LEU A 120 36.78 -9.37 -8.15
CA LEU A 120 36.78 -7.93 -7.92
C LEU A 120 36.21 -7.59 -6.53
N TRP A 121 35.12 -8.26 -6.15
CA TRP A 121 34.59 -8.11 -4.80
C TRP A 121 35.59 -8.60 -3.77
N ASP A 122 36.31 -9.67 -4.10
CA ASP A 122 37.35 -10.22 -3.22
C ASP A 122 38.42 -9.17 -2.96
N ILE A 123 38.88 -8.51 -4.01
CA ILE A 123 39.85 -7.43 -3.88
C ILE A 123 39.33 -6.26 -3.04
N LYS A 124 38.08 -5.87 -3.29
CA LYS A 124 37.48 -4.75 -2.56
C LYS A 124 37.40 -5.08 -1.07
N ALA A 125 36.96 -6.28 -0.73
CA ALA A 125 36.92 -6.69 0.67
C ALA A 125 38.30 -6.73 1.31
N LYS A 126 39.28 -7.24 0.58
CA LYS A 126 40.66 -7.27 1.10
C LYS A 126 41.18 -5.86 1.34
N ILE A 127 40.94 -4.95 0.39
CA ILE A 127 41.40 -3.58 0.54
C ILE A 127 40.68 -2.89 1.69
N ALA A 128 39.42 -3.24 1.90
CA ALA A 128 38.64 -2.71 3.01
C ALA A 128 39.03 -3.38 4.32
N ASN A 129 39.78 -4.47 4.21
CA ASN A 129 40.16 -5.30 5.35
C ASN A 129 38.94 -5.81 6.10
N MET A 130 38.01 -6.38 5.35
CA MET A 130 36.74 -6.83 5.90
C MET A 130 36.38 -8.15 5.25
N PRO A 131 35.63 -9.01 5.97
CA PRO A 131 35.04 -10.19 5.32
C PRO A 131 34.02 -9.69 4.30
N LEU A 132 33.87 -10.40 3.19
CA LEU A 132 32.97 -9.98 2.13
C LEU A 132 31.57 -9.57 2.62
N HIS A 133 30.97 -10.37 3.51
CA HIS A 133 29.59 -10.08 3.90
C HIS A 133 29.49 -8.77 4.68
N GLN A 134 30.59 -8.35 5.29
CA GLN A 134 30.61 -7.08 6.01
C GLN A 134 30.57 -5.88 5.05
N LEU A 135 31.19 -6.02 3.87
CA LEU A 135 31.06 -5.01 2.80
C LEU A 135 29.61 -4.78 2.43
N PHE A 136 28.87 -5.88 2.34
CA PHE A 136 27.48 -5.86 1.90
C PHE A 136 26.59 -5.07 2.83
N GLY A 137 27.01 -4.94 4.08
CA GLY A 137 26.21 -4.30 5.11
C GLY A 137 26.06 -5.15 6.36
N GLY A 138 26.72 -6.31 6.35
CA GLY A 138 26.83 -7.10 7.56
C GLY A 138 25.88 -8.26 7.64
N LYS A 139 25.87 -8.95 8.78
CA LYS A 139 25.03 -10.13 8.97
C LYS A 139 23.57 -9.77 9.24
N SER A 140 22.66 -10.63 8.77
CA SER A 140 21.28 -10.57 9.25
C SER A 140 20.89 -11.89 9.91
N ARG A 141 21.87 -12.78 10.07
CA ARG A 141 21.68 -14.04 10.80
C ARG A 141 23.03 -14.48 11.31
N ASP A 142 23.07 -15.38 12.29
CA ASP A 142 24.34 -15.79 12.89
C ASP A 142 25.14 -16.72 11.97
N ALA A 143 24.42 -17.54 11.22
CA ALA A 143 25.02 -18.56 10.36
C ALA A 143 23.87 -19.09 9.53
N ILE A 144 24.18 -19.79 8.44
CA ILE A 144 23.12 -20.30 7.56
C ILE A 144 22.90 -21.80 7.78
N GLN A 145 21.63 -22.21 7.86
CA GLN A 145 21.32 -23.62 8.02
C GLN A 145 21.72 -24.34 6.75
N VAL A 146 21.99 -25.64 6.87
CA VAL A 146 22.58 -26.42 5.79
C VAL A 146 21.78 -27.69 5.55
N TYR A 147 21.58 -28.04 4.28
CA TYR A 147 21.04 -29.38 4.02
C TYR A 147 22.04 -30.23 3.28
N THR A 148 21.99 -31.54 3.51
CA THR A 148 22.89 -32.43 2.83
C THR A 148 22.09 -33.44 2.01
N HIS A 149 22.78 -34.40 1.39
CA HIS A 149 22.16 -35.30 0.43
C HIS A 149 22.30 -36.78 0.80
N ALA A 150 21.18 -37.50 0.78
CA ALA A 150 21.16 -38.94 0.97
C ALA A 150 20.49 -39.58 -0.24
N THR A 151 21.19 -40.53 -0.86
CA THR A 151 20.68 -41.21 -2.05
C THR A 151 21.06 -42.68 -1.99
N SER A 152 20.07 -43.55 -2.21
CA SER A 152 20.32 -45.00 -2.18
C SER A 152 19.30 -45.71 -3.05
N ASP A 153 19.61 -46.94 -3.46
CA ASP A 153 18.63 -47.73 -4.21
C ASP A 153 17.71 -48.52 -3.29
N THR A 154 17.96 -48.45 -1.98
CA THR A 154 17.13 -49.16 -1.00
C THR A 154 16.79 -48.22 0.14
N MET A 155 15.64 -48.45 0.78
CA MET A 155 15.25 -47.66 1.94
C MET A 155 16.25 -47.84 3.09
N GLU A 156 16.73 -49.07 3.27
N GLU A 156 16.73 -49.07 3.27
CA GLU A 156 17.72 -49.37 4.30
CA GLU A 156 17.71 -49.38 4.30
C GLU A 156 18.96 -48.50 4.13
C GLU A 156 18.98 -48.55 4.14
N GLY A 157 19.41 -48.36 2.89
CA GLY A 157 20.58 -47.56 2.59
C GLY A 157 20.33 -46.08 2.88
N LEU A 158 19.12 -45.61 2.56
CA LEU A 158 18.71 -44.25 2.92
C LEU A 158 18.76 -44.03 4.43
N TYR A 159 18.20 -44.97 5.18
CA TYR A 159 18.19 -44.89 6.64
C TYR A 159 19.61 -44.79 7.19
N GLU A 160 20.52 -45.56 6.63
CA GLU A 160 21.90 -45.55 7.04
C GLU A 160 22.52 -44.14 6.91
N GLN A 161 22.25 -43.49 5.78
CA GLN A 161 22.81 -42.17 5.54
C GLN A 161 22.08 -41.11 6.37
N VAL A 162 20.75 -41.20 6.40
CA VAL A 162 19.94 -40.28 7.19
C VAL A 162 20.36 -40.33 8.66
N ASP A 163 20.52 -41.55 9.18
CA ASP A 163 20.94 -41.73 10.57
C ASP A 163 22.28 -41.03 10.87
N LYS A 164 23.26 -41.18 9.98
CA LYS A 164 24.55 -40.49 10.15
C LYS A 164 24.39 -38.98 10.15
N TYR A 165 23.66 -38.46 9.15
CA TYR A 165 23.45 -37.02 9.06
C TYR A 165 22.79 -36.45 10.30
N LEU A 166 21.78 -37.16 10.81
CA LEU A 166 21.06 -36.72 11.98
C LEU A 166 22.00 -36.68 13.19
N GLU A 167 22.86 -37.68 13.28
CA GLU A 167 23.82 -37.75 14.37
C GLU A 167 24.81 -36.58 14.30
N GLN A 168 25.04 -36.08 13.09
CA GLN A 168 25.98 -34.97 12.90
C GLN A 168 25.33 -33.59 13.12
N GLY A 169 24.02 -33.57 13.34
CA GLY A 169 23.33 -32.32 13.65
C GLY A 169 22.60 -31.66 12.50
N TYR A 170 22.61 -32.29 11.31
CA TYR A 170 21.81 -31.78 10.21
C TYR A 170 20.32 -31.91 10.52
N GLN A 171 19.54 -30.92 10.12
CA GLN A 171 18.10 -30.93 10.38
C GLN A 171 17.33 -30.97 9.07
N HIS A 172 18.05 -30.94 7.96
CA HIS A 172 17.45 -30.88 6.64
C HIS A 172 18.22 -31.83 5.75
N ILE A 173 17.52 -32.74 5.08
CA ILE A 173 18.19 -33.72 4.24
C ILE A 173 17.39 -33.91 2.95
N ARG A 174 18.06 -33.74 1.81
CA ARG A 174 17.45 -34.03 0.53
C ARG A 174 17.59 -35.53 0.29
N CYS A 175 16.45 -36.21 0.17
CA CYS A 175 16.44 -37.66 0.08
C CYS A 175 15.98 -38.12 -1.30
N GLN A 176 16.61 -39.18 -1.79
CA GLN A 176 16.21 -39.79 -3.05
C GLN A 176 16.32 -41.31 -2.99
N LEU A 177 15.24 -41.98 -3.37
CA LEU A 177 15.25 -43.43 -3.45
C LEU A 177 15.35 -43.84 -4.92
N GLY A 178 16.37 -44.62 -5.24
CA GLY A 178 16.59 -45.07 -6.59
C GLY A 178 17.60 -44.21 -7.34
N PHE A 179 18.26 -44.83 -8.30
CA PHE A 179 19.11 -44.10 -9.23
C PHE A 179 18.44 -44.13 -10.61
N TYR A 180 18.46 -43.00 -11.31
CA TYR A 180 17.71 -42.88 -12.57
C TYR A 180 18.60 -42.57 -13.78
N GLY A 181 18.72 -43.55 -14.67
CA GLY A 181 19.60 -43.41 -15.83
C GLY A 181 20.33 -44.70 -16.19
N GLY A 182 21.18 -44.62 -17.20
CA GLY A 182 21.94 -45.79 -17.62
C GLY A 182 21.12 -46.68 -18.54
N VAL A 183 21.56 -47.93 -18.70
CA VAL A 183 20.91 -48.86 -19.63
C VAL A 183 19.48 -49.20 -19.19
N PRO A 184 18.56 -49.34 -20.15
CA PRO A 184 17.15 -49.58 -19.83
C PRO A 184 16.89 -51.05 -19.47
N GLU A 185 17.49 -51.51 -18.38
CA GLU A 185 17.40 -52.91 -17.95
C GLU A 185 15.97 -53.39 -17.65
N ASN A 186 15.22 -52.58 -16.90
CA ASN A 186 13.86 -52.94 -16.51
C ASN A 186 12.79 -52.03 -17.14
N ILE A 187 13.08 -51.56 -18.35
CA ILE A 187 12.22 -50.59 -19.03
C ILE A 187 11.82 -51.13 -20.40
N GLN A 188 10.53 -51.07 -20.72
CA GLN A 188 10.04 -51.53 -22.01
C GLN A 188 10.26 -50.44 -23.07
N THR A 189 11.39 -50.52 -23.76
CA THR A 189 11.72 -49.59 -24.83
C THR A 189 11.30 -50.17 -26.18
N ALA A 190 11.58 -49.43 -27.25
CA ALA A 190 11.45 -50.00 -28.59
C ALA A 190 12.52 -51.06 -28.78
N GLN A 191 12.43 -51.80 -29.88
CA GLN A 191 13.35 -52.92 -30.15
C GLN A 191 14.84 -52.57 -30.03
N ASN A 192 15.27 -51.54 -30.76
CA ASN A 192 16.67 -51.16 -30.73
C ASN A 192 16.80 -49.74 -30.23
N PRO A 193 16.75 -49.56 -28.91
CA PRO A 193 16.73 -48.24 -28.28
C PRO A 193 17.96 -47.42 -28.65
N THR A 194 17.75 -46.13 -28.93
CA THR A 194 18.83 -45.23 -29.25
C THR A 194 19.71 -45.07 -28.01
N GLN A 195 21.02 -45.02 -28.21
CA GLN A 195 21.99 -44.84 -27.13
C GLN A 195 21.60 -43.66 -26.24
N GLY A 196 21.64 -43.85 -24.93
CA GLY A 196 21.33 -42.78 -23.99
C GLY A 196 21.20 -43.27 -22.55
N SER A 197 20.83 -42.36 -21.66
CA SER A 197 20.64 -42.68 -20.25
C SER A 197 19.14 -42.75 -19.98
N TYR A 198 18.64 -43.97 -19.73
CA TYR A 198 17.21 -44.23 -19.70
C TYR A 198 16.61 -44.26 -18.29
N TYR A 199 15.41 -43.72 -18.16
CA TYR A 199 14.62 -43.87 -16.94
C TYR A 199 13.15 -43.88 -17.28
N ASP A 200 12.33 -44.25 -16.31
CA ASP A 200 10.89 -44.29 -16.49
C ASP A 200 10.26 -43.34 -15.47
N GLN A 201 9.50 -42.34 -15.95
CA GLN A 201 8.97 -41.30 -15.06
C GLN A 201 8.01 -41.89 -14.03
N ASP A 202 7.29 -42.94 -14.41
CA ASP A 202 6.29 -43.49 -13.51
C ASP A 202 6.96 -44.28 -12.38
N GLN A 203 8.02 -45.02 -12.72
CA GLN A 203 8.80 -45.73 -11.71
C GLN A 203 9.41 -44.72 -10.75
N TYR A 204 9.90 -43.62 -11.31
CA TYR A 204 10.52 -42.58 -10.50
C TYR A 204 9.49 -41.94 -9.54
N ILE A 205 8.32 -41.60 -10.06
CA ILE A 205 7.25 -41.07 -9.21
C ILE A 205 6.85 -42.04 -8.10
N GLU A 206 6.59 -43.29 -8.47
CA GLU A 206 6.20 -44.32 -7.52
C GLU A 206 7.25 -44.53 -6.40
N ASN A 207 8.53 -44.62 -6.77
CA ASN A 207 9.61 -44.77 -5.78
C ASN A 207 9.70 -43.55 -4.84
N THR A 208 9.47 -42.36 -5.39
CA THR A 208 9.63 -41.13 -4.60
C THR A 208 8.50 -40.98 -3.56
N VAL A 209 7.26 -41.29 -3.98
CA VAL A 209 6.13 -41.24 -3.06
C VAL A 209 6.31 -42.27 -1.94
N GLU A 210 6.70 -43.48 -2.32
CA GLU A 210 7.00 -44.54 -1.36
C GLU A 210 8.10 -44.10 -0.38
N MET A 211 9.12 -43.41 -0.91
CA MET A 211 10.20 -42.95 -0.05
C MET A 211 9.69 -41.99 1.05
N PHE A 212 8.92 -40.97 0.65
CA PHE A 212 8.35 -40.01 1.59
C PHE A 212 7.45 -40.70 2.62
N LYS A 213 6.61 -41.60 2.14
CA LYS A 213 5.72 -42.35 3.03
C LYS A 213 6.52 -43.12 4.08
N ASN A 214 7.60 -43.79 3.66
CA ASN A 214 8.42 -44.58 4.57
C ASN A 214 9.23 -43.73 5.54
N LEU A 215 9.76 -42.62 5.05
CA LEU A 215 10.56 -41.73 5.88
C LEU A 215 9.71 -41.07 6.96
N ARG A 216 8.50 -40.65 6.60
CA ARG A 216 7.59 -40.08 7.60
C ARG A 216 7.14 -41.14 8.61
N GLU A 217 6.98 -42.38 8.17
CA GLU A 217 6.55 -43.46 9.07
C GLU A 217 7.65 -43.81 10.09
N LYS A 218 8.91 -43.77 9.65
CA LYS A 218 10.04 -44.08 10.53
C LYS A 218 10.47 -42.87 11.35
N TYR A 219 10.60 -41.71 10.70
CA TYR A 219 11.20 -40.55 11.37
C TYR A 219 10.20 -39.47 11.84
N GLY A 220 8.94 -39.58 11.44
CA GLY A 220 7.96 -38.56 11.80
C GLY A 220 8.43 -37.18 11.37
N LYS A 221 8.43 -36.24 12.30
CA LYS A 221 8.82 -34.87 11.99
C LYS A 221 10.19 -34.57 12.58
N GLN A 222 11.01 -35.60 12.70
CA GLN A 222 12.36 -35.47 13.23
C GLN A 222 13.20 -34.49 12.43
N PHE A 223 13.07 -34.51 11.11
CA PHE A 223 13.85 -33.62 10.28
C PHE A 223 13.07 -33.14 9.06
N HIS A 224 13.62 -32.15 8.37
CA HIS A 224 13.03 -31.64 7.13
C HIS A 224 13.51 -32.43 5.94
N ILE A 225 12.56 -32.95 5.16
CA ILE A 225 12.88 -33.72 3.97
C ILE A 225 12.76 -32.83 2.74
N LEU A 226 13.81 -32.83 1.91
CA LEU A 226 13.78 -32.12 0.63
C LEU A 226 13.87 -33.18 -0.44
N HIS A 227 13.45 -32.83 -1.67
CA HIS A 227 13.64 -33.75 -2.79
C HIS A 227 13.78 -32.99 -4.10
N ASP A 228 14.66 -33.50 -4.97
CA ASP A 228 14.98 -32.81 -6.21
C ASP A 228 14.39 -33.56 -7.41
N VAL A 229 13.37 -32.98 -8.04
CA VAL A 229 12.72 -33.65 -9.16
C VAL A 229 13.62 -33.54 -10.39
N HIS A 230 14.45 -32.49 -10.42
CA HIS A 230 15.51 -32.37 -11.45
C HIS A 230 14.91 -32.48 -12.86
N GLU A 231 13.83 -31.73 -13.06
CA GLU A 231 13.09 -31.62 -14.31
C GLU A 231 12.76 -32.94 -15.03
N ARG A 232 12.58 -34.03 -14.27
CA ARG A 232 12.35 -35.35 -14.85
C ARG A 232 10.97 -35.53 -15.47
N LEU A 233 10.05 -34.63 -15.11
CA LEU A 233 8.61 -34.86 -15.35
C LEU A 233 7.97 -33.97 -16.39
N PHE A 234 6.90 -34.47 -17.02
CA PHE A 234 6.02 -33.61 -17.82
C PHE A 234 5.09 -32.84 -16.89
N PRO A 235 4.50 -31.73 -17.38
CA PRO A 235 3.61 -30.93 -16.53
C PRO A 235 2.50 -31.71 -15.86
N ASN A 236 1.77 -32.57 -16.59
CA ASN A 236 0.72 -33.35 -15.94
C ASN A 236 1.25 -34.25 -14.82
N GLN A 237 2.47 -34.79 -15.00
CA GLN A 237 3.08 -35.61 -13.97
C GLN A 237 3.49 -34.81 -12.73
N ALA A 238 3.92 -33.57 -12.95
CA ALA A 238 4.35 -32.69 -11.85
C ALA A 238 3.16 -32.33 -10.94
N ILE A 239 2.03 -31.98 -11.57
CA ILE A 239 0.82 -31.63 -10.83
C ILE A 239 0.31 -32.82 -10.03
N GLN A 240 0.27 -34.00 -10.64
CA GLN A 240 -0.09 -35.23 -9.93
C GLN A 240 0.84 -35.42 -8.74
N PHE A 241 2.14 -35.26 -8.98
CA PHE A 241 3.14 -35.56 -7.98
C PHE A 241 3.04 -34.60 -6.79
N ALA A 242 2.81 -33.33 -7.08
CA ALA A 242 2.58 -32.34 -6.03
C ALA A 242 1.41 -32.75 -5.13
N LYS A 243 0.29 -33.18 -5.72
CA LYS A 243 -0.84 -33.62 -4.92
C LYS A 243 -0.53 -34.91 -4.17
N GLN A 244 0.33 -35.75 -4.73
CA GLN A 244 0.69 -36.99 -4.04
C GLN A 244 1.61 -36.80 -2.84
N ILE A 245 2.50 -35.81 -2.88
CA ILE A 245 3.42 -35.69 -1.74
C ILE A 245 3.19 -34.52 -0.80
N GLU A 246 2.18 -33.69 -1.09
CA GLU A 246 1.98 -32.48 -0.30
C GLU A 246 1.69 -32.79 1.17
N GLN A 247 1.07 -33.94 1.43
CA GLN A 247 0.73 -34.31 2.80
C GLN A 247 1.98 -34.55 3.63
N TYR A 248 3.12 -34.79 2.97
CA TYR A 248 4.36 -35.07 3.70
C TYR A 248 5.15 -33.81 4.01
N ASN A 249 4.58 -32.66 3.62
CA ASN A 249 5.17 -31.35 3.92
C ASN A 249 6.68 -31.25 3.68
N PRO A 250 7.15 -31.59 2.47
CA PRO A 250 8.59 -31.44 2.18
C PRO A 250 9.05 -30.01 2.40
N PHE A 251 10.27 -29.83 2.91
CA PHE A 251 10.83 -28.48 3.07
C PHE A 251 10.83 -27.74 1.73
N PHE A 252 11.26 -28.43 0.67
CA PHE A 252 10.86 -28.05 -0.68
C PHE A 252 10.99 -29.19 -1.67
N ILE A 253 10.21 -29.10 -2.75
CA ILE A 253 10.35 -29.98 -3.91
C ILE A 253 11.01 -29.13 -4.97
N GLU A 254 12.17 -29.57 -5.44
CA GLU A 254 13.04 -28.75 -6.28
C GLU A 254 12.93 -29.12 -7.76
N ASP A 255 13.01 -28.10 -8.61
CA ASP A 255 12.91 -28.25 -10.07
C ASP A 255 11.83 -29.22 -10.55
N ILE A 256 10.60 -29.00 -10.09
CA ILE A 256 9.48 -29.87 -10.44
C ILE A 256 9.12 -29.74 -11.93
N LEU A 257 9.54 -28.63 -12.54
CA LEU A 257 9.41 -28.44 -13.99
C LEU A 257 10.70 -27.87 -14.57
N PRO A 258 10.90 -27.99 -15.90
CA PRO A 258 12.05 -27.32 -16.53
C PRO A 258 11.76 -25.83 -16.67
N PRO A 259 12.81 -25.01 -16.87
CA PRO A 259 12.68 -23.54 -16.90
C PRO A 259 11.68 -23.04 -17.93
N SER A 260 11.50 -23.79 -19.01
CA SER A 260 10.63 -23.36 -20.09
C SER A 260 9.15 -23.65 -19.84
N GLN A 261 8.83 -24.33 -18.74
CA GLN A 261 7.43 -24.71 -18.51
C GLN A 261 6.88 -24.20 -17.17
N THR A 262 7.54 -23.21 -16.58
CA THR A 262 7.13 -22.79 -15.24
C THR A 262 5.80 -22.05 -15.17
N GLU A 263 5.24 -21.64 -16.31
CA GLU A 263 3.86 -21.14 -16.27
C GLU A 263 2.90 -22.21 -15.74
N TRP A 264 3.22 -23.48 -15.99
CA TRP A 264 2.40 -24.58 -15.49
C TRP A 264 2.37 -24.62 -13.96
N LEU A 265 3.27 -23.89 -13.31
CA LEU A 265 3.26 -23.83 -11.84
C LEU A 265 1.98 -23.21 -11.33
N ASP A 266 1.33 -22.38 -12.13
CA ASP A 266 0.07 -21.78 -11.71
C ASP A 266 -0.96 -22.87 -11.38
N ASN A 267 -0.97 -23.94 -12.18
CA ASN A 267 -1.91 -25.06 -11.97
C ASN A 267 -1.65 -25.69 -10.60
N ILE A 268 -0.37 -25.80 -10.24
CA ILE A 268 0.03 -26.38 -8.96
C ILE A 268 -0.27 -25.43 -7.80
N ARG A 269 0.14 -24.17 -7.93
CA ARG A 269 -0.09 -23.17 -6.87
C ARG A 269 -1.58 -22.96 -6.56
N ASN A 270 -2.43 -23.19 -7.54
CA ASN A 270 -3.87 -23.01 -7.37
C ASN A 270 -4.56 -24.13 -6.59
N GLN A 271 -3.89 -25.26 -6.44
CA GLN A 271 -4.56 -26.41 -5.82
C GLN A 271 -3.72 -27.23 -4.85
N SER A 272 -2.45 -26.88 -4.70
CA SER A 272 -1.58 -27.63 -3.80
C SER A 272 -0.82 -26.70 -2.87
N SER A 273 -0.54 -27.17 -1.66
CA SER A 273 0.18 -26.39 -0.66
C SER A 273 1.69 -26.66 -0.69
N VAL A 274 2.11 -27.52 -1.62
CA VAL A 274 3.50 -27.98 -1.65
C VAL A 274 4.48 -26.82 -1.76
N SER A 275 5.60 -26.92 -1.02
CA SER A 275 6.65 -25.91 -1.05
C SER A 275 7.57 -26.19 -2.24
N LEU A 276 7.84 -25.17 -3.05
CA LEU A 276 8.57 -25.37 -4.30
C LEU A 276 9.84 -24.53 -4.39
N ALA A 277 10.89 -25.12 -4.94
CA ALA A 277 12.14 -24.41 -5.21
C ALA A 277 12.53 -24.63 -6.67
N LEU A 278 13.07 -23.60 -7.31
CA LEU A 278 13.45 -23.77 -8.71
C LEU A 278 14.52 -22.78 -9.11
N GLY A 279 15.32 -23.12 -10.14
CA GLY A 279 16.16 -22.12 -10.78
C GLY A 279 17.67 -22.29 -10.91
N GLU A 280 18.23 -23.44 -10.49
CA GLU A 280 19.67 -23.65 -10.67
C GLU A 280 20.06 -23.51 -12.13
N LEU A 281 19.11 -23.76 -13.04
CA LEU A 281 19.41 -23.71 -14.48
C LEU A 281 19.43 -22.30 -15.09
N PHE A 282 18.97 -21.29 -14.34
CA PHE A 282 18.74 -19.97 -14.91
C PHE A 282 20.02 -19.26 -15.33
N ASN A 283 20.04 -18.70 -16.53
CA ASN A 283 21.12 -17.76 -16.90
C ASN A 283 20.62 -16.62 -17.78
N ASN A 284 19.32 -16.37 -17.72
CA ASN A 284 18.71 -15.21 -18.37
C ASN A 284 17.64 -14.67 -17.43
N PRO A 285 17.64 -13.34 -17.17
CA PRO A 285 16.68 -12.81 -16.19
C PRO A 285 15.21 -13.06 -16.59
N GLU A 286 14.91 -13.20 -17.89
CA GLU A 286 13.54 -13.48 -18.31
C GLU A 286 13.02 -14.82 -17.77
N GLU A 287 13.94 -15.70 -17.34
CA GLU A 287 13.57 -17.00 -16.78
C GLU A 287 13.00 -16.90 -15.36
N TRP A 288 13.36 -15.85 -14.62
CA TRP A 288 12.94 -15.72 -13.22
C TRP A 288 11.97 -14.58 -12.89
N LYS A 289 11.87 -13.56 -13.74
CA LYS A 289 11.03 -12.40 -13.38
C LYS A 289 9.55 -12.75 -13.22
N ALA A 290 8.91 -13.30 -14.26
CA ALA A 290 7.53 -13.72 -14.09
C ALA A 290 7.39 -14.78 -12.98
N LEU A 291 8.39 -15.66 -12.87
CA LEU A 291 8.40 -16.70 -11.85
C LEU A 291 8.18 -16.10 -10.45
N ILE A 292 8.97 -15.09 -10.13
CA ILE A 292 8.96 -14.44 -8.81
C ILE A 292 7.78 -13.48 -8.59
N ILE A 293 7.48 -12.64 -9.59
CA ILE A 293 6.36 -11.69 -9.54
C ILE A 293 5.04 -12.41 -9.28
N ASN A 294 4.89 -13.59 -9.86
CA ASN A 294 3.69 -14.38 -9.71
C ASN A 294 3.77 -15.39 -8.57
N ARG A 295 4.84 -15.30 -7.77
CA ARG A 295 4.97 -16.13 -6.57
C ARG A 295 4.86 -17.62 -6.90
N ARG A 296 5.38 -17.99 -8.06
CA ARG A 296 5.27 -19.38 -8.51
C ARG A 296 6.17 -20.35 -7.75
N VAL A 297 7.24 -19.85 -7.11
CA VAL A 297 8.04 -20.71 -6.23
C VAL A 297 8.23 -20.05 -4.88
N ASP A 298 8.67 -20.85 -3.92
CA ASP A 298 8.90 -20.36 -2.56
C ASP A 298 10.37 -20.05 -2.34
N PHE A 299 11.24 -20.72 -3.10
CA PHE A 299 12.69 -20.53 -2.98
C PHE A 299 13.33 -20.42 -4.36
N ILE A 300 14.23 -19.48 -4.55
CA ILE A 300 14.95 -19.35 -5.82
C ILE A 300 16.29 -20.11 -5.66
N ARG A 301 16.72 -20.83 -6.70
CA ARG A 301 17.84 -21.76 -6.57
C ARG A 301 19.01 -21.42 -7.48
N CYS A 302 19.11 -20.16 -7.90
CA CYS A 302 20.08 -19.82 -8.95
C CYS A 302 21.52 -20.19 -8.60
N HIS A 303 22.27 -20.61 -9.63
CA HIS A 303 23.69 -20.85 -9.50
C HIS A 303 24.37 -19.49 -9.69
N VAL A 304 25.02 -18.96 -8.65
CA VAL A 304 25.48 -17.58 -8.70
C VAL A 304 26.39 -17.31 -9.91
N SER A 305 27.27 -18.24 -10.25
CA SER A 305 28.14 -17.99 -11.40
C SER A 305 27.37 -18.04 -12.74
N GLN A 306 26.26 -18.76 -12.79
CA GLN A 306 25.43 -18.81 -14.00
C GLN A 306 24.68 -17.51 -14.26
N ILE A 307 24.49 -16.70 -13.22
CA ILE A 307 23.75 -15.45 -13.40
C ILE A 307 24.67 -14.24 -13.49
N GLY A 308 25.97 -14.48 -13.36
CA GLY A 308 26.96 -13.45 -13.63
C GLY A 308 27.67 -12.94 -12.39
N GLY A 309 27.55 -13.64 -11.27
CA GLY A 309 28.35 -13.31 -10.10
C GLY A 309 27.62 -12.66 -8.92
N ILE A 310 28.38 -12.02 -8.04
CA ILE A 310 27.82 -11.43 -6.82
C ILE A 310 26.93 -10.25 -7.12
N THR A 311 27.39 -9.39 -8.02
CA THR A 311 26.66 -8.20 -8.41
C THR A 311 25.20 -8.48 -8.76
N PRO A 312 24.93 -9.40 -9.70
CA PRO A 312 23.50 -9.67 -9.94
C PRO A 312 22.83 -10.51 -8.84
N ALA A 313 23.61 -11.28 -8.09
CA ALA A 313 23.04 -12.09 -7.00
C ALA A 313 22.44 -11.19 -5.92
N LEU A 314 23.16 -10.12 -5.57
CA LEU A 314 22.63 -9.16 -4.60
C LEU A 314 21.32 -8.56 -5.09
N LYS A 315 21.28 -8.12 -6.34
CA LYS A 315 20.07 -7.50 -6.91
C LYS A 315 18.91 -8.49 -6.92
N LEU A 316 19.20 -9.72 -7.30
CA LEU A 316 18.16 -10.74 -7.41
C LEU A 316 17.67 -11.12 -6.01
N GLY A 317 18.59 -11.16 -5.05
CA GLY A 317 18.22 -11.32 -3.65
C GLY A 317 17.21 -10.27 -3.20
N HIS A 318 17.50 -9.01 -3.51
CA HIS A 318 16.61 -7.90 -3.13
C HIS A 318 15.27 -7.96 -3.87
N PHE A 319 15.32 -8.37 -5.14
CA PHE A 319 14.11 -8.50 -5.95
C PHE A 319 13.19 -9.54 -5.30
N CYS A 320 13.76 -10.71 -5.01
CA CYS A 320 13.00 -11.79 -4.35
C CYS A 320 12.40 -11.32 -3.04
N GLU A 321 13.18 -10.56 -2.29
CA GLU A 321 12.78 -10.14 -0.97
C GLU A 321 11.48 -9.34 -1.02
N SER A 322 11.36 -8.44 -1.98
CA SER A 322 10.16 -7.62 -2.09
C SER A 322 8.92 -8.51 -2.29
N PHE A 323 9.09 -9.62 -2.99
CA PHE A 323 7.96 -10.52 -3.27
C PHE A 323 7.82 -11.65 -2.25
N GLY A 324 8.67 -11.64 -1.22
CA GLY A 324 8.56 -12.65 -0.18
C GLY A 324 9.10 -14.00 -0.61
N VAL A 325 9.87 -14.03 -1.68
CA VAL A 325 10.49 -15.28 -2.13
C VAL A 325 11.85 -15.41 -1.43
N ARG A 326 12.16 -16.61 -0.93
CA ARG A 326 13.41 -16.82 -0.20
C ARG A 326 14.49 -17.46 -1.08
N ILE A 327 15.74 -17.47 -0.57
CA ILE A 327 16.89 -17.86 -1.39
C ILE A 327 17.57 -19.13 -0.93
N ALA A 328 17.82 -20.04 -1.87
CA ALA A 328 18.64 -21.22 -1.61
C ALA A 328 19.58 -21.43 -2.79
N TRP A 329 20.68 -20.69 -2.84
CA TRP A 329 21.56 -20.74 -4.01
C TRP A 329 22.03 -22.16 -4.27
N HIS A 330 22.13 -22.54 -5.55
CA HIS A 330 22.65 -23.85 -5.94
C HIS A 330 24.10 -23.99 -5.47
N CYS A 331 24.37 -25.04 -4.69
CA CYS A 331 25.73 -25.31 -4.21
C CYS A 331 26.13 -26.76 -4.43
N PRO A 332 26.43 -27.12 -5.69
CA PRO A 332 26.79 -28.50 -6.04
C PRO A 332 28.30 -28.76 -5.86
N PRO A 333 28.72 -30.02 -6.01
CA PRO A 333 30.18 -30.27 -6.00
C PRO A 333 30.89 -29.56 -7.16
N ASP A 334 30.20 -29.39 -8.29
CA ASP A 334 30.83 -28.72 -9.43
C ASP A 334 30.74 -27.21 -9.24
N MET A 335 31.54 -26.73 -8.29
CA MET A 335 31.68 -25.33 -7.94
C MET A 335 32.89 -25.29 -7.03
N THR A 336 33.70 -24.24 -7.13
CA THR A 336 34.86 -24.12 -6.27
C THR A 336 34.41 -23.82 -4.85
N PRO A 337 35.23 -24.20 -3.85
CA PRO A 337 35.03 -23.74 -2.46
C PRO A 337 35.05 -22.21 -2.37
N ILE A 338 35.70 -21.54 -3.32
CA ILE A 338 35.63 -20.08 -3.38
C ILE A 338 34.18 -19.66 -3.59
N GLY A 339 33.52 -20.31 -4.55
CA GLY A 339 32.13 -20.02 -4.83
C GLY A 339 31.22 -20.34 -3.66
N ALA A 340 31.57 -21.37 -2.91
CA ALA A 340 30.77 -21.79 -1.77
C ALA A 340 30.87 -20.79 -0.63
N ALA A 341 32.09 -20.31 -0.38
CA ALA A 341 32.32 -19.28 0.64
C ALA A 341 31.60 -17.98 0.28
N VAL A 342 31.60 -17.65 -1.01
CA VAL A 342 30.84 -16.51 -1.51
C VAL A 342 29.35 -16.67 -1.21
N ASN A 343 28.82 -17.86 -1.46
CA ASN A 343 27.41 -18.10 -1.16
C ASN A 343 27.11 -17.99 0.34
N THR A 344 28.07 -18.38 1.17
CA THR A 344 27.85 -18.29 2.61
C THR A 344 27.86 -16.81 3.02
N HIS A 345 28.72 -16.00 2.39
CA HIS A 345 28.71 -14.55 2.67
C HIS A 345 27.38 -13.92 2.27
N LEU A 346 26.86 -14.32 1.11
CA LEU A 346 25.54 -13.84 0.67
C LEU A 346 24.45 -14.34 1.62
N ASN A 347 24.58 -15.58 2.07
CA ASN A 347 23.56 -16.20 2.91
C ASN A 347 23.45 -15.63 4.32
N VAL A 348 24.57 -15.15 4.87
CA VAL A 348 24.48 -14.57 6.20
C VAL A 348 24.11 -13.10 6.11
N HIS A 349 24.26 -12.51 4.92
CA HIS A 349 23.88 -11.11 4.73
C HIS A 349 22.41 -10.88 4.31
N LEU A 350 22.01 -11.48 3.18
CA LEU A 350 20.68 -11.29 2.63
C LEU A 350 19.61 -11.82 3.58
N HIS A 351 18.68 -10.96 3.98
CA HIS A 351 17.73 -11.33 5.02
C HIS A 351 16.81 -12.49 4.60
N ASN A 352 16.53 -12.59 3.30
CA ASN A 352 15.65 -13.65 2.80
C ASN A 352 16.38 -14.94 2.36
N ALA A 353 17.66 -15.07 2.72
CA ALA A 353 18.36 -16.34 2.49
C ALA A 353 17.83 -17.37 3.48
N ALA A 354 17.65 -18.60 3.01
CA ALA A 354 16.98 -19.63 3.80
C ALA A 354 17.90 -20.77 4.23
N ILE A 355 18.60 -21.36 3.25
CA ILE A 355 19.38 -22.56 3.51
C ILE A 355 20.51 -22.72 2.50
N GLN A 356 21.60 -23.34 2.93
CA GLN A 356 22.70 -23.61 2.01
C GLN A 356 22.87 -25.10 1.76
N GLU A 357 22.94 -25.46 0.50
CA GLU A 357 23.20 -26.84 0.10
C GLU A 357 24.67 -27.13 0.36
N HIS A 358 24.98 -28.32 0.89
CA HIS A 358 26.39 -28.65 1.04
C HIS A 358 26.73 -30.10 0.76
N VAL A 359 27.81 -30.31 0.03
CA VAL A 359 28.44 -31.63 -0.08
C VAL A 359 29.90 -31.55 0.39
N GLU A 360 30.33 -32.58 1.12
CA GLU A 360 31.67 -32.67 1.69
C GLU A 360 32.80 -32.47 0.66
N TYR A 361 33.84 -31.75 1.05
CA TYR A 361 35.04 -31.66 0.20
C TYR A 361 35.99 -32.81 0.48
N LYS A 362 36.68 -33.28 -0.55
CA LYS A 362 37.74 -34.26 -0.36
C LYS A 362 39.11 -33.58 -0.23
N ALA A 363 40.12 -34.35 0.15
CA ALA A 363 41.44 -33.82 0.50
C ALA A 363 42.17 -33.09 -0.62
N ASN A 364 42.04 -33.55 -1.87
CA ASN A 364 42.69 -32.85 -2.97
C ASN A 364 42.08 -31.47 -3.12
N THR A 365 40.75 -31.41 -3.11
CA THR A 365 40.03 -30.17 -3.24
C THR A 365 40.40 -29.21 -2.11
N GLN A 366 40.52 -29.75 -0.92
CA GLN A 366 40.88 -28.95 0.25
C GLN A 366 42.31 -28.43 0.13
N ARG A 367 43.18 -29.22 -0.51
CA ARG A 367 44.57 -28.81 -0.71
C ARG A 367 44.67 -27.68 -1.75
N VAL A 368 43.85 -27.76 -2.79
CA VAL A 368 43.84 -26.73 -3.81
C VAL A 368 43.11 -25.45 -3.36
N PHE A 369 42.13 -25.61 -2.46
CA PHE A 369 41.36 -24.47 -1.97
C PHE A 369 41.34 -24.47 -0.45
N PRO A 370 42.46 -24.06 0.18
CA PRO A 370 42.61 -24.23 1.62
C PRO A 370 41.60 -23.41 2.44
N ASN A 371 41.30 -23.88 3.65
CA ASN A 371 40.46 -23.19 4.62
C ASN A 371 38.97 -23.13 4.28
N ALA A 372 38.51 -24.05 3.44
CA ALA A 372 37.09 -24.11 3.10
C ALA A 372 36.26 -24.51 4.32
N ALA A 373 35.29 -23.67 4.68
CA ALA A 373 34.41 -23.96 5.81
C ALA A 373 33.60 -25.23 5.58
N GLU A 374 33.32 -25.95 6.66
CA GLU A 374 32.47 -27.14 6.59
C GLU A 374 31.36 -26.97 7.61
N PRO A 375 30.19 -27.60 7.38
CA PRO A 375 29.07 -27.36 8.30
C PRO A 375 29.39 -27.85 9.71
N ILE A 376 28.93 -27.09 10.71
CA ILE A 376 29.12 -27.47 12.11
C ILE A 376 27.74 -27.53 12.76
N ASN A 377 27.31 -28.71 13.17
CA ASN A 377 25.99 -28.88 13.78
C ASN A 377 24.88 -28.25 12.93
N GLY A 378 24.88 -28.55 11.64
CA GLY A 378 23.83 -28.11 10.73
C GLY A 378 23.94 -26.66 10.26
N TYR A 379 25.09 -26.04 10.50
CA TYR A 379 25.28 -24.63 10.17
C TYR A 379 26.58 -24.37 9.41
N LEU A 380 26.54 -23.46 8.45
CA LEU A 380 27.76 -22.99 7.79
C LEU A 380 28.02 -21.58 8.28
N TYR A 381 29.24 -21.34 8.75
CA TYR A 381 29.59 -20.02 9.23
C TYR A 381 30.42 -19.27 8.18
N ALA A 382 30.05 -18.01 7.94
CA ALA A 382 30.80 -17.17 7.01
C ALA A 382 32.22 -16.97 7.49
N SER A 383 33.13 -16.79 6.54
CA SER A 383 34.52 -16.54 6.82
C SER A 383 34.66 -15.16 7.47
N GLU A 384 35.55 -15.03 8.44
CA GLU A 384 35.74 -13.77 9.17
C GLU A 384 37.06 -13.05 8.90
N ILE A 385 37.86 -13.58 7.97
CA ILE A 385 39.10 -12.87 7.60
C ILE A 385 38.79 -11.89 6.45
N ALA A 386 39.77 -11.12 6.01
CA ALA A 386 39.51 -10.16 4.93
C ALA A 386 39.29 -10.88 3.61
N GLY A 387 38.35 -10.38 2.82
CA GLY A 387 38.08 -10.96 1.51
C GLY A 387 37.02 -12.05 1.53
N ILE A 388 36.99 -12.84 0.46
CA ILE A 388 36.13 -14.02 0.43
C ILE A 388 36.55 -15.01 1.52
N GLY A 389 37.85 -15.17 1.72
CA GLY A 389 38.35 -16.03 2.80
C GLY A 389 38.90 -17.36 2.32
N VAL A 390 38.69 -17.68 1.05
CA VAL A 390 39.24 -18.87 0.43
C VAL A 390 39.89 -18.48 -0.89
N GLU A 391 41.10 -18.99 -1.14
CA GLU A 391 41.82 -18.73 -2.39
C GLU A 391 42.19 -20.05 -3.04
N MET A 392 42.78 -19.99 -4.22
CA MET A 392 43.30 -21.20 -4.87
C MET A 392 44.82 -21.24 -4.72
N ASP A 393 45.35 -22.39 -4.29
CA ASP A 393 46.79 -22.60 -4.28
C ASP A 393 47.16 -22.97 -5.71
N ARG A 394 47.87 -22.06 -6.38
CA ARG A 394 48.13 -22.22 -7.82
C ARG A 394 49.12 -23.32 -8.19
N GLU A 395 50.03 -23.67 -7.28
CA GLU A 395 50.92 -24.81 -7.52
C GLU A 395 50.14 -26.11 -7.38
N ALA A 396 49.33 -26.19 -6.32
CA ALA A 396 48.52 -27.38 -6.10
C ALA A 396 47.57 -27.60 -7.28
N ALA A 397 46.97 -26.51 -7.77
CA ALA A 397 46.01 -26.63 -8.88
C ALA A 397 46.64 -27.22 -10.14
N GLN A 398 47.94 -26.96 -10.32
CA GLN A 398 48.65 -27.46 -11.52
C GLN A 398 48.80 -28.96 -11.51
N ASP A 399 48.75 -29.55 -10.32
CA ASP A 399 48.83 -31.01 -10.20
C ASP A 399 47.60 -31.72 -10.79
N PHE A 400 46.53 -30.95 -11.00
CA PHE A 400 45.25 -31.52 -11.43
C PHE A 400 44.68 -30.82 -12.67
N PRO A 401 45.27 -31.07 -13.85
CA PRO A 401 44.82 -30.40 -15.06
C PRO A 401 43.43 -30.83 -15.49
N VAL A 402 42.79 -30.05 -16.37
CA VAL A 402 41.48 -30.38 -16.91
C VAL A 402 41.48 -31.78 -17.54
N GLU A 403 40.34 -32.47 -17.45
CA GLU A 403 40.20 -33.81 -17.99
C GLU A 403 38.83 -33.93 -18.65
N TYR A 404 38.80 -34.32 -19.91
CA TYR A 404 37.53 -34.43 -20.64
C TYR A 404 36.57 -35.39 -19.93
N ARG A 405 35.33 -34.96 -19.75
CA ARG A 405 34.27 -35.84 -19.25
C ARG A 405 33.08 -35.80 -20.19
N PRO A 406 32.54 -36.97 -20.54
CA PRO A 406 31.36 -37.03 -21.43
C PRO A 406 30.07 -36.53 -20.77
N HIS A 407 29.90 -36.75 -19.46
CA HIS A 407 28.64 -36.45 -18.75
C HIS A 407 27.46 -37.16 -19.40
N GLU A 408 27.54 -38.48 -19.52
CA GLU A 408 26.55 -39.26 -20.26
C GLU A 408 25.11 -39.10 -19.75
N TRP A 409 24.95 -38.74 -18.48
CA TRP A 409 23.61 -38.53 -17.92
C TRP A 409 22.80 -37.41 -18.59
N THR A 410 23.46 -36.48 -19.28
CA THR A 410 22.72 -35.40 -19.94
C THR A 410 22.02 -35.86 -21.22
N GLN A 411 22.40 -37.02 -21.72
CA GLN A 411 21.66 -37.63 -22.82
C GLN A 411 20.55 -38.50 -22.26
N SER A 412 19.64 -37.85 -21.56
CA SER A 412 18.56 -38.51 -20.82
C SER A 412 17.40 -38.87 -21.74
N ARG A 413 16.99 -40.13 -21.71
CA ARG A 413 15.93 -40.59 -22.60
C ARG A 413 14.79 -41.31 -21.89
N LEU A 414 13.57 -41.10 -22.38
CA LEU A 414 12.39 -41.79 -21.89
C LEU A 414 12.31 -43.15 -22.61
N PRO A 415 11.45 -44.06 -22.13
CA PRO A 415 11.44 -45.40 -22.75
C PRO A 415 11.32 -45.42 -24.29
N ASP A 416 10.65 -44.45 -24.90
CA ASP A 416 10.46 -44.48 -26.35
C ASP A 416 11.69 -43.98 -27.11
N GLY A 417 12.72 -43.59 -26.37
CA GLY A 417 13.92 -43.05 -26.99
C GLY A 417 13.95 -41.54 -27.11
N SER A 418 12.91 -40.85 -26.61
CA SER A 418 12.84 -39.39 -26.68
C SER A 418 13.83 -38.75 -25.71
N ILE A 419 14.45 -37.66 -26.10
CA ILE A 419 15.23 -36.87 -25.15
C ILE A 419 14.26 -36.21 -24.16
N HIS A 420 14.64 -36.16 -22.88
CA HIS A 420 13.93 -35.34 -21.92
C HIS A 420 14.93 -34.42 -21.25
N THR A 421 14.51 -33.22 -20.87
CA THR A 421 15.39 -32.32 -20.10
C THR A 421 15.99 -33.11 -18.95
N PRO A 422 17.33 -33.12 -18.86
CA PRO A 422 18.13 -33.97 -17.96
C PRO A 422 18.24 -33.44 -16.54
N LYS B 26 -35.66 5.57 23.51
CA LYS B 26 -36.55 5.08 22.45
C LYS B 26 -37.57 6.14 21.99
N ASN B 27 -37.73 6.23 20.68
CA ASN B 27 -38.64 7.19 20.06
C ASN B 27 -39.56 6.46 19.09
N THR B 28 -40.65 5.92 19.61
CA THR B 28 -41.56 5.09 18.82
C THR B 28 -42.26 5.84 17.69
N ILE B 29 -42.25 5.25 16.50
CA ILE B 29 -43.00 5.78 15.35
C ILE B 29 -44.50 5.67 15.61
N SER B 30 -45.22 6.78 15.48
CA SER B 30 -46.65 6.75 15.76
C SER B 30 -47.50 6.88 14.50
N ASN B 31 -46.95 7.50 13.46
CA ASN B 31 -47.64 7.55 12.18
C ASN B 31 -46.68 7.62 10.97
N ILE B 32 -47.19 7.21 9.81
CA ILE B 32 -46.48 7.35 8.54
C ILE B 32 -47.49 7.88 7.54
N GLU B 33 -47.12 8.93 6.80
CA GLU B 33 -47.98 9.45 5.74
C GLU B 33 -47.16 9.64 4.49
N CYS B 34 -47.86 9.65 3.36
CA CYS B 34 -47.24 9.91 2.07
C CYS B 34 -48.15 10.87 1.33
N VAL B 35 -47.62 12.04 0.99
CA VAL B 35 -48.39 13.05 0.28
C VAL B 35 -47.77 13.31 -1.10
N ILE B 36 -48.57 13.20 -2.15
CA ILE B 36 -48.15 13.64 -3.48
C ILE B 36 -48.68 15.05 -3.72
N THR B 37 -47.80 15.96 -4.15
CA THR B 37 -48.24 17.33 -4.41
C THR B 37 -47.61 17.83 -5.70
N LYS B 38 -48.36 18.63 -6.46
CA LYS B 38 -47.88 19.17 -7.74
C LYS B 38 -48.05 20.68 -7.74
N PRO B 39 -47.25 21.39 -6.94
CA PRO B 39 -47.45 22.85 -6.84
C PRO B 39 -47.18 23.51 -8.20
N ASP B 40 -46.29 22.93 -8.98
CA ASP B 40 -46.01 23.48 -10.30
C ASP B 40 -46.02 22.39 -11.37
N ARG B 41 -44.86 22.13 -11.95
CA ARG B 41 -44.79 21.30 -13.16
C ARG B 41 -44.69 19.79 -12.90
N HIS B 42 -44.26 19.42 -11.69
CA HIS B 42 -43.97 18.01 -11.41
C HIS B 42 -44.71 17.45 -10.20
N ASN B 43 -45.10 16.18 -10.28
CA ASN B 43 -45.64 15.48 -9.14
C ASN B 43 -44.53 15.17 -8.15
N LEU B 44 -44.57 15.80 -6.97
CA LEU B 44 -43.57 15.59 -5.94
C LEU B 44 -44.15 14.72 -4.83
N ILE B 45 -43.28 13.99 -4.14
CA ILE B 45 -43.71 13.04 -3.14
C ILE B 45 -42.95 13.23 -1.82
N THR B 46 -43.71 13.44 -0.74
CA THR B 46 -43.13 13.62 0.58
C THR B 46 -43.62 12.53 1.52
N VAL B 47 -42.71 11.98 2.32
CA VAL B 47 -43.09 11.05 3.37
C VAL B 47 -42.93 11.78 4.71
N ILE B 48 -43.96 11.69 5.54
CA ILE B 48 -43.94 12.32 6.85
C ILE B 48 -43.94 11.23 7.92
N VAL B 49 -43.03 11.34 8.88
CA VAL B 49 -42.99 10.39 9.99
C VAL B 49 -43.26 11.10 11.32
N GLU B 50 -44.29 10.65 12.02
CA GLU B 50 -44.58 11.21 13.34
C GLU B 50 -44.08 10.25 14.40
N THR B 51 -43.69 10.78 15.55
CA THR B 51 -43.16 9.95 16.61
C THR B 51 -43.74 10.34 17.97
N GLU B 52 -43.60 9.46 18.95
CA GLU B 52 -44.16 9.69 20.28
C GLU B 52 -43.45 10.83 21.03
N SER B 53 -42.25 11.18 20.58
CA SER B 53 -41.56 12.34 21.14
C SER B 53 -42.29 13.63 20.75
N GLY B 54 -43.12 13.56 19.71
CA GLY B 54 -43.79 14.74 19.20
C GLY B 54 -43.01 15.39 18.08
N VAL B 55 -41.88 14.79 17.75
CA VAL B 55 -41.00 15.31 16.70
C VAL B 55 -41.37 14.67 15.36
N THR B 56 -41.53 15.51 14.34
CA THR B 56 -41.98 15.05 13.03
C THR B 56 -40.87 15.16 12.01
N GLY B 57 -40.73 14.15 11.15
CA GLY B 57 -39.73 14.21 10.11
C GLY B 57 -40.34 14.20 8.72
N TYR B 58 -39.62 14.78 7.77
CA TYR B 58 -40.05 14.87 6.37
C TYR B 58 -38.95 14.31 5.48
N GLY B 59 -39.35 13.59 4.42
CA GLY B 59 -38.36 12.98 3.53
C GLY B 59 -38.87 13.01 2.11
N CYS B 60 -37.95 12.93 1.16
CA CYS B 60 -38.33 12.94 -0.26
C CYS B 60 -38.42 11.53 -0.80
N ALA B 61 -39.50 11.26 -1.52
CA ALA B 61 -39.73 9.95 -2.12
C ALA B 61 -40.09 10.11 -3.58
N THR B 62 -39.62 11.21 -4.17
CA THR B 62 -40.07 11.61 -5.50
C THR B 62 -39.57 10.74 -6.64
N PHE B 63 -40.50 9.96 -7.19
CA PHE B 63 -40.34 9.22 -8.43
C PHE B 63 -41.49 9.78 -9.27
N GLN B 64 -41.23 10.87 -9.98
CA GLN B 64 -42.31 11.69 -10.55
C GLN B 64 -43.18 10.93 -11.56
N GLN B 65 -42.60 9.95 -12.22
CA GLN B 65 -43.33 9.25 -13.29
C GLN B 65 -44.35 8.24 -12.77
N ARG B 66 -44.15 7.78 -11.53
CA ARG B 66 -45.04 6.74 -10.99
C ARG B 66 -45.46 7.02 -9.56
N PRO B 67 -45.98 8.24 -9.28
CA PRO B 67 -46.12 8.62 -7.88
C PRO B 67 -47.16 7.84 -7.11
N LEU B 68 -48.25 7.41 -7.74
CA LEU B 68 -49.28 6.66 -7.02
C LEU B 68 -48.79 5.28 -6.57
N ALA B 69 -47.78 4.75 -7.26
CA ALA B 69 -47.24 3.45 -6.91
C ALA B 69 -46.36 3.58 -5.67
N VAL B 70 -45.55 4.63 -5.62
CA VAL B 70 -44.75 4.94 -4.44
C VAL B 70 -45.67 5.15 -3.26
N LYS B 71 -46.71 5.94 -3.45
CA LYS B 71 -47.69 6.19 -2.39
C LYS B 71 -48.37 4.90 -1.91
N THR B 72 -48.75 4.02 -2.84
CA THR B 72 -49.29 2.73 -2.46
C THR B 72 -48.27 1.97 -1.61
N MET B 73 -47.02 1.94 -2.05
CA MET B 73 -45.95 1.28 -1.31
C MET B 73 -45.89 1.77 0.14
N VAL B 74 -45.90 3.09 0.32
CA VAL B 74 -45.80 3.65 1.66
C VAL B 74 -47.05 3.38 2.49
N ASP B 75 -48.23 3.74 1.97
CA ASP B 75 -49.48 3.62 2.73
C ASP B 75 -49.81 2.17 3.08
N GLU B 76 -49.66 1.28 2.11
CA GLU B 76 -50.15 -0.08 2.27
C GLU B 76 -49.15 -1.02 2.91
N TYR B 77 -47.86 -0.72 2.78
CA TYR B 77 -46.87 -1.68 3.28
C TYR B 77 -45.89 -1.11 4.30
N LEU B 78 -45.27 0.03 4.00
CA LEU B 78 -44.31 0.61 4.94
C LEU B 78 -44.98 1.08 6.22
N LYS B 79 -46.16 1.69 6.10
CA LYS B 79 -46.86 2.17 7.29
C LYS B 79 -47.14 1.08 8.33
N PRO B 80 -47.83 -0.01 7.94
CA PRO B 80 -48.08 -1.01 9.01
C PRO B 80 -46.79 -1.70 9.47
N LEU B 81 -45.77 -1.75 8.63
CA LEU B 81 -44.48 -2.31 9.02
C LEU B 81 -43.81 -1.48 10.12
N LEU B 82 -43.88 -0.16 9.98
CA LEU B 82 -43.03 0.76 10.76
C LEU B 82 -43.65 1.28 12.05
N ILE B 83 -44.98 1.39 12.09
CA ILE B 83 -45.64 1.90 13.27
C ILE B 83 -45.33 1.02 14.50
N GLY B 84 -44.85 1.66 15.56
CA GLY B 84 -44.51 0.96 16.78
C GLY B 84 -43.02 0.67 16.91
N LYS B 85 -42.26 0.91 15.86
CA LYS B 85 -40.81 0.67 15.91
C LYS B 85 -40.02 1.90 16.37
N ASP B 86 -38.79 1.67 16.83
CA ASP B 86 -37.95 2.74 17.39
C ASP B 86 -37.29 3.56 16.29
N ALA B 87 -37.70 4.82 16.15
CA ALA B 87 -37.14 5.68 15.10
C ALA B 87 -35.63 5.93 15.23
N ASN B 88 -35.10 5.86 16.45
CA ASN B 88 -33.67 6.12 16.68
C ASN B 88 -32.77 5.25 15.80
N ASN B 89 -33.15 4.00 15.64
CA ASN B 89 -32.28 3.05 14.96
C ASN B 89 -32.46 3.03 13.46
N ILE B 90 -32.03 4.12 12.83
CA ILE B 90 -32.18 4.28 11.38
C ILE B 90 -31.50 3.15 10.61
N GLU B 91 -30.28 2.80 11.02
CA GLU B 91 -29.54 1.76 10.29
C GLU B 91 -30.31 0.45 10.24
N ASP B 92 -30.82 -0.01 11.37
CA ASP B 92 -31.60 -1.25 11.39
C ASP B 92 -32.88 -1.12 10.56
N LEU B 93 -33.58 0.01 10.69
CA LEU B 93 -34.81 0.18 9.94
C LEU B 93 -34.52 0.20 8.44
N TRP B 94 -33.38 0.75 8.03
CA TRP B 94 -33.02 0.71 6.63
C TRP B 94 -32.74 -0.72 6.18
N GLN B 95 -31.87 -1.44 6.92
CA GLN B 95 -31.53 -2.80 6.53
C GLN B 95 -32.79 -3.66 6.50
N MET B 96 -33.64 -3.48 7.49
CA MET B 96 -34.89 -4.22 7.59
C MET B 96 -35.86 -3.87 6.44
N MET B 97 -36.04 -2.58 6.18
CA MET B 97 -36.96 -2.18 5.11
C MET B 97 -36.51 -2.71 3.75
N MET B 98 -35.21 -2.65 3.50
CA MET B 98 -34.67 -2.98 2.18
C MET B 98 -34.98 -4.41 1.77
N VAL B 99 -35.00 -5.32 2.74
CA VAL B 99 -35.25 -6.72 2.41
C VAL B 99 -36.68 -7.17 2.75
N ASN B 100 -37.52 -6.24 3.19
CA ASN B 100 -38.79 -6.63 3.80
C ASN B 100 -39.77 -7.30 2.85
N ALA B 101 -39.62 -7.03 1.57
CA ALA B 101 -40.48 -7.65 0.55
C ALA B 101 -39.80 -8.83 -0.13
N TYR B 102 -38.67 -9.24 0.46
CA TYR B 102 -37.77 -10.27 -0.12
C TYR B 102 -37.15 -9.78 -1.42
N TRP B 103 -37.94 -9.70 -2.49
CA TRP B 103 -37.41 -9.06 -3.69
C TRP B 103 -37.18 -7.59 -3.35
N ARG B 104 -36.21 -6.95 -4.02
CA ARG B 104 -35.74 -5.67 -3.52
C ARG B 104 -35.07 -4.85 -4.59
N ASN B 105 -34.54 -3.70 -4.18
CA ASN B 105 -33.98 -2.72 -5.09
C ASN B 105 -35.09 -2.18 -6.02
N GLY B 106 -34.73 -1.37 -7.00
CA GLY B 106 -35.76 -0.81 -7.86
C GLY B 106 -36.33 0.51 -7.41
N PRO B 107 -36.97 1.23 -8.35
CA PRO B 107 -37.34 2.63 -8.11
C PRO B 107 -38.56 2.82 -7.22
N VAL B 108 -39.52 1.90 -7.23
CA VAL B 108 -40.73 2.10 -6.42
C VAL B 108 -40.43 1.86 -4.95
N ILE B 109 -39.79 0.73 -4.65
CA ILE B 109 -39.47 0.41 -3.25
C ILE B 109 -38.45 1.42 -2.69
N ASN B 110 -37.40 1.69 -3.45
CA ASN B 110 -36.32 2.55 -2.94
C ASN B 110 -36.78 3.97 -2.61
N ASN B 111 -37.66 4.51 -3.45
CA ASN B 111 -38.17 5.85 -3.16
C ASN B 111 -39.03 5.87 -1.91
N ALA B 112 -39.89 4.86 -1.76
CA ALA B 112 -40.69 4.73 -0.54
C ALA B 112 -39.79 4.67 0.70
N ILE B 113 -38.74 3.86 0.62
CA ILE B 113 -37.79 3.70 1.73
C ILE B 113 -37.02 4.99 1.97
N SER B 114 -36.60 5.64 0.89
CA SER B 114 -35.88 6.91 0.98
C SER B 114 -36.68 7.95 1.74
N GLY B 115 -37.96 8.06 1.42
CA GLY B 115 -38.82 9.01 2.12
C GLY B 115 -38.81 8.81 3.63
N VAL B 116 -38.94 7.56 4.05
CA VAL B 116 -38.87 7.22 5.47
C VAL B 116 -37.47 7.50 6.02
N ASP B 117 -36.45 6.95 5.36
CA ASP B 117 -35.07 7.13 5.81
C ASP B 117 -34.69 8.60 6.02
N MET B 118 -35.10 9.48 5.09
CA MET B 118 -34.79 10.90 5.24
C MET B 118 -35.54 11.50 6.42
N ALA B 119 -36.81 11.16 6.54
CA ALA B 119 -37.61 11.65 7.66
C ALA B 119 -37.01 11.23 9.00
N LEU B 120 -36.48 10.00 9.08
CA LEU B 120 -35.85 9.51 10.30
C LEU B 120 -34.57 10.29 10.64
N TRP B 121 -33.79 10.63 9.61
CA TRP B 121 -32.59 11.42 9.80
C TRP B 121 -32.99 12.84 10.24
N ASP B 122 -34.07 13.35 9.65
CA ASP B 122 -34.62 14.65 10.03
C ASP B 122 -34.96 14.67 11.52
N ILE B 123 -35.70 13.65 11.95
CA ILE B 123 -36.06 13.49 13.37
C ILE B 123 -34.83 13.45 14.29
N LYS B 124 -33.82 12.67 13.89
CA LYS B 124 -32.62 12.50 14.72
C LYS B 124 -31.88 13.83 14.88
N ALA B 125 -31.77 14.57 13.78
CA ALA B 125 -31.12 15.88 13.80
C ALA B 125 -31.93 16.91 14.61
N LYS B 126 -33.26 16.83 14.52
CA LYS B 126 -34.13 17.70 15.30
C LYS B 126 -33.98 17.40 16.80
N ILE B 127 -33.93 16.12 17.16
CA ILE B 127 -33.74 15.73 18.56
C ILE B 127 -32.33 16.12 19.06
N ALA B 128 -31.34 16.04 18.18
CA ALA B 128 -29.98 16.45 18.51
C ALA B 128 -29.84 17.98 18.56
N ASN B 129 -30.82 18.68 18.01
CA ASN B 129 -30.80 20.13 17.86
C ASN B 129 -29.61 20.60 17.01
N MET B 130 -29.40 19.91 15.89
CA MET B 130 -28.28 20.19 15.00
C MET B 130 -28.77 20.19 13.56
N PRO B 131 -28.07 20.93 12.68
CA PRO B 131 -28.30 20.77 11.24
C PRO B 131 -27.96 19.34 10.85
N LEU B 132 -28.68 18.79 9.87
CA LEU B 132 -28.39 17.43 9.41
C LEU B 132 -26.90 17.18 9.18
N HIS B 133 -26.24 18.07 8.45
CA HIS B 133 -24.83 17.83 8.12
C HIS B 133 -23.92 17.78 9.36
N GLN B 134 -24.32 18.47 10.42
CA GLN B 134 -23.54 18.41 11.67
C GLN B 134 -23.65 17.05 12.34
N LEU B 135 -24.80 16.39 12.21
CA LEU B 135 -24.97 15.01 12.70
C LEU B 135 -23.95 14.08 12.05
N PHE B 136 -23.74 14.29 10.75
CA PHE B 136 -22.87 13.45 9.92
C PHE B 136 -21.42 13.53 10.34
N GLY B 137 -21.05 14.65 10.96
CA GLY B 137 -19.67 14.89 11.33
C GLY B 137 -19.20 16.27 10.92
N GLY B 138 -20.11 17.09 10.43
CA GLY B 138 -19.81 18.49 10.19
C GLY B 138 -19.34 18.78 8.79
N LYS B 139 -18.92 20.01 8.54
CA LYS B 139 -18.56 20.44 7.19
C LYS B 139 -17.16 20.01 6.79
N SER B 140 -16.97 19.73 5.49
CA SER B 140 -15.62 19.61 4.92
C SER B 140 -15.41 20.67 3.83
N ARG B 141 -16.42 21.52 3.64
CA ARG B 141 -16.31 22.68 2.75
C ARG B 141 -17.22 23.78 3.29
N ASP B 142 -17.04 25.02 2.83
CA ASP B 142 -17.86 26.12 3.33
C ASP B 142 -19.26 26.08 2.70
N ALA B 143 -19.33 25.65 1.46
CA ALA B 143 -20.57 25.59 0.70
C ALA B 143 -20.26 24.82 -0.56
N ILE B 144 -21.29 24.39 -1.29
CA ILE B 144 -21.06 23.60 -2.48
C ILE B 144 -21.27 24.48 -3.72
N GLN B 145 -20.39 24.33 -4.72
CA GLN B 145 -20.57 25.05 -5.97
C GLN B 145 -21.78 24.51 -6.71
N VAL B 146 -22.32 25.34 -7.60
CA VAL B 146 -23.58 25.03 -8.25
C VAL B 146 -23.45 25.22 -9.75
N TYR B 147 -24.00 24.29 -10.52
CA TYR B 147 -24.17 24.51 -11.96
C TYR B 147 -25.63 24.67 -12.33
N THR B 148 -25.90 25.50 -13.33
CA THR B 148 -27.26 25.71 -13.78
C THR B 148 -27.39 25.22 -15.22
N HIS B 149 -28.56 25.45 -15.83
CA HIS B 149 -28.87 24.87 -17.13
C HIS B 149 -29.22 25.94 -18.17
N ALA B 150 -28.54 25.89 -19.31
CA ALA B 150 -28.85 26.77 -20.42
C ALA B 150 -29.18 25.89 -21.62
N THR B 151 -30.39 26.06 -22.16
CA THR B 151 -30.84 25.27 -23.30
C THR B 151 -31.60 26.14 -24.29
N SER B 152 -31.20 26.09 -25.55
CA SER B 152 -31.85 26.92 -26.56
C SER B 152 -31.76 26.25 -27.92
N ASP B 153 -32.65 26.62 -28.83
CA ASP B 153 -32.59 26.10 -30.18
C ASP B 153 -31.66 26.94 -31.07
N THR B 154 -31.12 28.03 -30.51
CA THR B 154 -30.11 28.80 -31.26
C THR B 154 -28.94 29.21 -30.37
N MET B 155 -27.80 29.45 -30.99
CA MET B 155 -26.61 29.90 -30.25
C MET B 155 -26.85 31.24 -29.52
N GLU B 156 -27.50 32.17 -30.20
CA GLU B 156 -27.79 33.48 -29.60
C GLU B 156 -28.74 33.34 -28.40
N GLY B 157 -29.66 32.38 -28.49
CA GLY B 157 -30.50 32.04 -27.35
C GLY B 157 -29.65 31.52 -26.20
N LEU B 158 -28.68 30.66 -26.52
CA LEU B 158 -27.78 30.14 -25.50
C LEU B 158 -26.96 31.26 -24.89
N TYR B 159 -26.39 32.11 -25.74
CA TYR B 159 -25.57 33.25 -25.30
C TYR B 159 -26.34 34.12 -24.32
N GLU B 160 -27.62 34.31 -24.60
CA GLU B 160 -28.50 35.11 -23.76
C GLU B 160 -28.64 34.52 -22.36
N GLN B 161 -28.92 33.23 -22.28
CA GLN B 161 -29.02 32.56 -20.99
C GLN B 161 -27.67 32.50 -20.28
N VAL B 162 -26.61 32.19 -21.03
CA VAL B 162 -25.26 32.11 -20.48
C VAL B 162 -24.80 33.44 -19.90
N ASP B 163 -24.95 34.52 -20.68
CA ASP B 163 -24.57 35.84 -20.18
C ASP B 163 -25.30 36.17 -18.88
N LYS B 164 -26.56 35.74 -18.77
CA LYS B 164 -27.36 36.04 -17.59
C LYS B 164 -26.86 35.27 -16.36
N TYR B 165 -26.55 33.99 -16.54
CA TYR B 165 -26.03 33.19 -15.45
C TYR B 165 -24.66 33.68 -15.00
N LEU B 166 -23.82 34.08 -15.95
CA LEU B 166 -22.50 34.61 -15.61
C LEU B 166 -22.67 35.87 -14.77
N GLU B 167 -23.66 36.68 -15.12
CA GLU B 167 -24.00 37.90 -14.36
C GLU B 167 -24.38 37.59 -12.91
N GLN B 168 -25.01 36.45 -12.70
CA GLN B 168 -25.49 36.04 -11.39
C GLN B 168 -24.40 35.38 -10.55
N GLY B 169 -23.27 35.09 -11.18
CA GLY B 169 -22.13 34.54 -10.47
C GLY B 169 -21.90 33.03 -10.63
N TYR B 170 -22.67 32.37 -11.49
CA TYR B 170 -22.41 30.96 -11.77
C TYR B 170 -21.09 30.82 -12.53
N GLN B 171 -20.35 29.75 -12.24
CA GLN B 171 -19.07 29.52 -12.88
C GLN B 171 -19.13 28.22 -13.65
N HIS B 172 -20.29 27.56 -13.57
CA HIS B 172 -20.50 26.27 -14.24
C HIS B 172 -21.87 26.28 -14.87
N ILE B 173 -21.95 25.94 -16.14
CA ILE B 173 -23.23 25.96 -16.83
C ILE B 173 -23.32 24.75 -17.75
N ARG B 174 -24.39 23.99 -17.60
CA ARG B 174 -24.59 22.88 -18.50
C ARG B 174 -25.34 23.40 -19.71
N CYS B 175 -24.72 23.29 -20.88
CA CYS B 175 -25.26 23.92 -22.10
C CYS B 175 -25.72 22.89 -23.11
N GLN B 176 -26.82 23.19 -23.78
CA GLN B 176 -27.34 22.33 -24.83
C GLN B 176 -27.92 23.14 -25.97
N LEU B 177 -27.43 22.89 -27.20
CA LEU B 177 -27.97 23.52 -28.38
C LEU B 177 -28.98 22.58 -29.03
N GLY B 178 -30.22 23.03 -29.14
CA GLY B 178 -31.26 22.26 -29.79
C GLY B 178 -32.15 21.49 -28.83
N PHE B 179 -33.36 21.18 -29.29
CA PHE B 179 -34.29 20.33 -28.54
C PHE B 179 -34.52 19.05 -29.32
N TYR B 180 -34.46 17.91 -28.64
CA TYR B 180 -34.50 16.61 -29.31
C TYR B 180 -35.69 15.78 -28.88
N GLY B 181 -36.62 15.55 -29.82
CA GLY B 181 -37.85 14.86 -29.52
C GLY B 181 -39.00 15.40 -30.35
N GLY B 182 -40.19 14.87 -30.13
CA GLY B 182 -41.38 15.35 -30.81
C GLY B 182 -41.56 14.73 -32.18
N VAL B 183 -42.41 15.34 -32.98
CA VAL B 183 -42.68 14.84 -34.32
C VAL B 183 -41.41 14.90 -35.19
N PRO B 184 -41.21 13.89 -36.03
CA PRO B 184 -40.00 13.79 -36.85
C PRO B 184 -39.97 14.78 -38.01
N GLU B 185 -40.02 16.08 -37.73
CA GLU B 185 -40.18 17.06 -38.81
C GLU B 185 -39.11 16.99 -39.91
N ASN B 186 -37.85 17.18 -39.56
CA ASN B 186 -36.79 17.05 -40.57
C ASN B 186 -35.93 15.80 -40.39
N ILE B 187 -36.61 14.66 -40.34
CA ILE B 187 -35.97 13.38 -40.15
C ILE B 187 -36.56 12.35 -41.13
N GLN B 188 -35.70 11.58 -41.79
CA GLN B 188 -36.17 10.60 -42.77
C GLN B 188 -36.57 9.29 -42.09
N THR B 189 -37.85 9.15 -41.80
CA THR B 189 -38.36 7.96 -41.13
C THR B 189 -38.91 7.00 -42.17
N ALA B 190 -39.35 5.83 -41.73
CA ALA B 190 -40.15 4.95 -42.59
C ALA B 190 -41.45 5.67 -42.93
N GLN B 191 -42.22 5.11 -43.87
CA GLN B 191 -43.40 5.77 -44.42
C GLN B 191 -44.48 6.18 -43.42
N ASN B 192 -44.79 5.30 -42.48
CA ASN B 192 -45.81 5.61 -41.47
C ASN B 192 -45.22 5.37 -40.10
N PRO B 193 -44.38 6.31 -39.63
CA PRO B 193 -43.58 6.08 -38.43
C PRO B 193 -44.43 5.81 -37.19
N THR B 194 -44.03 4.87 -36.34
CA THR B 194 -44.79 4.56 -35.14
C THR B 194 -44.81 5.76 -34.20
N GLN B 195 -45.96 6.02 -33.59
CA GLN B 195 -46.11 7.15 -32.66
C GLN B 195 -44.98 7.17 -31.63
N GLY B 196 -44.44 8.36 -31.37
CA GLY B 196 -43.33 8.49 -30.42
C GLY B 196 -42.62 9.81 -30.54
N SER B 197 -41.60 10.00 -29.70
CA SER B 197 -40.83 11.25 -29.67
C SER B 197 -39.52 11.06 -30.41
N TYR B 198 -39.42 11.62 -31.62
CA TYR B 198 -38.31 11.32 -32.51
C TYR B 198 -37.11 12.25 -32.43
N TYR B 199 -35.92 11.68 -32.65
CA TYR B 199 -34.73 12.48 -32.80
C TYR B 199 -33.70 11.74 -33.65
N ASP B 200 -32.69 12.45 -34.11
CA ASP B 200 -31.65 11.86 -34.92
C ASP B 200 -30.33 12.02 -34.19
N GLN B 201 -29.68 10.90 -33.89
CA GLN B 201 -28.44 10.95 -33.15
C GLN B 201 -27.32 11.73 -33.83
N ASP B 202 -27.23 11.64 -35.16
CA ASP B 202 -26.15 12.36 -35.85
C ASP B 202 -26.36 13.87 -35.82
N GLN B 203 -27.61 14.31 -35.95
CA GLN B 203 -27.95 15.72 -35.81
C GLN B 203 -27.59 16.24 -34.42
N TYR B 204 -27.93 15.46 -33.40
CA TYR B 204 -27.68 15.84 -32.02
C TYR B 204 -26.18 15.98 -31.76
N ILE B 205 -25.41 15.01 -32.26
CA ILE B 205 -23.95 15.07 -32.10
C ILE B 205 -23.37 16.29 -32.81
N GLU B 206 -23.78 16.50 -34.05
CA GLU B 206 -23.30 17.63 -34.83
C GLU B 206 -23.63 18.97 -34.16
N ASN B 207 -24.85 19.12 -33.65
CA ASN B 207 -25.23 20.36 -32.96
C ASN B 207 -24.40 20.55 -31.69
N THR B 208 -24.20 19.47 -30.94
CA THR B 208 -23.49 19.55 -29.69
C THR B 208 -22.01 19.91 -29.86
N VAL B 209 -21.37 19.34 -30.88
CA VAL B 209 -19.98 19.66 -31.19
C VAL B 209 -19.87 21.12 -31.63
N GLU B 210 -20.79 21.56 -32.46
CA GLU B 210 -20.82 22.95 -32.94
C GLU B 210 -21.04 23.90 -31.77
N MET B 211 -21.89 23.51 -30.83
CA MET B 211 -22.14 24.33 -29.64
C MET B 211 -20.88 24.55 -28.81
N PHE B 212 -20.17 23.46 -28.52
CA PHE B 212 -18.91 23.54 -27.78
C PHE B 212 -17.89 24.42 -28.47
N LYS B 213 -17.75 24.24 -29.78
CA LYS B 213 -16.81 25.04 -30.57
C LYS B 213 -17.14 26.52 -30.47
N ASN B 214 -18.41 26.84 -30.68
CA ASN B 214 -18.90 28.21 -30.60
C ASN B 214 -18.76 28.80 -29.19
N LEU B 215 -19.11 28.01 -28.17
CA LEU B 215 -19.02 28.47 -26.79
C LEU B 215 -17.58 28.84 -26.43
N ARG B 216 -16.64 27.97 -26.79
CA ARG B 216 -15.24 28.23 -26.49
C ARG B 216 -14.72 29.41 -27.28
N GLU B 217 -15.18 29.57 -28.52
CA GLU B 217 -14.75 30.72 -29.31
C GLU B 217 -15.18 32.05 -28.70
N LYS B 218 -16.39 32.09 -28.13
CA LYS B 218 -16.94 33.34 -27.59
C LYS B 218 -16.49 33.61 -26.15
N TYR B 219 -16.51 32.57 -25.32
CA TYR B 219 -16.27 32.73 -23.89
C TYR B 219 -14.91 32.24 -23.42
N GLY B 220 -14.18 31.55 -24.30
CA GLY B 220 -12.90 30.98 -23.93
C GLY B 220 -13.03 30.18 -22.65
N LYS B 221 -12.24 30.53 -21.66
CA LYS B 221 -12.26 29.82 -20.39
C LYS B 221 -12.93 30.58 -19.26
N GLN B 222 -13.90 31.43 -19.58
CA GLN B 222 -14.60 32.19 -18.56
C GLN B 222 -15.37 31.29 -17.60
N PHE B 223 -15.88 30.16 -18.12
CA PHE B 223 -16.67 29.28 -17.28
C PHE B 223 -16.53 27.81 -17.64
N HIS B 224 -16.99 26.95 -16.73
CA HIS B 224 -17.00 25.52 -16.93
C HIS B 224 -18.26 25.11 -17.68
N ILE B 225 -18.07 24.39 -18.77
CA ILE B 225 -19.19 23.94 -19.60
C ILE B 225 -19.49 22.49 -19.30
N LEU B 226 -20.75 22.18 -19.01
CA LEU B 226 -21.15 20.81 -18.79
C LEU B 226 -22.13 20.45 -19.90
N HIS B 227 -22.30 19.16 -20.16
CA HIS B 227 -23.29 18.74 -21.14
C HIS B 227 -23.82 17.35 -20.83
N ASP B 228 -25.13 17.18 -20.97
CA ASP B 228 -25.82 15.94 -20.60
C ASP B 228 -26.22 15.17 -21.88
N VAL B 229 -25.51 14.09 -22.18
CA VAL B 229 -25.80 13.26 -23.35
C VAL B 229 -27.10 12.49 -23.13
N HIS B 230 -27.44 12.28 -21.86
CA HIS B 230 -28.73 11.69 -21.49
C HIS B 230 -29.00 10.35 -22.20
N GLU B 231 -28.00 9.48 -22.22
CA GLU B 231 -28.08 8.15 -22.87
C GLU B 231 -28.66 8.11 -24.30
N ARG B 232 -28.43 9.17 -25.09
CA ARG B 232 -28.97 9.26 -26.45
C ARG B 232 -28.21 8.47 -27.50
N LEU B 233 -27.04 7.95 -27.13
CA LEU B 233 -26.13 7.39 -28.14
C LEU B 233 -25.88 5.88 -28.02
N PHE B 234 -25.51 5.26 -29.14
CA PHE B 234 -24.93 3.92 -29.13
C PHE B 234 -23.46 4.04 -28.74
N PRO B 235 -22.83 2.94 -28.30
CA PRO B 235 -21.42 3.03 -27.86
C PRO B 235 -20.46 3.58 -28.92
N ASN B 236 -20.54 3.13 -30.17
CA ASN B 236 -19.61 3.68 -31.17
C ASN B 236 -19.80 5.20 -31.33
N GLN B 237 -21.03 5.66 -31.13
CA GLN B 237 -21.30 7.09 -31.19
C GLN B 237 -20.72 7.78 -29.96
N ALA B 238 -20.84 7.14 -28.81
CA ALA B 238 -20.32 7.72 -27.56
C ALA B 238 -18.80 7.92 -27.65
N ILE B 239 -18.10 6.90 -28.15
CA ILE B 239 -16.65 6.97 -28.31
C ILE B 239 -16.22 8.06 -29.30
N GLN B 240 -16.90 8.14 -30.44
CA GLN B 240 -16.63 9.20 -31.39
C GLN B 240 -16.81 10.58 -30.75
N PHE B 241 -17.93 10.76 -30.06
CA PHE B 241 -18.26 12.05 -29.44
C PHE B 241 -17.21 12.45 -28.41
N ALA B 242 -16.79 11.48 -27.59
CA ALA B 242 -15.76 11.73 -26.59
C ALA B 242 -14.51 12.32 -27.24
N LYS B 243 -14.09 11.74 -28.35
CA LYS B 243 -12.89 12.24 -29.04
C LYS B 243 -13.15 13.58 -29.71
N GLN B 244 -14.39 13.81 -30.14
CA GLN B 244 -14.75 15.07 -30.79
C GLN B 244 -14.83 16.26 -29.84
N ILE B 245 -15.20 16.05 -28.58
CA ILE B 245 -15.29 17.20 -27.69
C ILE B 245 -14.24 17.28 -26.58
N GLU B 246 -13.38 16.27 -26.46
CA GLU B 246 -12.39 16.25 -25.37
C GLU B 246 -11.51 17.51 -25.40
N GLN B 247 -11.29 18.07 -26.59
CA GLN B 247 -10.42 19.24 -26.68
C GLN B 247 -11.06 20.47 -26.03
N TYR B 248 -12.36 20.42 -25.79
CA TYR B 248 -13.05 21.57 -25.22
C TYR B 248 -13.08 21.49 -23.69
N ASN B 249 -12.49 20.44 -23.15
CA ASN B 249 -12.38 20.24 -21.69
C ASN B 249 -13.65 20.49 -20.88
N PRO B 250 -14.74 19.79 -21.22
CA PRO B 250 -15.96 19.98 -20.43
C PRO B 250 -15.73 19.53 -19.00
N PHE B 251 -16.37 20.23 -18.06
CA PHE B 251 -16.26 19.91 -16.64
C PHE B 251 -16.73 18.47 -16.41
N PHE B 252 -17.83 18.12 -17.08
CA PHE B 252 -18.15 16.71 -17.33
C PHE B 252 -19.14 16.50 -18.46
N ILE B 253 -19.02 15.34 -19.10
CA ILE B 253 -20.02 14.86 -20.04
C ILE B 253 -20.83 13.81 -19.32
N GLU B 254 -22.13 14.04 -19.23
CA GLU B 254 -23.01 13.27 -18.36
C GLU B 254 -23.78 12.20 -19.13
N ASP B 255 -23.87 11.01 -18.54
CA ASP B 255 -24.66 9.90 -19.09
C ASP B 255 -24.37 9.63 -20.57
N ILE B 256 -23.10 9.49 -20.92
CA ILE B 256 -22.72 9.29 -22.32
C ILE B 256 -23.19 7.91 -22.82
N LEU B 257 -23.51 7.01 -21.89
CA LEU B 257 -24.02 5.69 -22.20
C LEU B 257 -25.12 5.33 -21.21
N PRO B 258 -26.03 4.40 -21.57
CA PRO B 258 -27.02 3.94 -20.57
C PRO B 258 -26.34 3.01 -19.56
N PRO B 259 -26.96 2.81 -18.38
CA PRO B 259 -26.35 2.02 -17.31
C PRO B 259 -26.00 0.59 -17.71
N SER B 260 -26.70 0.04 -18.69
CA SER B 260 -26.52 -1.37 -19.07
C SER B 260 -25.31 -1.55 -19.97
N GLN B 261 -24.69 -0.45 -20.39
CA GLN B 261 -23.59 -0.54 -21.34
C GLN B 261 -22.32 0.14 -20.84
N THR B 262 -22.17 0.28 -19.53
CA THR B 262 -21.05 1.09 -19.06
C THR B 262 -19.69 0.40 -19.15
N GLU B 263 -19.65 -0.89 -19.43
CA GLU B 263 -18.37 -1.53 -19.70
C GLU B 263 -17.72 -0.93 -20.93
N TRP B 264 -18.54 -0.36 -21.81
CA TRP B 264 -18.00 0.29 -23.00
C TRP B 264 -17.21 1.54 -22.62
N LEU B 265 -17.36 1.99 -21.39
CA LEU B 265 -16.61 3.16 -20.95
C LEU B 265 -15.10 2.87 -20.96
N ASP B 266 -14.72 1.60 -20.82
CA ASP B 266 -13.29 1.27 -20.89
C ASP B 266 -12.69 1.72 -22.22
N ASN B 267 -13.44 1.57 -23.31
CA ASN B 267 -12.96 1.98 -24.62
C ASN B 267 -12.69 3.50 -24.64
N ILE B 268 -13.54 4.26 -23.97
CA ILE B 268 -13.31 5.71 -23.88
C ILE B 268 -12.15 6.08 -22.96
N ARG B 269 -12.08 5.45 -21.78
CA ARG B 269 -11.03 5.79 -20.80
C ARG B 269 -9.61 5.51 -21.32
N ASN B 270 -9.50 4.48 -22.16
CA ASN B 270 -8.21 4.08 -22.71
C ASN B 270 -7.66 5.04 -23.76
N GLN B 271 -8.50 5.95 -24.25
CA GLN B 271 -8.06 6.76 -25.37
C GLN B 271 -8.52 8.21 -25.36
N SER B 272 -9.28 8.60 -24.35
CA SER B 272 -9.81 9.96 -24.30
C SER B 272 -9.62 10.55 -22.92
N SER B 273 -9.35 11.85 -22.85
CA SER B 273 -9.19 12.52 -21.55
C SER B 273 -10.48 13.11 -21.00
N VAL B 274 -11.58 12.96 -21.73
CA VAL B 274 -12.84 13.61 -21.38
C VAL B 274 -13.30 13.28 -19.94
N SER B 275 -13.80 14.28 -19.23
CA SER B 275 -14.32 14.08 -17.88
C SER B 275 -15.75 13.52 -17.96
N LEU B 276 -16.05 12.48 -17.20
CA LEU B 276 -17.31 11.76 -17.32
C LEU B 276 -18.10 11.71 -16.00
N ALA B 277 -19.43 11.82 -16.12
CA ALA B 277 -20.33 11.70 -14.99
C ALA B 277 -21.46 10.77 -15.37
N LEU B 278 -21.88 9.92 -14.43
CA LEU B 278 -22.94 8.97 -14.75
C LEU B 278 -23.65 8.47 -13.49
N GLY B 279 -24.92 8.14 -13.63
CA GLY B 279 -25.59 7.38 -12.58
C GLY B 279 -26.92 7.87 -12.02
N GLU B 280 -27.48 8.95 -12.59
CA GLU B 280 -28.79 9.41 -12.10
C GLU B 280 -29.85 8.30 -12.20
N LEU B 281 -29.65 7.35 -13.14
CA LEU B 281 -30.61 6.26 -13.33
C LEU B 281 -30.47 5.10 -12.33
N PHE B 282 -29.40 5.08 -11.55
CA PHE B 282 -29.12 3.89 -10.73
C PHE B 282 -30.12 3.61 -9.61
N ASN B 283 -30.52 2.35 -9.47
CA ASN B 283 -31.31 1.92 -8.30
C ASN B 283 -30.96 0.51 -7.85
N ASN B 284 -29.77 0.06 -8.22
CA ASN B 284 -29.28 -1.24 -7.77
C ASN B 284 -27.75 -1.15 -7.69
N PRO B 285 -27.17 -1.49 -6.52
CA PRO B 285 -25.72 -1.33 -6.34
C PRO B 285 -24.87 -2.05 -7.39
N GLU B 286 -25.41 -3.07 -8.07
CA GLU B 286 -24.62 -3.73 -9.12
C GLU B 286 -24.39 -2.81 -10.32
N GLU B 287 -25.18 -1.75 -10.43
CA GLU B 287 -25.02 -0.78 -11.51
C GLU B 287 -23.81 0.14 -11.29
N TRP B 288 -23.38 0.29 -10.03
CA TRP B 288 -22.30 1.23 -9.73
C TRP B 288 -20.98 0.62 -9.24
N LYS B 289 -20.99 -0.59 -8.71
CA LYS B 289 -19.77 -1.12 -8.10
C LYS B 289 -18.61 -1.24 -9.09
N ALA B 290 -18.79 -2.01 -10.16
CA ALA B 290 -17.74 -2.18 -11.18
C ALA B 290 -17.37 -0.84 -11.82
N LEU B 291 -18.37 0.01 -12.01
CA LEU B 291 -18.18 1.33 -12.56
C LEU B 291 -17.13 2.11 -11.77
N ILE B 292 -17.28 2.12 -10.46
CA ILE B 292 -16.38 2.91 -9.61
C ILE B 292 -15.05 2.20 -9.41
N ILE B 293 -15.10 0.90 -9.12
CA ILE B 293 -13.89 0.09 -8.92
C ILE B 293 -12.93 0.26 -10.09
N ASN B 294 -13.47 0.31 -11.30
CA ASN B 294 -12.64 0.45 -12.50
C ASN B 294 -12.45 1.88 -12.97
N ARG B 295 -12.84 2.82 -12.11
CA ARG B 295 -12.63 4.25 -12.36
C ARG B 295 -13.19 4.64 -13.71
N ARG B 296 -14.34 4.07 -14.07
CA ARG B 296 -14.93 4.36 -15.38
C ARG B 296 -15.59 5.73 -15.50
N VAL B 297 -15.88 6.38 -14.36
CA VAL B 297 -16.35 7.77 -14.39
C VAL B 297 -15.60 8.63 -13.41
N ASP B 298 -15.70 9.94 -13.58
CA ASP B 298 -15.09 10.86 -12.63
C ASP B 298 -16.08 11.35 -11.59
N PHE B 299 -17.36 11.34 -11.95
CA PHE B 299 -18.37 11.79 -11.02
C PHE B 299 -19.52 10.81 -10.97
N ILE B 300 -19.98 10.48 -9.76
CA ILE B 300 -21.18 9.67 -9.62
C ILE B 300 -22.39 10.62 -9.51
N ARG B 301 -23.50 10.27 -10.15
CA ARG B 301 -24.61 11.20 -10.34
C ARG B 301 -25.92 10.69 -9.74
N CYS B 302 -25.83 9.72 -8.83
CA CYS B 302 -27.02 9.05 -8.30
C CYS B 302 -28.11 9.97 -7.75
N HIS B 303 -29.36 9.58 -7.98
CA HIS B 303 -30.51 10.26 -7.40
C HIS B 303 -30.69 9.65 -6.01
N VAL B 304 -30.49 10.44 -4.96
CA VAL B 304 -30.49 9.90 -3.61
C VAL B 304 -31.74 9.09 -3.28
N SER B 305 -32.92 9.54 -3.70
CA SER B 305 -34.11 8.77 -3.37
C SER B 305 -34.19 7.45 -4.16
N GLN B 306 -33.56 7.40 -5.33
CA GLN B 306 -33.52 6.18 -6.13
C GLN B 306 -32.61 5.11 -5.53
N ILE B 307 -31.62 5.49 -4.74
CA ILE B 307 -30.76 4.49 -4.10
C ILE B 307 -31.21 4.15 -2.67
N GLY B 308 -32.25 4.81 -2.18
CA GLY B 308 -32.83 4.44 -0.91
C GLY B 308 -32.59 5.39 0.22
N GLY B 309 -32.10 6.60 -0.09
CA GLY B 309 -31.99 7.64 0.92
C GLY B 309 -30.60 8.03 1.40
N ILE B 310 -30.57 8.70 2.54
CA ILE B 310 -29.34 9.24 3.11
C ILE B 310 -28.44 8.10 3.58
N THR B 311 -29.04 7.11 4.23
CA THR B 311 -28.26 5.98 4.72
C THR B 311 -27.35 5.34 3.65
N PRO B 312 -27.91 4.97 2.50
CA PRO B 312 -26.98 4.44 1.49
C PRO B 312 -26.15 5.49 0.74
N ALA B 313 -26.60 6.76 0.71
CA ALA B 313 -25.81 7.81 0.06
C ALA B 313 -24.49 8.07 0.79
N LEU B 314 -24.52 8.07 2.12
CA LEU B 314 -23.29 8.20 2.91
C LEU B 314 -22.30 7.08 2.59
N LYS B 315 -22.80 5.85 2.53
CA LYS B 315 -21.94 4.71 2.26
C LYS B 315 -21.33 4.80 0.85
N LEU B 316 -22.15 5.20 -0.11
CA LEU B 316 -21.72 5.27 -1.50
C LEU B 316 -20.71 6.41 -1.63
N GLY B 317 -20.94 7.49 -0.89
CA GLY B 317 -20.02 8.60 -0.89
C GLY B 317 -18.66 8.15 -0.40
N HIS B 318 -18.64 7.37 0.67
CA HIS B 318 -17.40 6.83 1.24
C HIS B 318 -16.74 5.81 0.31
N PHE B 319 -17.55 5.03 -0.37
CA PHE B 319 -17.06 4.03 -1.31
C PHE B 319 -16.36 4.72 -2.47
N CYS B 320 -17.00 5.78 -2.99
CA CYS B 320 -16.39 6.54 -4.07
C CYS B 320 -15.09 7.20 -3.65
N GLU B 321 -15.04 7.68 -2.43
CA GLU B 321 -13.90 8.42 -1.95
C GLU B 321 -12.65 7.54 -1.96
N SER B 322 -12.81 6.26 -1.66
CA SER B 322 -11.67 5.36 -1.63
C SER B 322 -11.05 5.22 -3.03
N PHE B 323 -11.88 5.26 -4.06
CA PHE B 323 -11.41 5.11 -5.43
C PHE B 323 -11.12 6.45 -6.11
N GLY B 324 -11.38 7.55 -5.40
CA GLY B 324 -11.08 8.86 -5.95
C GLY B 324 -12.18 9.41 -6.85
N VAL B 325 -13.34 8.77 -6.84
CA VAL B 325 -14.47 9.25 -7.64
C VAL B 325 -15.22 10.31 -6.82
N ARG B 326 -15.63 11.40 -7.47
CA ARG B 326 -16.34 12.48 -6.76
C ARG B 326 -17.85 12.45 -6.97
N ILE B 327 -18.58 13.32 -6.28
CA ILE B 327 -20.03 13.20 -6.22
C ILE B 327 -20.77 14.43 -6.77
N ALA B 328 -21.75 14.17 -7.63
CA ALA B 328 -22.62 15.21 -8.13
C ALA B 328 -24.03 14.67 -8.17
N TRP B 329 -24.67 14.57 -6.99
CA TRP B 329 -26.01 13.96 -6.89
C TRP B 329 -26.99 14.60 -7.86
N HIS B 330 -27.82 13.76 -8.49
CA HIS B 330 -28.89 14.26 -9.35
C HIS B 330 -29.80 15.22 -8.61
N CYS B 331 -29.91 16.46 -9.08
CA CYS B 331 -30.84 17.42 -8.48
C CYS B 331 -31.77 18.00 -9.54
N PRO B 332 -32.76 17.23 -9.98
CA PRO B 332 -33.71 17.69 -11.00
C PRO B 332 -34.86 18.48 -10.39
N PRO B 333 -35.68 19.12 -11.22
CA PRO B 333 -36.90 19.78 -10.74
C PRO B 333 -37.87 18.76 -10.12
N ASP B 334 -37.87 17.52 -10.60
CA ASP B 334 -38.72 16.48 -10.01
C ASP B 334 -38.06 15.89 -8.76
N MET B 335 -38.02 16.71 -7.73
CA MET B 335 -37.47 16.35 -6.43
C MET B 335 -37.92 17.48 -5.53
N THR B 336 -38.31 17.15 -4.30
CA THR B 336 -38.77 18.17 -3.38
C THR B 336 -37.62 19.05 -2.98
N PRO B 337 -37.91 20.29 -2.55
CA PRO B 337 -36.88 21.11 -1.89
C PRO B 337 -36.33 20.42 -0.64
N ILE B 338 -37.07 19.47 -0.08
CA ILE B 338 -36.56 18.70 1.06
C ILE B 338 -35.38 17.86 0.59
N GLY B 339 -35.57 17.22 -0.57
CA GLY B 339 -34.50 16.42 -1.15
C GLY B 339 -33.31 17.26 -1.53
N ALA B 340 -33.56 18.47 -2.04
CA ALA B 340 -32.47 19.35 -2.43
C ALA B 340 -31.68 19.77 -1.20
N ALA B 341 -32.38 20.07 -0.12
CA ALA B 341 -31.72 20.43 1.15
C ALA B 341 -30.88 19.29 1.70
N VAL B 342 -31.42 18.08 1.64
CA VAL B 342 -30.68 16.88 2.04
C VAL B 342 -29.40 16.72 1.23
N ASN B 343 -29.50 16.92 -0.08
CA ASN B 343 -28.30 16.86 -0.91
C ASN B 343 -27.27 17.94 -0.56
N THR B 344 -27.73 19.10 -0.13
CA THR B 344 -26.80 20.16 0.24
C THR B 344 -26.09 19.78 1.55
N HIS B 345 -26.82 19.17 2.49
CA HIS B 345 -26.20 18.69 3.72
C HIS B 345 -25.14 17.64 3.38
N LEU B 346 -25.47 16.67 2.52
CA LEU B 346 -24.48 15.66 2.13
C LEU B 346 -23.29 16.32 1.40
N ASN B 347 -23.56 17.37 0.63
CA ASN B 347 -22.53 18.00 -0.19
C ASN B 347 -21.50 18.81 0.58
N VAL B 348 -21.92 19.40 1.70
CA VAL B 348 -20.97 20.17 2.51
C VAL B 348 -20.27 19.26 3.50
N HIS B 349 -20.83 18.06 3.70
CA HIS B 349 -20.17 17.08 4.58
C HIS B 349 -19.16 16.15 3.87
N LEU B 350 -19.62 15.42 2.85
CA LEU B 350 -18.76 14.46 2.16
C LEU B 350 -17.60 15.17 1.47
N HIS B 351 -16.37 14.81 1.85
CA HIS B 351 -15.19 15.47 1.30
C HIS B 351 -15.07 15.38 -0.22
N ASN B 352 -15.57 14.27 -0.81
CA ASN B 352 -15.47 14.10 -2.25
C ASN B 352 -16.67 14.63 -3.02
N ALA B 353 -17.58 15.32 -2.36
CA ALA B 353 -18.67 16.02 -3.06
C ALA B 353 -18.07 17.15 -3.92
N ALA B 354 -18.62 17.36 -5.12
CA ALA B 354 -18.03 18.29 -6.07
C ALA B 354 -18.93 19.46 -6.42
N ILE B 355 -20.18 19.17 -6.78
CA ILE B 355 -21.04 20.19 -7.32
C ILE B 355 -22.52 19.82 -7.17
N GLN B 356 -23.38 20.84 -7.07
CA GLN B 356 -24.81 20.61 -6.95
C GLN B 356 -25.57 21.29 -8.10
N GLU B 357 -26.41 20.52 -8.75
CA GLU B 357 -27.23 20.96 -9.86
C GLU B 357 -28.29 21.96 -9.38
N HIS B 358 -28.45 23.05 -10.12
CA HIS B 358 -29.34 24.16 -9.74
C HIS B 358 -30.79 23.88 -10.10
N VAL B 359 -31.68 24.03 -9.12
CA VAL B 359 -33.12 23.95 -9.34
C VAL B 359 -33.77 25.28 -8.96
N GLU B 360 -34.49 25.90 -9.90
CA GLU B 360 -35.19 27.14 -9.61
C GLU B 360 -36.61 26.83 -9.13
N TYR B 361 -36.96 27.26 -7.92
CA TYR B 361 -38.28 26.97 -7.36
C TYR B 361 -39.25 28.09 -7.62
N LYS B 362 -40.36 27.78 -8.28
CA LYS B 362 -41.41 28.77 -8.49
C LYS B 362 -42.22 29.00 -7.21
N ALA B 363 -43.09 30.00 -7.22
CA ALA B 363 -43.76 30.45 -6.00
C ALA B 363 -44.60 29.37 -5.29
N ASN B 364 -45.40 28.63 -6.03
CA ASN B 364 -46.23 27.60 -5.42
C ASN B 364 -45.39 26.55 -4.70
N THR B 365 -44.30 26.12 -5.34
CA THR B 365 -43.39 25.16 -4.73
C THR B 365 -42.77 25.72 -3.44
N GLN B 366 -42.41 27.01 -3.45
CA GLN B 366 -41.83 27.65 -2.28
C GLN B 366 -42.86 27.75 -1.17
N ARG B 367 -44.13 27.87 -1.54
CA ARG B 367 -45.18 27.95 -0.54
C ARG B 367 -45.42 26.59 0.11
N VAL B 368 -45.41 25.53 -0.69
CA VAL B 368 -45.56 24.18 -0.15
C VAL B 368 -44.33 23.76 0.65
N PHE B 369 -43.15 24.22 0.23
CA PHE B 369 -41.90 23.85 0.89
C PHE B 369 -41.11 25.09 1.31
N PRO B 370 -41.48 25.71 2.44
CA PRO B 370 -40.90 27.02 2.79
C PRO B 370 -39.40 26.96 3.08
N ASN B 371 -38.72 28.08 2.84
CA ASN B 371 -37.31 28.28 3.24
C ASN B 371 -36.27 27.46 2.47
N ALA B 372 -36.62 27.01 1.27
CA ALA B 372 -35.64 26.32 0.43
C ALA B 372 -34.55 27.30 -0.01
N ALA B 373 -33.30 26.87 0.07
CA ALA B 373 -32.19 27.74 -0.29
C ALA B 373 -32.08 27.87 -1.81
N GLU B 374 -31.57 29.01 -2.25
CA GLU B 374 -31.27 29.27 -3.65
C GLU B 374 -29.79 29.60 -3.73
N PRO B 375 -29.15 29.33 -4.88
CA PRO B 375 -27.72 29.64 -4.95
C PRO B 375 -27.46 31.13 -4.76
N ILE B 376 -26.34 31.44 -4.11
CA ILE B 376 -25.89 32.82 -3.90
C ILE B 376 -24.48 32.90 -4.46
N ASN B 377 -24.29 33.71 -5.51
CA ASN B 377 -22.99 33.84 -6.17
C ASN B 377 -22.35 32.49 -6.48
N GLY B 378 -23.14 31.57 -7.04
CA GLY B 378 -22.63 30.28 -7.52
C GLY B 378 -22.43 29.22 -6.45
N TYR B 379 -22.93 29.47 -5.24
CA TYR B 379 -22.78 28.50 -4.16
C TYR B 379 -24.13 28.21 -3.50
N LEU B 380 -24.32 26.98 -3.05
CA LEU B 380 -25.47 26.65 -2.22
C LEU B 380 -25.02 26.41 -0.79
N TYR B 381 -25.67 27.07 0.16
CA TYR B 381 -25.31 26.94 1.56
C TYR B 381 -26.25 25.98 2.28
N ALA B 382 -25.67 25.08 3.09
CA ALA B 382 -26.46 24.16 3.89
C ALA B 382 -27.32 24.92 4.90
N SER B 383 -28.52 24.41 5.15
CA SER B 383 -29.38 24.96 6.18
C SER B 383 -28.67 24.85 7.53
N GLU B 384 -28.95 25.79 8.45
CA GLU B 384 -28.24 25.82 9.73
C GLU B 384 -29.16 25.68 10.94
N ILE B 385 -30.46 25.54 10.71
CA ILE B 385 -31.38 25.28 11.81
C ILE B 385 -31.40 23.78 12.10
N ALA B 386 -32.13 23.37 13.13
CA ALA B 386 -32.21 21.95 13.47
C ALA B 386 -32.88 21.14 12.38
N GLY B 387 -32.33 19.97 12.07
CA GLY B 387 -32.94 19.04 11.12
C GLY B 387 -32.48 19.21 9.69
N ILE B 388 -33.30 18.74 8.76
CA ILE B 388 -33.04 18.98 7.34
C ILE B 388 -33.13 20.48 7.02
N GLY B 389 -34.12 21.16 7.59
CA GLY B 389 -34.24 22.59 7.46
C GLY B 389 -35.39 23.02 6.56
N VAL B 390 -35.98 22.05 5.87
CA VAL B 390 -37.12 22.31 5.00
C VAL B 390 -38.19 21.26 5.30
N GLU B 391 -39.43 21.70 5.50
CA GLU B 391 -40.53 20.77 5.73
C GLU B 391 -41.57 20.99 4.63
N MET B 392 -42.67 20.25 4.70
CA MET B 392 -43.80 20.47 3.81
C MET B 392 -44.94 21.07 4.60
N ASP B 393 -45.55 22.12 4.05
CA ASP B 393 -46.75 22.68 4.63
C ASP B 393 -47.90 21.78 4.22
N ARG B 394 -48.38 20.96 5.14
CA ARG B 394 -49.41 19.97 4.81
C ARG B 394 -50.71 20.58 4.30
N GLU B 395 -51.07 21.76 4.81
CA GLU B 395 -52.29 22.41 4.33
C GLU B 395 -52.12 22.93 2.91
N ALA B 396 -51.00 23.59 2.65
CA ALA B 396 -50.72 24.11 1.32
C ALA B 396 -50.64 22.98 0.28
N ALA B 397 -50.05 21.87 0.67
CA ALA B 397 -49.91 20.73 -0.24
C ALA B 397 -51.25 20.20 -0.74
N GLN B 398 -52.28 20.28 0.10
CA GLN B 398 -53.60 19.77 -0.25
C GLN B 398 -54.24 20.55 -1.41
N ASP B 399 -53.74 21.76 -1.65
CA ASP B 399 -54.26 22.61 -2.72
C ASP B 399 -53.73 22.19 -4.08
N PHE B 400 -52.80 21.24 -4.09
CA PHE B 400 -52.15 20.83 -5.32
C PHE B 400 -52.08 19.30 -5.43
N PRO B 401 -53.23 18.64 -5.64
CA PRO B 401 -53.19 17.18 -5.66
C PRO B 401 -52.41 16.66 -6.86
N VAL B 402 -52.09 15.36 -6.84
CA VAL B 402 -51.44 14.67 -7.94
C VAL B 402 -52.22 14.92 -9.23
N GLU B 403 -51.52 14.95 -10.35
CA GLU B 403 -52.17 15.15 -11.64
C GLU B 403 -51.44 14.30 -12.67
N TYR B 404 -52.16 13.41 -13.34
CA TYR B 404 -51.58 12.47 -14.29
C TYR B 404 -50.83 13.16 -15.42
N ARG B 405 -49.66 12.62 -15.76
CA ARG B 405 -48.85 13.13 -16.85
C ARG B 405 -48.29 11.97 -17.67
N PRO B 406 -48.44 12.02 -19.01
CA PRO B 406 -47.99 10.95 -19.90
C PRO B 406 -46.48 10.91 -20.12
N HIS B 407 -45.78 12.04 -19.94
CA HIS B 407 -44.32 12.09 -20.11
C HIS B 407 -43.90 11.51 -21.45
N GLU B 408 -44.43 12.04 -22.55
CA GLU B 408 -44.30 11.41 -23.86
C GLU B 408 -42.86 11.27 -24.32
N TRP B 409 -41.98 12.07 -23.73
CA TRP B 409 -40.57 12.02 -24.10
C TRP B 409 -39.94 10.66 -23.83
N THR B 410 -40.51 9.88 -22.92
CA THR B 410 -39.89 8.58 -22.60
C THR B 410 -40.18 7.54 -23.67
N GLN B 411 -41.06 7.88 -24.61
CA GLN B 411 -41.23 7.03 -25.78
C GLN B 411 -40.32 7.54 -26.90
N SER B 412 -39.03 7.52 -26.61
CA SER B 412 -38.03 8.09 -27.50
C SER B 412 -37.73 7.12 -28.62
N ARG B 413 -37.84 7.59 -29.86
CA ARG B 413 -37.61 6.73 -31.03
C ARG B 413 -36.56 7.29 -31.99
N LEU B 414 -35.81 6.40 -32.61
CA LEU B 414 -34.85 6.75 -33.65
C LEU B 414 -35.59 6.78 -34.99
N PRO B 415 -34.94 7.26 -36.06
CA PRO B 415 -35.68 7.44 -37.32
C PRO B 415 -36.40 6.19 -37.83
N ASP B 416 -35.83 5.01 -37.60
CA ASP B 416 -36.44 3.79 -38.11
C ASP B 416 -37.61 3.30 -37.25
N GLY B 417 -38.00 4.08 -36.24
CA GLY B 417 -39.12 3.74 -35.40
C GLY B 417 -38.77 2.95 -34.15
N SER B 418 -37.49 2.66 -33.93
CA SER B 418 -37.13 1.82 -32.79
C SER B 418 -36.99 2.64 -31.52
N ILE B 419 -37.28 2.01 -30.38
CA ILE B 419 -37.11 2.66 -29.08
C ILE B 419 -35.62 2.80 -28.77
N HIS B 420 -35.22 3.94 -28.25
CA HIS B 420 -33.89 4.07 -27.66
C HIS B 420 -34.05 4.53 -26.22
N THR B 421 -33.12 4.15 -25.33
CA THR B 421 -33.18 4.58 -23.94
C THR B 421 -33.31 6.09 -23.89
N PRO B 422 -34.34 6.59 -23.17
CA PRO B 422 -34.76 8.01 -23.21
C PRO B 422 -33.93 8.94 -22.35
N LYS C 26 33.73 -7.11 16.46
CA LYS C 26 32.56 -6.27 16.71
C LYS C 26 32.94 -4.80 16.86
N ASN C 27 31.99 -3.93 16.56
CA ASN C 27 32.15 -2.51 16.82
C ASN C 27 30.95 -2.00 17.62
N THR C 28 31.04 -2.14 18.95
CA THR C 28 29.91 -1.86 19.84
C THR C 28 29.48 -0.38 19.86
N ILE C 29 28.18 -0.15 19.68
CA ILE C 29 27.61 1.19 19.75
C ILE C 29 27.70 1.69 21.19
N SER C 30 28.21 2.91 21.38
CA SER C 30 28.43 3.44 22.73
C SER C 30 27.52 4.64 23.03
N ASN C 31 27.04 5.29 21.98
CA ASN C 31 26.13 6.42 22.14
C ASN C 31 25.31 6.69 20.90
N ILE C 32 24.11 7.24 21.10
CA ILE C 32 23.24 7.68 20.02
C ILE C 32 22.76 9.07 20.39
N GLU C 33 22.87 10.03 19.49
CA GLU C 33 22.37 11.38 19.75
C GLU C 33 21.57 11.88 18.57
N CYS C 34 20.64 12.79 18.83
CA CYS C 34 19.84 13.38 17.77
C CYS C 34 19.88 14.88 17.94
N VAL C 35 20.32 15.58 16.91
CA VAL C 35 20.41 17.05 16.99
C VAL C 35 19.49 17.69 15.96
N ILE C 36 18.60 18.56 16.42
CA ILE C 36 17.83 19.38 15.50
C ILE C 36 18.56 20.70 15.36
N THR C 37 18.80 21.14 14.12
CA THR C 37 19.48 22.41 13.92
C THR C 37 18.79 23.18 12.81
N LYS C 38 18.69 24.51 12.95
CA LYS C 38 18.03 25.34 11.95
C LYS C 38 18.95 26.46 11.46
N PRO C 39 19.99 26.10 10.70
CA PRO C 39 20.94 27.14 10.27
C PRO C 39 20.26 28.19 9.41
N ASP C 40 19.36 27.75 8.53
CA ASP C 40 18.65 28.69 7.70
C ASP C 40 17.13 28.55 7.79
N ARG C 41 16.47 28.11 6.72
CA ARG C 41 15.01 28.19 6.71
C ARG C 41 14.31 26.96 7.28
N HIS C 42 15.02 25.84 7.37
CA HIS C 42 14.39 24.59 7.77
C HIS C 42 15.03 23.92 8.97
N ASN C 43 14.18 23.37 9.82
CA ASN C 43 14.64 22.49 10.89
C ASN C 43 15.20 21.18 10.33
N LEU C 44 16.50 20.98 10.49
CA LEU C 44 17.19 19.79 10.02
C LEU C 44 17.50 18.84 11.18
N ILE C 45 17.53 17.54 10.91
CA ILE C 45 17.76 16.56 11.97
C ILE C 45 18.93 15.63 11.62
N THR C 46 19.88 15.53 12.54
CA THR C 46 21.04 14.68 12.35
C THR C 46 21.13 13.65 13.47
N VAL C 47 21.38 12.40 13.12
CA VAL C 47 21.64 11.38 14.14
C VAL C 47 23.14 11.12 14.18
N ILE C 48 23.67 11.03 15.39
CA ILE C 48 25.10 10.79 15.56
C ILE C 48 25.29 9.50 16.35
N VAL C 49 25.99 8.54 15.74
CA VAL C 49 26.26 7.25 16.37
C VAL C 49 27.74 7.13 16.75
N GLU C 50 28.03 6.96 18.03
CA GLU C 50 29.40 6.72 18.47
C GLU C 50 29.63 5.24 18.76
N THR C 51 30.85 4.78 18.50
CA THR C 51 31.18 3.38 18.71
C THR C 51 32.44 3.24 19.56
N GLU C 52 32.69 2.03 20.03
CA GLU C 52 33.86 1.79 20.88
C GLU C 52 35.17 1.83 20.08
N SER C 53 35.06 1.67 18.77
CA SER C 53 36.24 1.79 17.90
C SER C 53 36.73 3.24 17.84
N GLY C 54 35.93 4.18 18.31
CA GLY C 54 36.26 5.59 18.24
C GLY C 54 35.78 6.24 16.96
N VAL C 55 35.16 5.44 16.09
CA VAL C 55 34.65 5.94 14.82
C VAL C 55 33.21 6.42 14.94
N THR C 56 32.96 7.66 14.55
CA THR C 56 31.65 8.29 14.68
C THR C 56 30.91 8.37 13.34
N GLY C 57 29.62 8.06 13.34
CA GLY C 57 28.82 8.17 12.13
C GLY C 57 27.78 9.27 12.22
N TYR C 58 27.45 9.85 11.05
CA TYR C 58 26.47 10.92 10.95
C TYR C 58 25.41 10.53 9.93
N GLY C 59 24.15 10.80 10.25
CA GLY C 59 23.06 10.42 9.36
C GLY C 59 21.95 11.46 9.33
N CYS C 60 21.13 11.42 8.28
CA CYS C 60 20.01 12.35 8.14
C CYS C 60 18.70 11.71 8.56
N ALA C 61 17.98 12.41 9.43
CA ALA C 61 16.68 11.97 9.91
C ALA C 61 15.66 13.08 9.67
N THR C 62 15.88 13.91 8.64
CA THR C 62 15.08 15.12 8.50
C THR C 62 13.63 14.93 8.02
N PHE C 63 12.70 15.07 8.97
CA PHE C 63 11.28 15.24 8.73
C PHE C 63 11.01 16.64 9.28
N GLN C 64 11.10 17.66 8.44
CA GLN C 64 11.16 19.04 8.95
C GLN C 64 9.90 19.52 9.64
N GLN C 65 8.76 18.94 9.30
CA GLN C 65 7.49 19.43 9.84
C GLN C 65 7.23 18.95 11.27
N ARG C 66 7.84 17.83 11.65
CA ARG C 66 7.67 17.30 13.01
C ARG C 66 8.98 16.91 13.68
N PRO C 67 9.97 17.82 13.73
CA PRO C 67 11.31 17.44 14.21
C PRO C 67 11.39 16.98 15.68
N LEU C 68 10.64 17.58 16.59
CA LEU C 68 10.67 17.15 17.99
C LEU C 68 10.17 15.73 18.15
N ALA C 69 9.31 15.29 17.24
CA ALA C 69 8.77 13.93 17.31
C ALA C 69 9.82 12.89 16.93
N VAL C 70 10.60 13.20 15.89
CA VAL C 70 11.71 12.35 15.50
C VAL C 70 12.78 12.30 16.62
N LYS C 71 13.07 13.45 17.22
CA LYS C 71 14.08 13.48 18.27
C LYS C 71 13.64 12.66 19.47
N THR C 72 12.35 12.75 19.81
CA THR C 72 11.82 11.94 20.91
C THR C 72 12.00 10.46 20.58
N MET C 73 11.72 10.13 19.33
CA MET C 73 11.81 8.75 18.88
C MET C 73 13.25 8.24 18.99
N VAL C 74 14.22 9.05 18.55
CA VAL C 74 15.63 8.63 18.67
C VAL C 74 16.06 8.57 20.15
N ASP C 75 15.88 9.67 20.87
CA ASP C 75 16.41 9.81 22.23
C ASP C 75 15.79 8.82 23.22
N GLU C 76 14.48 8.60 23.10
CA GLU C 76 13.76 7.84 24.12
C GLU C 76 13.63 6.35 23.79
N TYR C 77 13.78 5.98 22.52
CA TYR C 77 13.51 4.60 22.13
C TYR C 77 14.65 3.95 21.37
N LEU C 78 15.14 4.61 20.33
CA LEU C 78 16.24 4.03 19.56
C LEU C 78 17.54 4.01 20.37
N LYS C 79 17.79 5.05 21.16
CA LYS C 79 19.02 5.05 21.96
C LYS C 79 19.14 3.86 22.92
N PRO C 80 18.15 3.64 23.82
CA PRO C 80 18.34 2.50 24.74
C PRO C 80 18.29 1.14 24.04
N LEU C 81 17.70 1.09 22.85
CA LEU C 81 17.66 -0.17 22.09
C LEU C 81 19.04 -0.52 21.50
N LEU C 82 19.72 0.49 20.97
CA LEU C 82 20.93 0.27 20.15
C LEU C 82 22.24 0.25 20.93
N ILE C 83 22.28 0.96 22.06
CA ILE C 83 23.51 1.00 22.84
C ILE C 83 23.90 -0.42 23.27
N GLY C 84 25.14 -0.81 22.98
CA GLY C 84 25.62 -2.13 23.35
C GLY C 84 25.63 -3.13 22.20
N LYS C 85 24.96 -2.78 21.09
CA LYS C 85 24.85 -3.71 19.96
C LYS C 85 25.96 -3.46 18.94
N ASP C 86 26.19 -4.43 18.05
CA ASP C 86 27.29 -4.39 17.09
C ASP C 86 26.93 -3.57 15.84
N ALA C 87 27.56 -2.42 15.69
CA ALA C 87 27.30 -1.54 14.55
C ALA C 87 27.64 -2.17 13.19
N ASN C 88 28.50 -3.19 13.19
CA ASN C 88 28.90 -3.82 11.92
C ASN C 88 27.73 -4.36 11.12
N ASN C 89 26.75 -4.92 11.83
CA ASN C 89 25.66 -5.65 11.18
C ASN C 89 24.47 -4.76 10.90
N ILE C 90 24.67 -3.86 9.94
CA ILE C 90 23.68 -2.87 9.60
C ILE C 90 22.37 -3.52 9.19
N GLU C 91 22.45 -4.63 8.45
CA GLU C 91 21.25 -5.25 7.94
C GLU C 91 20.39 -5.78 9.09
N ASP C 92 20.99 -6.52 10.02
CA ASP C 92 20.21 -7.01 11.16
C ASP C 92 19.62 -5.84 11.95
N LEU C 93 20.46 -4.86 12.26
CA LEU C 93 19.99 -3.69 13.00
C LEU C 93 18.82 -3.00 12.30
N TRP C 94 18.86 -2.92 10.98
CA TRP C 94 17.76 -2.28 10.25
C TRP C 94 16.48 -3.12 10.34
N GLN C 95 16.60 -4.43 10.16
CA GLN C 95 15.43 -5.27 10.16
C GLN C 95 14.82 -5.27 11.55
N MET C 96 15.69 -5.27 12.54
CA MET C 96 15.28 -5.26 13.93
C MET C 96 14.62 -3.93 14.31
N MET C 97 15.26 -2.81 13.94
CA MET C 97 14.71 -1.49 14.22
C MET C 97 13.33 -1.28 13.59
N MET C 98 13.16 -1.74 12.36
CA MET C 98 11.89 -1.50 11.65
C MET C 98 10.68 -2.11 12.36
N VAL C 99 10.87 -3.27 12.98
CA VAL C 99 9.74 -3.96 13.61
C VAL C 99 9.73 -3.78 15.13
N ASN C 100 10.66 -2.97 15.67
CA ASN C 100 10.83 -2.91 17.13
C ASN C 100 9.64 -2.36 17.90
N ALA C 101 8.83 -1.54 17.25
CA ALA C 101 7.66 -0.97 17.92
C ALA C 101 6.39 -1.76 17.60
N TYR C 102 6.55 -2.94 17.00
CA TYR C 102 5.46 -3.75 16.43
C TYR C 102 4.77 -3.03 15.27
N TRP C 103 3.99 -2.00 15.58
CA TRP C 103 3.48 -1.15 14.50
C TRP C 103 4.67 -0.43 13.87
N ARG C 104 4.58 -0.14 12.58
CA ARG C 104 5.77 0.31 11.88
C ARG C 104 5.46 1.07 10.61
N ASN C 105 6.50 1.33 9.84
CA ASN C 105 6.43 2.23 8.70
C ASN C 105 6.05 3.65 9.19
N GLY C 106 5.80 4.56 8.28
CA GLY C 106 5.48 5.93 8.69
C GLY C 106 6.65 6.88 8.84
N PRO C 107 6.37 8.19 8.78
CA PRO C 107 7.44 9.20 8.70
C PRO C 107 8.28 9.39 9.97
N VAL C 108 7.70 9.27 11.16
CA VAL C 108 8.50 9.53 12.38
C VAL C 108 9.48 8.40 12.64
N ILE C 109 8.99 7.18 12.65
CA ILE C 109 9.86 6.04 12.90
C ILE C 109 10.91 5.89 11.80
N ASN C 110 10.50 5.94 10.54
CA ASN C 110 11.45 5.71 9.44
C ASN C 110 12.60 6.72 9.44
N ASN C 111 12.29 7.98 9.73
CA ASN C 111 13.30 9.03 9.76
C ASN C 111 14.31 8.79 10.89
N ALA C 112 13.82 8.42 12.06
CA ALA C 112 14.72 8.12 13.17
C ALA C 112 15.62 6.93 12.79
N ILE C 113 15.03 5.92 12.19
CA ILE C 113 15.80 4.74 11.79
C ILE C 113 16.80 5.11 10.70
N SER C 114 16.36 5.92 9.75
CA SER C 114 17.24 6.42 8.69
C SER C 114 18.48 7.09 9.24
N GLY C 115 18.31 7.96 10.23
CA GLY C 115 19.43 8.65 10.82
C GLY C 115 20.45 7.65 11.33
N VAL C 116 19.97 6.63 12.02
CA VAL C 116 20.85 5.57 12.54
C VAL C 116 21.47 4.77 11.38
N ASP C 117 20.63 4.30 10.48
CA ASP C 117 21.10 3.51 9.34
C ASP C 117 22.22 4.21 8.55
N MET C 118 22.03 5.49 8.23
CA MET C 118 23.02 6.26 7.48
C MET C 118 24.32 6.40 8.27
N ALA C 119 24.20 6.69 9.56
CA ALA C 119 25.38 6.80 10.40
C ALA C 119 26.14 5.47 10.48
N LEU C 120 25.41 4.35 10.48
CA LEU C 120 26.07 3.05 10.53
C LEU C 120 26.83 2.79 9.23
N TRP C 121 26.25 3.16 8.09
CA TRP C 121 26.97 3.08 6.81
C TRP C 121 28.19 4.00 6.79
N ASP C 122 28.05 5.20 7.35
CA ASP C 122 29.16 6.14 7.45
C ASP C 122 30.31 5.48 8.21
N ILE C 123 29.97 4.91 9.36
CA ILE C 123 30.97 4.22 10.19
C ILE C 123 31.65 3.07 9.42
N LYS C 124 30.86 2.26 8.73
CA LYS C 124 31.43 1.12 8.03
C LYS C 124 32.40 1.61 6.94
N ALA C 125 32.00 2.64 6.21
CA ALA C 125 32.84 3.19 5.14
C ALA C 125 34.14 3.80 5.69
N LYS C 126 34.03 4.46 6.83
CA LYS C 126 35.21 5.05 7.46
C LYS C 126 36.20 3.98 7.90
N ILE C 127 35.69 2.88 8.45
CA ILE C 127 36.53 1.77 8.90
C ILE C 127 37.17 1.08 7.70
N ALA C 128 36.40 0.93 6.63
CA ALA C 128 36.93 0.41 5.38
C ALA C 128 37.87 1.41 4.70
N ASN C 129 37.91 2.64 5.21
CA ASN C 129 38.66 3.74 4.59
C ASN C 129 38.30 3.92 3.12
N MET C 130 37.00 3.96 2.84
CA MET C 130 36.50 4.13 1.49
C MET C 130 35.40 5.19 1.43
N PRO C 131 35.24 5.87 0.27
CA PRO C 131 34.04 6.69 0.10
C PRO C 131 32.84 5.75 0.17
N LEU C 132 31.69 6.25 0.63
CA LEU C 132 30.50 5.40 0.77
C LEU C 132 30.16 4.62 -0.51
N HIS C 133 30.24 5.25 -1.68
CA HIS C 133 29.79 4.56 -2.88
C HIS C 133 30.71 3.41 -3.28
N GLN C 134 31.96 3.44 -2.82
CA GLN C 134 32.87 2.35 -3.13
C GLN C 134 32.52 1.09 -2.34
N LEU C 135 32.04 1.28 -1.11
CA LEU C 135 31.48 0.17 -0.32
C LEU C 135 30.40 -0.57 -1.10
N PHE C 136 29.53 0.20 -1.75
CA PHE C 136 28.36 -0.34 -2.43
C PHE C 136 28.75 -1.26 -3.58
N GLY C 137 29.98 -1.10 -4.07
CA GLY C 137 30.41 -1.75 -5.28
C GLY C 137 30.98 -0.78 -6.30
N GLY C 138 31.01 0.51 -5.97
CA GLY C 138 31.73 1.45 -6.81
C GLY C 138 30.85 2.16 -7.83
N LYS C 139 31.46 2.94 -8.72
CA LYS C 139 30.68 3.82 -9.59
C LYS C 139 30.08 3.08 -10.80
N SER C 140 28.92 3.54 -11.26
CA SER C 140 28.41 3.14 -12.57
C SER C 140 28.24 4.35 -13.50
N ARG C 141 28.69 5.50 -13.03
CA ARG C 141 28.76 6.72 -13.84
C ARG C 141 29.85 7.62 -13.25
N ASP C 142 30.31 8.61 -14.01
CA ASP C 142 31.35 9.51 -13.53
C ASP C 142 30.81 10.48 -12.48
N ALA C 143 29.57 10.93 -12.68
CA ALA C 143 28.93 11.89 -11.78
C ALA C 143 27.46 11.94 -12.15
N ILE C 144 26.63 12.58 -11.32
CA ILE C 144 25.20 12.57 -11.56
C ILE C 144 24.78 13.93 -12.10
N GLN C 145 23.95 13.94 -13.14
CA GLN C 145 23.42 15.20 -13.66
C GLN C 145 22.50 15.81 -12.62
N VAL C 146 22.33 17.13 -12.68
CA VAL C 146 21.59 17.87 -11.66
C VAL C 146 20.54 18.77 -12.31
N TYR C 147 19.34 18.84 -11.73
CA TYR C 147 18.36 19.84 -12.15
C TYR C 147 18.15 20.91 -11.07
N THR C 148 17.93 22.14 -11.50
CA THR C 148 17.71 23.21 -10.55
C THR C 148 16.26 23.69 -10.68
N HIS C 149 15.91 24.72 -9.92
CA HIS C 149 14.53 25.15 -9.83
C HIS C 149 14.38 26.62 -10.19
N ALA C 150 13.44 26.92 -11.10
CA ALA C 150 13.13 28.29 -11.45
C ALA C 150 11.65 28.53 -11.20
N THR C 151 11.34 29.54 -10.39
CA THR C 151 9.94 29.84 -10.06
C THR C 151 9.72 31.35 -10.06
N SER C 152 8.68 31.82 -10.73
CA SER C 152 8.42 33.26 -10.80
C SER C 152 6.95 33.54 -11.09
N ASP C 153 6.47 34.72 -10.71
CA ASP C 153 5.09 35.08 -11.00
C ASP C 153 4.91 35.65 -12.41
N THR C 154 6.01 35.88 -13.12
CA THR C 154 5.95 36.30 -14.52
C THR C 154 6.89 35.47 -15.41
N MET C 155 6.61 35.44 -16.71
CA MET C 155 7.48 34.73 -17.65
C MET C 155 8.87 35.36 -17.72
N GLU C 156 8.93 36.69 -17.70
CA GLU C 156 10.22 37.38 -17.77
C GLU C 156 11.08 37.06 -16.55
N GLY C 157 10.43 36.94 -15.39
CA GLY C 157 11.12 36.52 -14.18
C GLY C 157 11.66 35.11 -14.32
N LEU C 158 10.87 34.24 -14.96
CA LEU C 158 11.33 32.88 -15.25
C LEU C 158 12.56 32.90 -16.15
N TYR C 159 12.45 33.61 -17.27
CA TYR C 159 13.52 33.73 -18.25
C TYR C 159 14.81 34.19 -17.58
N GLU C 160 14.66 35.10 -16.63
CA GLU C 160 15.78 35.64 -15.90
C GLU C 160 16.53 34.52 -15.17
N GLN C 161 15.79 33.69 -14.44
CA GLN C 161 16.39 32.59 -13.71
C GLN C 161 16.94 31.51 -14.63
N VAL C 162 16.18 31.17 -15.67
CA VAL C 162 16.61 30.16 -16.64
C VAL C 162 17.92 30.56 -17.33
N ASP C 163 18.02 31.80 -17.78
CA ASP C 163 19.23 32.29 -18.44
C ASP C 163 20.46 32.15 -17.54
N LYS C 164 20.28 32.44 -16.26
CA LYS C 164 21.36 32.34 -15.28
C LYS C 164 21.80 30.89 -15.09
N TYR C 165 20.83 30.00 -14.96
CA TYR C 165 21.12 28.58 -14.76
C TYR C 165 21.82 27.96 -15.98
N LEU C 166 21.28 28.23 -17.17
CA LEU C 166 21.88 27.74 -18.41
C LEU C 166 23.33 28.19 -18.51
N GLU C 167 23.58 29.43 -18.11
CA GLU C 167 24.92 29.97 -18.22
C GLU C 167 25.86 29.27 -17.21
N GLN C 168 25.28 28.74 -16.14
CA GLN C 168 26.05 28.00 -15.12
C GLN C 168 26.28 26.54 -15.50
N GLY C 169 25.70 26.09 -16.61
CA GLY C 169 25.96 24.75 -17.09
C GLY C 169 24.87 23.73 -16.86
N TYR C 170 23.78 24.13 -16.20
CA TYR C 170 22.66 23.22 -16.02
C TYR C 170 21.99 22.91 -17.34
N GLN C 171 21.53 21.67 -17.52
CA GLN C 171 20.86 21.26 -18.74
C GLN C 171 19.42 20.85 -18.43
N HIS C 172 19.06 20.92 -17.16
CA HIS C 172 17.75 20.49 -16.69
C HIS C 172 17.26 21.52 -15.69
N ILE C 173 16.08 22.07 -15.92
CA ILE C 173 15.55 23.07 -15.00
C ILE C 173 14.09 22.76 -14.75
N ARG C 174 13.71 22.72 -13.49
N ARG C 174 13.71 22.73 -13.47
CA ARG C 174 12.31 22.57 -13.14
CA ARG C 174 12.30 22.56 -13.15
C ARG C 174 11.68 23.95 -13.08
C ARG C 174 11.67 23.94 -13.07
N CYS C 175 10.71 24.19 -13.94
CA CYS C 175 10.11 25.51 -14.08
C CYS C 175 8.67 25.55 -13.58
N GLN C 176 8.30 26.70 -13.01
CA GLN C 176 6.96 26.92 -12.53
C GLN C 176 6.60 28.38 -12.67
N LEU C 177 5.53 28.66 -13.42
CA LEU C 177 5.01 30.01 -13.53
C LEU C 177 3.91 30.18 -12.49
N GLY C 178 4.04 31.24 -11.68
CA GLY C 178 3.04 31.55 -10.68
C GLY C 178 3.30 30.91 -9.33
N PHE C 179 2.79 31.53 -8.28
CA PHE C 179 2.82 30.96 -6.93
C PHE C 179 1.39 30.62 -6.52
N TYR C 180 1.21 29.47 -5.87
CA TYR C 180 -0.14 28.97 -5.58
C TYR C 180 -0.34 28.74 -4.09
N GLY C 181 -1.23 29.54 -3.50
CA GLY C 181 -1.52 29.48 -2.08
C GLY C 181 -1.80 30.85 -1.50
N GLY C 182 -2.04 30.91 -0.20
CA GLY C 182 -2.26 32.17 0.48
C GLY C 182 -3.70 32.65 0.44
N VAL C 183 -3.90 33.94 0.69
CA VAL C 183 -5.24 34.51 0.68
C VAL C 183 -5.87 34.39 -0.71
N PRO C 184 -7.16 34.07 -0.75
CA PRO C 184 -7.90 33.89 -2.02
C PRO C 184 -8.18 35.20 -2.78
N GLU C 185 -7.14 35.88 -3.24
CA GLU C 185 -7.32 37.22 -3.83
C GLU C 185 -8.11 37.28 -5.15
N ASN C 186 -7.77 36.42 -6.12
CA ASN C 186 -8.51 36.38 -7.39
C ASN C 186 -9.29 35.07 -7.55
N ILE C 187 -10.02 34.70 -6.49
CA ILE C 187 -10.65 33.39 -6.41
C ILE C 187 -12.06 33.51 -5.84
N GLN C 188 -13.04 32.96 -6.55
CA GLN C 188 -14.43 33.06 -6.10
C GLN C 188 -14.72 31.97 -5.07
N THR C 189 -14.56 32.32 -3.79
CA THR C 189 -14.83 31.42 -2.69
C THR C 189 -16.24 31.64 -2.18
N ALA C 190 -16.64 30.83 -1.22
CA ALA C 190 -17.87 31.09 -0.47
C ALA C 190 -17.71 32.40 0.30
N GLN C 191 -18.82 32.92 0.82
CA GLN C 191 -18.87 34.20 1.50
C GLN C 191 -17.81 34.43 2.60
N ASN C 192 -17.69 33.48 3.51
CA ASN C 192 -16.76 33.63 4.62
C ASN C 192 -15.83 32.43 4.61
N PRO C 193 -14.83 32.43 3.72
CA PRO C 193 -14.03 31.23 3.46
C PRO C 193 -13.27 30.80 4.70
N THR C 194 -13.24 29.51 4.96
CA THR C 194 -12.50 28.96 6.09
C THR C 194 -11.01 29.26 5.93
N GLN C 195 -10.35 29.60 7.02
CA GLN C 195 -8.92 29.87 7.04
C GLN C 195 -8.07 28.78 6.39
N GLY C 196 -7.19 29.18 5.47
CA GLY C 196 -6.36 28.24 4.75
C GLY C 196 -5.55 28.89 3.65
N SER C 197 -4.82 28.06 2.91
CA SER C 197 -3.97 28.53 1.83
C SER C 197 -4.64 28.16 0.50
N TYR C 198 -5.21 29.16 -0.17
CA TYR C 198 -6.10 28.94 -1.31
C TYR C 198 -5.45 28.95 -2.69
N TYR C 199 -5.94 28.08 -3.57
CA TYR C 199 -5.55 28.14 -4.97
C TYR C 199 -6.69 27.62 -5.83
N ASP C 200 -6.61 27.90 -7.12
CA ASP C 200 -7.58 27.43 -8.08
C ASP C 200 -6.85 26.48 -9.05
N GLN C 201 -7.32 25.25 -9.15
CA GLN C 201 -6.63 24.25 -9.97
C GLN C 201 -6.65 24.63 -11.43
N ASP C 202 -7.71 25.30 -11.89
CA ASP C 202 -7.79 25.66 -13.30
C ASP C 202 -6.80 26.77 -13.66
N GLN C 203 -6.60 27.72 -12.74
CA GLN C 203 -5.62 28.79 -12.96
C GLN C 203 -4.24 28.18 -13.02
N TYR C 204 -3.99 27.23 -12.13
CA TYR C 204 -2.71 26.55 -12.06
C TYR C 204 -2.43 25.81 -13.38
N ILE C 205 -3.40 25.05 -13.87
CA ILE C 205 -3.23 24.32 -15.13
C ILE C 205 -3.02 25.29 -16.29
N GLU C 206 -3.84 26.34 -16.34
CA GLU C 206 -3.75 27.29 -17.43
C GLU C 206 -2.36 27.97 -17.49
N ASN C 207 -1.86 28.38 -16.34
CA ASN C 207 -0.54 29.03 -16.27
C ASN C 207 0.59 28.08 -16.66
N THR C 208 0.49 26.83 -16.22
CA THR C 208 1.53 25.84 -16.49
C THR C 208 1.60 25.45 -17.97
N VAL C 209 0.43 25.33 -18.60
CA VAL C 209 0.40 25.01 -20.02
C VAL C 209 1.00 26.17 -20.80
N GLU C 210 0.57 27.39 -20.47
CA GLU C 210 1.09 28.58 -21.11
C GLU C 210 2.61 28.67 -20.91
N MET C 211 3.06 28.38 -19.69
CA MET C 211 4.49 28.43 -19.37
C MET C 211 5.31 27.52 -20.27
N PHE C 212 4.86 26.26 -20.40
CA PHE C 212 5.52 25.30 -21.28
C PHE C 212 5.56 25.80 -22.71
N LYS C 213 4.41 26.26 -23.20
CA LYS C 213 4.32 26.81 -24.53
C LYS C 213 5.34 27.94 -24.72
N ASN C 214 5.39 28.87 -23.78
CA ASN C 214 6.29 30.02 -23.86
C ASN C 214 7.77 29.62 -23.84
N LEU C 215 8.10 28.68 -22.97
CA LEU C 215 9.49 28.24 -22.85
C LEU C 215 9.98 27.55 -24.12
N ARG C 216 9.14 26.75 -24.76
CA ARG C 216 9.53 26.06 -25.99
C ARG C 216 9.68 27.05 -27.15
N GLU C 217 8.82 28.07 -27.17
CA GLU C 217 8.94 29.10 -28.19
C GLU C 217 10.26 29.86 -28.07
N LYS C 218 10.63 30.21 -26.83
CA LYS C 218 11.83 31.00 -26.61
C LYS C 218 13.12 30.16 -26.65
N TYR C 219 13.09 28.99 -26.00
CA TYR C 219 14.29 28.19 -25.83
C TYR C 219 14.37 26.94 -26.71
N GLY C 220 13.26 26.54 -27.33
CA GLY C 220 13.23 25.34 -28.15
C GLY C 220 13.65 24.11 -27.37
N LYS C 221 14.67 23.41 -27.86
CA LYS C 221 15.15 22.20 -27.21
C LYS C 221 16.49 22.42 -26.50
N GLN C 222 16.76 23.66 -26.10
CA GLN C 222 18.03 24.00 -25.43
C GLN C 222 18.23 23.28 -24.10
N PHE C 223 17.17 23.10 -23.34
CA PHE C 223 17.29 22.41 -22.05
C PHE C 223 16.09 21.52 -21.75
N HIS C 224 16.25 20.64 -20.76
CA HIS C 224 15.16 19.76 -20.35
C HIS C 224 14.29 20.51 -19.33
N ILE C 225 12.98 20.53 -19.56
CA ILE C 225 12.08 21.23 -18.67
C ILE C 225 11.36 20.24 -17.77
N LEU C 226 11.45 20.44 -16.45
CA LEU C 226 10.73 19.60 -15.49
C LEU C 226 9.63 20.43 -14.86
N HIS C 227 8.58 19.77 -14.37
CA HIS C 227 7.53 20.49 -13.64
C HIS C 227 6.93 19.61 -12.56
N ASP C 228 6.74 20.21 -11.39
CA ASP C 228 6.20 19.51 -10.22
C ASP C 228 4.74 19.93 -9.97
N VAL C 229 3.81 19.03 -10.25
CA VAL C 229 2.38 19.24 -10.01
C VAL C 229 2.05 19.22 -8.53
N HIS C 230 2.89 18.54 -7.75
CA HIS C 230 2.78 18.57 -6.29
C HIS C 230 1.38 18.22 -5.80
N GLU C 231 0.81 17.15 -6.38
CA GLU C 231 -0.50 16.60 -6.02
C GLU C 231 -1.65 17.63 -5.96
N ARG C 232 -1.56 18.66 -6.78
CA ARG C 232 -2.55 19.74 -6.79
C ARG C 232 -3.87 19.39 -7.44
N LEU C 233 -3.91 18.29 -8.19
CA LEU C 233 -5.01 18.04 -9.11
C LEU C 233 -5.85 16.81 -8.75
N PHE C 234 -7.11 16.82 -9.20
CA PHE C 234 -7.96 15.62 -9.19
C PHE C 234 -7.58 14.74 -10.39
N PRO C 235 -7.94 13.44 -10.37
CA PRO C 235 -7.51 12.58 -11.47
C PRO C 235 -7.96 13.03 -12.87
N ASN C 236 -9.18 13.54 -13.01
CA ASN C 236 -9.59 13.94 -14.35
C ASN C 236 -8.77 15.14 -14.84
N GLN C 237 -8.38 15.99 -13.89
CA GLN C 237 -7.53 17.13 -14.20
C GLN C 237 -6.13 16.67 -14.59
N ALA C 238 -5.61 15.69 -13.88
CA ALA C 238 -4.29 15.16 -14.17
C ALA C 238 -4.25 14.57 -15.59
N ILE C 239 -5.30 13.84 -15.96
CA ILE C 239 -5.34 13.21 -17.27
C ILE C 239 -5.43 14.28 -18.36
N GLN C 240 -6.26 15.30 -18.13
CA GLN C 240 -6.36 16.41 -19.08
C GLN C 240 -5.01 17.10 -19.23
N PHE C 241 -4.38 17.39 -18.09
CA PHE C 241 -3.08 18.08 -18.10
C PHE C 241 -2.01 17.28 -18.85
N ALA C 242 -1.96 15.97 -18.64
CA ALA C 242 -0.96 15.14 -19.31
C ALA C 242 -1.12 15.27 -20.83
N LYS C 243 -2.35 15.26 -21.33
CA LYS C 243 -2.56 15.40 -22.78
C LYS C 243 -2.24 16.80 -23.26
N GLN C 244 -2.42 17.79 -22.41
CA GLN C 244 -2.13 19.17 -22.76
C GLN C 244 -0.62 19.46 -22.87
N ILE C 245 0.20 18.81 -22.03
CA ILE C 245 1.63 19.14 -22.06
C ILE C 245 2.55 18.09 -22.68
N GLU C 246 2.01 16.94 -23.05
CA GLU C 246 2.85 15.85 -23.55
C GLU C 246 3.66 16.29 -24.77
N GLN C 247 3.10 17.19 -25.57
CA GLN C 247 3.74 17.62 -26.81
C GLN C 247 5.02 18.39 -26.52
N TYR C 248 5.15 18.91 -25.31
CA TYR C 248 6.31 19.72 -24.94
C TYR C 248 7.46 18.86 -24.40
N ASN C 249 7.22 17.56 -24.33
CA ASN C 249 8.23 16.59 -23.89
C ASN C 249 8.95 16.98 -22.59
N PRO C 250 8.19 17.16 -21.51
CA PRO C 250 8.90 17.43 -20.25
C PRO C 250 9.77 16.24 -19.85
N PHE C 251 10.92 16.52 -19.26
CA PHE C 251 11.85 15.49 -18.81
C PHE C 251 11.13 14.62 -17.79
N PHE C 252 10.42 15.27 -16.87
CA PHE C 252 9.34 14.59 -16.16
C PHE C 252 8.32 15.55 -15.61
N ILE C 253 7.10 15.04 -15.48
CA ILE C 253 6.06 15.71 -14.74
C ILE C 253 5.98 14.97 -13.42
N GLU C 254 6.20 15.70 -12.32
CA GLU C 254 6.31 15.10 -10.99
C GLU C 254 5.02 15.19 -10.17
N ASP C 255 4.72 14.14 -9.40
CA ASP C 255 3.57 14.11 -8.48
C ASP C 255 2.26 14.61 -9.09
N ILE C 256 1.89 14.03 -10.25
CA ILE C 256 0.69 14.46 -10.96
C ILE C 256 -0.56 14.00 -10.21
N LEU C 257 -0.38 13.05 -9.28
CA LEU C 257 -1.45 12.56 -8.44
C LEU C 257 -0.91 12.34 -7.05
N PRO C 258 -1.78 12.32 -6.04
CA PRO C 258 -1.33 11.98 -4.68
C PRO C 258 -1.07 10.47 -4.59
N PRO C 259 -0.33 10.02 -3.55
CA PRO C 259 0.01 8.60 -3.40
C PRO C 259 -1.17 7.65 -3.39
N SER C 260 -2.31 8.09 -2.87
CA SER C 260 -3.48 7.24 -2.69
C SER C 260 -4.27 7.03 -3.98
N GLN C 261 -3.89 7.71 -5.06
CA GLN C 261 -4.68 7.65 -6.28
C GLN C 261 -3.86 7.22 -7.50
N THR C 262 -2.76 6.52 -7.29
CA THR C 262 -1.87 6.23 -8.42
C THR C 262 -2.37 5.16 -9.39
N GLU C 263 -3.44 4.46 -9.04
CA GLU C 263 -4.03 3.54 -10.01
C GLU C 263 -4.63 4.30 -11.18
N TRP C 264 -4.97 5.58 -10.95
CA TRP C 264 -5.46 6.46 -11.99
C TRP C 264 -4.40 6.74 -13.06
N LEU C 265 -3.14 6.40 -12.76
CA LEU C 265 -2.05 6.59 -13.72
C LEU C 265 -2.21 5.65 -14.91
N ASP C 266 -2.88 4.53 -14.72
CA ASP C 266 -3.13 3.64 -15.88
C ASP C 266 -3.90 4.37 -16.99
N ASN C 267 -4.87 5.20 -16.60
CA ASN C 267 -5.64 5.99 -17.57
C ASN C 267 -4.68 6.88 -18.37
N ILE C 268 -3.71 7.48 -17.67
CA ILE C 268 -2.70 8.31 -18.33
C ILE C 268 -1.73 7.47 -19.21
N ARG C 269 -1.20 6.39 -18.65
CA ARG C 269 -0.23 5.57 -19.38
C ARG C 269 -0.79 4.96 -20.67
N ASN C 270 -2.09 4.72 -20.71
CA ASN C 270 -2.72 4.06 -21.86
C ASN C 270 -2.96 5.00 -23.04
N GLN C 271 -2.78 6.30 -22.82
CA GLN C 271 -3.16 7.26 -23.87
C GLN C 271 -2.19 8.44 -24.01
N SER C 272 -1.16 8.49 -23.17
CA SER C 272 -0.24 9.61 -23.20
C SER C 272 1.21 9.14 -23.12
N SER C 273 2.09 9.89 -23.78
CA SER C 273 3.51 9.60 -23.75
C SER C 273 4.25 10.37 -22.66
N VAL C 274 3.54 11.19 -21.89
CA VAL C 274 4.21 12.08 -20.94
C VAL C 274 5.07 11.29 -19.97
N SER C 275 6.26 11.83 -19.66
CA SER C 275 7.17 11.20 -18.74
C SER C 275 6.77 11.57 -17.31
N LEU C 276 6.70 10.57 -16.42
CA LEU C 276 6.19 10.75 -15.05
C LEU C 276 7.20 10.42 -13.95
N ALA C 277 7.17 11.21 -12.88
CA ALA C 277 7.96 10.95 -11.68
C ALA C 277 7.02 11.01 -10.49
N LEU C 278 7.27 10.17 -9.48
CA LEU C 278 6.41 10.20 -8.30
C LEU C 278 7.06 9.51 -7.11
N GLY C 279 6.73 9.95 -5.91
CA GLY C 279 7.08 9.13 -4.76
C GLY C 279 7.77 9.80 -3.61
N GLU C 280 7.99 11.11 -3.68
CA GLU C 280 8.63 11.80 -2.56
C GLU C 280 7.88 11.63 -1.23
N LEU C 281 6.58 11.35 -1.31
CA LEU C 281 5.74 11.26 -0.10
C LEU C 281 5.74 9.86 0.53
N PHE C 282 6.31 8.88 -0.17
CA PHE C 282 6.19 7.47 0.22
C PHE C 282 6.90 7.15 1.54
N ASN C 283 6.23 6.42 2.41
CA ASN C 283 6.91 5.88 3.60
C ASN C 283 6.38 4.50 3.97
N ASN C 284 5.82 3.80 2.99
CA ASN C 284 5.35 2.45 3.19
C ASN C 284 5.52 1.73 1.86
N PRO C 285 6.15 0.54 1.86
CA PRO C 285 6.40 -0.15 0.58
C PRO C 285 5.15 -0.42 -0.26
N GLU C 286 4.00 -0.56 0.38
CA GLU C 286 2.76 -0.79 -0.38
C GLU C 286 2.44 0.39 -1.28
N GLU C 287 3.00 1.55 -0.97
CA GLU C 287 2.77 2.72 -1.81
C GLU C 287 3.51 2.64 -3.16
N TRP C 288 4.60 1.88 -3.21
CA TRP C 288 5.38 1.87 -4.46
C TRP C 288 5.38 0.56 -5.24
N LYS C 289 5.06 -0.57 -4.61
CA LYS C 289 5.25 -1.86 -5.30
C LYS C 289 4.42 -1.98 -6.58
N ALA C 290 3.11 -1.80 -6.45
CA ALA C 290 2.23 -1.88 -7.59
C ALA C 290 2.54 -0.77 -8.60
N LEU C 291 2.97 0.38 -8.09
CA LEU C 291 3.39 1.50 -8.94
C LEU C 291 4.47 1.06 -9.92
N ILE C 292 5.52 0.47 -9.38
CA ILE C 292 6.69 0.06 -10.13
C ILE C 292 6.40 -1.18 -10.98
N ILE C 293 5.72 -2.16 -10.38
CA ILE C 293 5.39 -3.41 -11.09
C ILE C 293 4.58 -3.14 -12.36
N ASN C 294 3.67 -2.17 -12.28
CA ASN C 294 2.84 -1.80 -13.42
C ASN C 294 3.40 -0.68 -14.28
N ARG C 295 4.66 -0.30 -14.01
CA ARG C 295 5.36 0.70 -14.82
C ARG C 295 4.56 2.00 -14.88
N ARG C 296 3.98 2.39 -13.76
CA ARG C 296 3.12 3.56 -13.76
C ARG C 296 3.90 4.86 -13.78
N VAL C 297 5.16 4.82 -13.39
CA VAL C 297 6.02 6.00 -13.52
C VAL C 297 7.34 5.63 -14.15
N ASP C 298 8.07 6.66 -14.60
CA ASP C 298 9.35 6.46 -15.23
C ASP C 298 10.47 6.72 -14.25
N PHE C 299 10.20 7.52 -13.21
CA PHE C 299 11.17 7.84 -12.18
C PHE C 299 10.55 7.73 -10.80
N ILE C 300 11.23 7.06 -9.88
CA ILE C 300 10.83 7.02 -8.49
C ILE C 300 11.49 8.22 -7.78
N ARG C 301 10.75 8.87 -6.88
CA ARG C 301 11.21 10.13 -6.30
C ARG C 301 11.32 10.06 -4.77
N CYS C 302 11.44 8.86 -4.21
CA CYS C 302 11.43 8.72 -2.76
C CYS C 302 12.42 9.60 -2.02
N HIS C 303 12.01 10.02 -0.82
CA HIS C 303 12.87 10.72 0.12
C HIS C 303 13.56 9.62 0.94
N VAL C 304 14.89 9.50 0.79
CA VAL C 304 15.61 8.36 1.36
C VAL C 304 15.35 8.18 2.86
N SER C 305 15.32 9.27 3.61
CA SER C 305 15.05 9.13 5.03
C SER C 305 13.61 8.72 5.34
N GLN C 306 12.66 9.06 4.45
CA GLN C 306 11.27 8.65 4.65
C GLN C 306 11.06 7.15 4.46
N ILE C 307 11.93 6.49 3.70
CA ILE C 307 11.80 5.04 3.52
C ILE C 307 12.67 4.23 4.47
N GLY C 308 13.43 4.92 5.32
CA GLY C 308 14.21 4.22 6.33
C GLY C 308 15.71 4.16 6.10
N GLY C 309 16.22 4.92 5.12
CA GLY C 309 17.67 5.07 4.99
C GLY C 309 18.31 4.42 3.78
N ILE C 310 19.63 4.23 3.85
CA ILE C 310 20.41 3.66 2.75
C ILE C 310 20.01 2.22 2.52
N THR C 311 19.86 1.47 3.60
CA THR C 311 19.57 0.04 3.49
C THR C 311 18.33 -0.27 2.61
N PRO C 312 17.19 0.38 2.88
CA PRO C 312 16.08 0.15 1.93
C PRO C 312 16.22 0.88 0.60
N ALA C 313 17.00 1.96 0.54
CA ALA C 313 17.18 2.68 -0.72
C ALA C 313 17.92 1.84 -1.76
N LEU C 314 18.92 1.08 -1.32
CA LEU C 314 19.63 0.16 -2.22
C LEU C 314 18.68 -0.93 -2.75
N LYS C 315 17.85 -1.49 -1.89
CA LYS C 315 16.93 -2.54 -2.32
C LYS C 315 15.91 -1.99 -3.30
N LEU C 316 15.44 -0.78 -3.04
CA LEU C 316 14.40 -0.19 -3.88
C LEU C 316 14.99 0.14 -5.26
N GLY C 317 16.20 0.69 -5.27
CA GLY C 317 16.92 0.93 -6.51
C GLY C 317 17.05 -0.34 -7.34
N HIS C 318 17.44 -1.44 -6.70
CA HIS C 318 17.54 -2.72 -7.38
C HIS C 318 16.17 -3.19 -7.87
N PHE C 319 15.14 -2.99 -7.06
CA PHE C 319 13.79 -3.39 -7.40
C PHE C 319 13.33 -2.65 -8.66
N CYS C 320 13.50 -1.33 -8.64
CA CYS C 320 13.19 -0.48 -9.79
C CYS C 320 13.96 -0.87 -11.04
N GLU C 321 15.22 -1.23 -10.87
CA GLU C 321 16.07 -1.55 -12.01
C GLU C 321 15.53 -2.76 -12.80
N SER C 322 14.98 -3.74 -12.10
CA SER C 322 14.46 -4.93 -12.78
C SER C 322 13.25 -4.59 -13.64
N PHE C 323 12.49 -3.58 -13.22
CA PHE C 323 11.31 -3.14 -13.99
C PHE C 323 11.63 -2.00 -14.98
N GLY C 324 12.88 -1.57 -15.05
CA GLY C 324 13.26 -0.52 -15.97
C GLY C 324 12.91 0.89 -15.49
N VAL C 325 12.59 1.02 -14.22
CA VAL C 325 12.26 2.32 -13.63
C VAL C 325 13.53 2.98 -13.08
N ARG C 326 13.72 4.27 -13.37
CA ARG C 326 14.93 4.98 -12.93
C ARG C 326 14.70 5.84 -11.68
N ILE C 327 15.79 6.36 -11.13
CA ILE C 327 15.72 6.94 -9.80
C ILE C 327 16.07 8.42 -9.79
N ALA C 328 15.25 9.19 -9.08
CA ALA C 328 15.50 10.61 -8.86
C ALA C 328 15.12 10.92 -7.43
N TRP C 329 15.96 10.53 -6.47
CA TRP C 329 15.61 10.70 -5.06
C TRP C 329 15.29 12.16 -4.76
N HIS C 330 14.32 12.37 -3.88
CA HIS C 330 13.91 13.68 -3.45
C HIS C 330 15.08 14.36 -2.72
N CYS C 331 15.46 15.53 -3.19
CA CYS C 331 16.53 16.31 -2.56
C CYS C 331 16.08 17.74 -2.36
N PRO C 332 15.25 17.99 -1.34
CA PRO C 332 14.73 19.33 -1.08
C PRO C 332 15.68 20.07 -0.14
N PRO C 333 15.44 21.37 0.12
CA PRO C 333 16.28 22.08 1.08
C PRO C 333 16.08 21.56 2.50
N ASP C 334 14.92 20.96 2.78
CA ASP C 334 14.66 20.38 4.10
C ASP C 334 15.25 18.98 4.20
N MET C 335 16.59 18.94 4.18
CA MET C 335 17.37 17.73 4.23
C MET C 335 18.79 18.20 4.54
N THR C 336 19.50 17.47 5.38
CA THR C 336 20.88 17.86 5.69
C THR C 336 21.76 17.63 4.46
N PRO C 337 22.84 18.42 4.34
CA PRO C 337 23.87 18.16 3.34
C PRO C 337 24.46 16.76 3.49
N ILE C 338 24.35 16.17 4.68
CA ILE C 338 24.77 14.80 4.87
C ILE C 338 23.87 13.90 4.02
N GLY C 339 22.57 14.15 4.08
CA GLY C 339 21.62 13.40 3.27
C GLY C 339 21.83 13.56 1.78
N ALA C 340 22.21 14.77 1.37
CA ALA C 340 22.49 15.04 -0.03
C ALA C 340 23.71 14.25 -0.50
N ALA C 341 24.77 14.26 0.31
CA ALA C 341 25.98 13.52 -0.03
C ALA C 341 25.67 12.04 -0.16
N VAL C 342 24.88 11.52 0.78
CA VAL C 342 24.45 10.12 0.71
C VAL C 342 23.75 9.87 -0.62
N ASN C 343 22.83 10.76 -0.97
CA ASN C 343 22.12 10.58 -2.25
C ASN C 343 23.04 10.59 -3.47
N THR C 344 24.09 11.41 -3.44
CA THR C 344 25.05 11.43 -4.52
C THR C 344 25.88 10.14 -4.55
N HIS C 345 26.19 9.60 -3.37
CA HIS C 345 26.84 8.29 -3.31
C HIS C 345 25.95 7.21 -3.94
N LEU C 346 24.68 7.18 -3.57
CA LEU C 346 23.74 6.26 -4.21
C LEU C 346 23.61 6.52 -5.71
N ASN C 347 23.62 7.80 -6.10
CA ASN C 347 23.41 8.16 -7.50
C ASN C 347 24.56 7.79 -8.43
N VAL C 348 25.79 7.79 -7.93
CA VAL C 348 26.91 7.41 -8.78
C VAL C 348 27.09 5.90 -8.78
N HIS C 349 26.47 5.23 -7.81
CA HIS C 349 26.53 3.78 -7.76
C HIS C 349 25.40 3.07 -8.50
N LEU C 350 24.15 3.38 -8.16
CA LEU C 350 23.03 2.63 -8.74
C LEU C 350 22.96 2.91 -10.24
N HIS C 351 22.95 1.85 -11.05
CA HIS C 351 23.06 2.04 -12.48
C HIS C 351 21.84 2.78 -13.04
N ASN C 352 20.69 2.59 -12.39
CA ASN C 352 19.45 3.19 -12.88
C ASN C 352 19.14 4.54 -12.25
N ALA C 353 20.13 5.12 -11.55
CA ALA C 353 19.96 6.50 -11.06
C ALA C 353 20.01 7.46 -12.25
N ALA C 354 19.20 8.52 -12.20
CA ALA C 354 19.07 9.39 -13.37
C ALA C 354 19.52 10.83 -13.16
N ILE C 355 19.07 11.45 -12.06
CA ILE C 355 19.33 12.86 -11.88
C ILE C 355 19.15 13.22 -10.41
N GLN C 356 19.85 14.26 -9.95
CA GLN C 356 19.72 14.73 -8.57
C GLN C 356 19.29 16.19 -8.51
N GLU C 357 18.34 16.46 -7.62
CA GLU C 357 17.77 17.78 -7.43
C GLU C 357 18.81 18.68 -6.79
N HIS C 358 18.92 19.93 -7.27
CA HIS C 358 19.87 20.95 -6.79
C HIS C 358 19.38 21.66 -5.54
N VAL C 359 20.23 21.75 -4.53
CA VAL C 359 19.95 22.52 -3.33
C VAL C 359 21.12 23.47 -3.09
N GLU C 360 20.91 24.77 -3.30
CA GLU C 360 21.96 25.74 -3.00
C GLU C 360 22.06 25.95 -1.50
N TYR C 361 23.24 25.75 -0.93
CA TYR C 361 23.43 25.87 0.52
C TYR C 361 23.91 27.25 0.93
N LYS C 362 23.26 27.82 1.94
CA LYS C 362 23.63 29.15 2.41
C LYS C 362 24.73 29.06 3.47
N ALA C 363 25.31 30.20 3.80
CA ALA C 363 26.49 30.25 4.66
C ALA C 363 26.33 29.49 5.98
N ASN C 364 25.21 29.70 6.68
CA ASN C 364 24.98 29.07 7.97
C ASN C 364 24.93 27.55 7.86
N THR C 365 24.25 27.05 6.83
CA THR C 365 24.17 25.61 6.62
C THR C 365 25.55 25.04 6.27
N GLN C 366 26.33 25.80 5.48
CA GLN C 366 27.67 25.36 5.10
C GLN C 366 28.59 25.30 6.31
N ARG C 367 28.41 26.21 7.25
N ARG C 367 28.39 26.22 7.24
CA ARG C 367 29.21 26.20 8.47
CA ARG C 367 29.17 26.24 8.46
C ARG C 367 28.87 25.00 9.34
C ARG C 367 28.86 25.04 9.34
N VAL C 368 27.57 24.71 9.44
CA VAL C 368 27.13 23.58 10.27
C VAL C 368 27.50 22.25 9.62
N PHE C 369 27.45 22.20 8.29
CA PHE C 369 27.81 20.97 7.57
C PHE C 369 28.92 21.23 6.56
N PRO C 370 30.17 21.26 7.02
CA PRO C 370 31.28 21.69 6.15
C PRO C 370 31.51 20.76 4.96
N ASN C 371 32.01 21.32 3.86
CA ASN C 371 32.44 20.56 2.68
C ASN C 371 31.33 19.96 1.83
N ALA C 372 30.13 20.54 1.89
CA ALA C 372 29.02 20.05 1.10
C ALA C 372 29.27 20.33 -0.38
N ALA C 373 29.16 19.29 -1.19
CA ALA C 373 29.38 19.44 -2.63
C ALA C 373 28.33 20.35 -3.28
N GLU C 374 28.76 21.07 -4.32
CA GLU C 374 27.86 21.90 -5.11
C GLU C 374 27.99 21.48 -6.57
N PRO C 375 26.93 21.70 -7.38
CA PRO C 375 27.03 21.20 -8.76
C PRO C 375 28.12 21.94 -9.51
N ILE C 376 28.85 21.24 -10.37
CA ILE C 376 29.85 21.85 -11.23
C ILE C 376 29.48 21.54 -12.68
N ASN C 377 29.11 22.57 -13.43
CA ASN C 377 28.69 22.42 -14.82
C ASN C 377 27.59 21.36 -14.96
N GLY C 378 26.58 21.44 -14.10
CA GLY C 378 25.43 20.56 -14.20
C GLY C 378 25.61 19.16 -13.64
N TYR C 379 26.72 18.94 -12.95
CA TYR C 379 27.01 17.61 -12.38
C TYR C 379 27.31 17.69 -10.88
N LEU C 380 26.82 16.71 -10.13
CA LEU C 380 27.25 16.57 -8.74
C LEU C 380 28.21 15.41 -8.65
N TYR C 381 29.35 15.63 -8.02
CA TYR C 381 30.38 14.59 -7.87
C TYR C 381 30.33 13.98 -6.48
N ALA C 382 30.43 12.65 -6.40
CA ALA C 382 30.44 11.98 -5.11
C ALA C 382 31.69 12.38 -4.35
N SER C 383 31.56 12.40 -3.02
CA SER C 383 32.70 12.65 -2.17
C SER C 383 33.71 11.53 -2.34
N GLU C 384 35.00 11.82 -2.19
CA GLU C 384 36.05 10.80 -2.38
C GLU C 384 36.88 10.50 -1.14
N ILE C 385 36.52 11.09 0.00
CA ILE C 385 37.21 10.76 1.25
C ILE C 385 36.50 9.58 1.93
N ALA C 386 37.05 9.09 3.05
CA ALA C 386 36.41 7.96 3.72
C ALA C 386 35.06 8.34 4.33
N GLY C 387 34.09 7.42 4.26
CA GLY C 387 32.78 7.66 4.86
C GLY C 387 31.84 8.38 3.92
N ILE C 388 30.84 9.04 4.48
CA ILE C 388 29.89 9.81 3.69
C ILE C 388 30.58 11.04 3.09
N GLY C 389 31.48 11.64 3.87
CA GLY C 389 32.29 12.75 3.40
C GLY C 389 31.84 14.10 3.94
N VAL C 390 30.67 14.11 4.57
CA VAL C 390 30.13 15.30 5.21
C VAL C 390 29.70 14.94 6.62
N GLU C 391 30.11 15.75 7.59
CA GLU C 391 29.69 15.56 8.97
C GLU C 391 28.97 16.82 9.43
N MET C 392 28.49 16.81 10.68
CA MET C 392 27.93 18.01 11.26
C MET C 392 28.88 18.55 12.32
N ASP C 393 29.14 19.86 12.29
CA ASP C 393 29.94 20.52 13.31
C ASP C 393 29.02 20.74 14.52
N ARG C 394 29.26 19.98 15.59
CA ARG C 394 28.34 19.98 16.74
C ARG C 394 28.25 21.33 17.44
N GLU C 395 29.36 22.06 17.49
CA GLU C 395 29.36 23.39 18.08
C GLU C 395 28.54 24.36 17.24
N ALA C 396 28.75 24.30 15.93
CA ALA C 396 28.04 25.21 15.03
C ALA C 396 26.53 24.94 15.07
N ALA C 397 26.15 23.66 15.12
CA ALA C 397 24.74 23.29 15.12
C ALA C 397 24.01 23.80 16.35
N GLN C 398 24.72 23.82 17.49
CA GLN C 398 24.12 24.30 18.74
C GLN C 398 23.74 25.78 18.64
N ASP C 399 24.48 26.52 17.81
CA ASP C 399 24.17 27.93 17.57
C ASP C 399 22.78 28.12 16.95
N PHE C 400 22.26 27.10 16.29
CA PHE C 400 21.01 27.24 15.55
C PHE C 400 19.97 26.22 16.03
N PRO C 401 19.33 26.49 17.18
CA PRO C 401 18.38 25.54 17.75
C PRO C 401 17.07 25.47 16.97
N VAL C 402 16.32 24.39 17.20
CA VAL C 402 15.01 24.19 16.61
C VAL C 402 14.12 25.43 16.82
N GLU C 403 13.33 25.77 15.82
CA GLU C 403 12.37 26.86 15.96
C GLU C 403 11.03 26.44 15.35
N TYR C 404 9.94 26.60 16.09
CA TYR C 404 8.62 26.18 15.59
C TYR C 404 8.22 26.93 14.34
N ARG C 405 7.77 26.17 13.33
CA ARG C 405 7.17 26.74 12.13
C ARG C 405 5.82 26.08 11.87
N PRO C 406 4.81 26.87 11.51
CA PRO C 406 3.47 26.33 11.30
C PRO C 406 3.23 25.72 9.92
N HIS C 407 4.11 26.01 8.96
CA HIS C 407 3.99 25.50 7.58
C HIS C 407 2.56 25.66 7.05
N GLU C 408 2.07 26.90 7.02
CA GLU C 408 0.67 27.16 6.67
C GLU C 408 0.25 26.63 5.32
N TRP C 409 1.21 26.52 4.40
CA TRP C 409 0.92 25.97 3.07
C TRP C 409 0.29 24.58 3.08
N THR C 410 0.45 23.82 4.17
CA THR C 410 -0.14 22.46 4.21
C THR C 410 -1.63 22.47 4.48
N GLN C 411 -2.17 23.62 4.87
CA GLN C 411 -3.61 23.76 5.00
C GLN C 411 -4.15 24.25 3.68
N SER C 412 -3.95 23.42 2.65
CA SER C 412 -4.20 23.84 1.28
C SER C 412 -5.69 23.66 0.97
N ARG C 413 -6.34 24.74 0.53
CA ARG C 413 -7.77 24.70 0.29
C ARG C 413 -8.15 25.12 -1.14
N LEU C 414 -9.17 24.45 -1.67
CA LEU C 414 -9.76 24.78 -2.95
C LEU C 414 -10.79 25.91 -2.74
N PRO C 415 -11.31 26.52 -3.83
CA PRO C 415 -12.17 27.68 -3.63
C PRO C 415 -13.40 27.45 -2.74
N ASP C 416 -13.97 26.24 -2.75
CA ASP C 416 -15.14 25.99 -1.91
C ASP C 416 -14.77 25.80 -0.43
N GLY C 417 -13.46 25.85 -0.14
CA GLY C 417 -12.99 25.73 1.23
C GLY C 417 -12.58 24.33 1.66
N SER C 418 -12.62 23.37 0.74
CA SER C 418 -12.23 22.01 1.11
C SER C 418 -10.70 21.79 1.08
N ILE C 419 -10.22 20.97 2.00
CA ILE C 419 -8.81 20.58 1.97
C ILE C 419 -8.50 19.81 0.70
N HIS C 420 -7.35 20.10 0.08
CA HIS C 420 -6.83 19.23 -0.97
C HIS C 420 -5.44 18.81 -0.52
N THR C 421 -4.96 17.65 -0.98
CA THR C 421 -3.64 17.20 -0.60
C THR C 421 -2.62 18.25 -1.03
N PRO C 422 -1.76 18.67 -0.10
CA PRO C 422 -0.91 19.87 -0.29
C PRO C 422 0.36 19.60 -1.06
N LYS D 26 -20.71 27.84 16.20
CA LYS D 26 -19.33 27.37 16.31
C LYS D 26 -19.00 26.93 17.73
N ASN D 27 -18.12 25.94 17.84
CA ASN D 27 -17.68 25.46 19.15
C ASN D 27 -16.16 25.44 19.22
N THR D 28 -15.58 26.57 19.57
CA THR D 28 -14.13 26.77 19.46
C THR D 28 -13.29 25.92 20.42
N ILE D 29 -12.30 25.22 19.88
CA ILE D 29 -11.38 24.43 20.69
C ILE D 29 -10.53 25.37 21.55
N SER D 30 -10.55 25.17 22.87
CA SER D 30 -9.83 26.07 23.76
C SER D 30 -8.55 25.43 24.33
N ASN D 31 -8.48 24.11 24.33
CA ASN D 31 -7.27 23.45 24.80
C ASN D 31 -7.15 22.02 24.27
N ILE D 32 -5.92 21.53 24.15
CA ILE D 32 -5.66 20.14 23.81
C ILE D 32 -4.66 19.61 24.81
N GLU D 33 -4.92 18.44 25.38
CA GLU D 33 -3.96 17.81 26.31
C GLU D 33 -3.77 16.36 25.93
N CYS D 34 -2.62 15.81 26.34
CA CYS D 34 -2.29 14.42 26.10
C CYS D 34 -1.70 13.84 27.38
N VAL D 35 -2.35 12.80 27.91
CA VAL D 35 -1.91 12.20 29.17
C VAL D 35 -1.50 10.76 28.92
N ILE D 36 -0.26 10.41 29.27
CA ILE D 36 0.12 9.01 29.27
C ILE D 36 -0.07 8.46 30.67
N THR D 37 -0.80 7.36 30.77
CA THR D 37 -1.01 6.77 32.10
C THR D 37 -0.79 5.26 32.06
N LYS D 38 -0.24 4.71 33.14
CA LYS D 38 0.05 3.28 33.17
C LYS D 38 -0.53 2.65 34.43
N PRO D 39 -1.87 2.54 34.51
CA PRO D 39 -2.46 1.99 35.74
C PRO D 39 -2.11 0.52 35.95
N ASP D 40 -1.92 -0.22 34.86
CA ASP D 40 -1.56 -1.63 35.01
C ASP D 40 -0.32 -2.02 34.18
N ARG D 41 -0.49 -2.86 33.17
CA ARG D 41 0.69 -3.36 32.47
C ARG D 41 1.13 -2.46 31.31
N HIS D 42 0.24 -1.60 30.85
CA HIS D 42 0.48 -0.88 29.60
C HIS D 42 0.40 0.63 29.71
N ASN D 43 1.32 1.30 29.01
CA ASN D 43 1.27 2.74 28.86
C ASN D 43 0.09 3.06 27.95
N LEU D 44 -0.91 3.76 28.50
CA LEU D 44 -2.09 4.13 27.73
C LEU D 44 -2.06 5.62 27.46
N ILE D 45 -2.65 6.04 26.35
CA ILE D 45 -2.59 7.45 25.97
C ILE D 45 -3.98 8.00 25.70
N THR D 46 -4.32 9.09 26.40
CA THR D 46 -5.60 9.76 26.21
C THR D 46 -5.43 11.20 25.70
N VAL D 47 -6.23 11.60 24.73
CA VAL D 47 -6.25 13.00 24.34
C VAL D 47 -7.50 13.66 24.92
N ILE D 48 -7.35 14.86 25.45
CA ILE D 48 -8.46 15.59 26.02
C ILE D 48 -8.65 16.91 25.27
N VAL D 49 -9.85 17.14 24.75
CA VAL D 49 -10.15 18.38 24.03
C VAL D 49 -11.17 19.20 24.81
N GLU D 50 -10.81 20.43 25.15
CA GLU D 50 -11.74 21.33 25.82
C GLU D 50 -12.24 22.35 24.81
N THR D 51 -13.51 22.74 24.95
CA THR D 51 -14.09 23.70 24.01
C THR D 51 -14.66 24.88 24.75
N GLU D 52 -14.93 25.95 24.01
CA GLU D 52 -15.49 27.15 24.62
C GLU D 52 -16.91 26.90 25.15
N SER D 53 -17.58 25.88 24.64
CA SER D 53 -18.91 25.54 25.14
C SER D 53 -18.85 25.01 26.58
N GLY D 54 -17.66 24.58 27.00
CA GLY D 54 -17.50 23.97 28.31
C GLY D 54 -17.62 22.46 28.23
N VAL D 55 -17.83 21.95 27.02
CA VAL D 55 -17.94 20.50 26.83
C VAL D 55 -16.58 19.91 26.50
N THR D 56 -16.20 18.87 27.26
CA THR D 56 -14.88 18.27 27.15
C THR D 56 -15.00 16.89 26.54
N GLY D 57 -14.10 16.58 25.60
CA GLY D 57 -14.08 15.29 24.94
C GLY D 57 -12.82 14.49 25.24
N TYR D 58 -12.94 13.16 25.18
CA TYR D 58 -11.83 12.26 25.49
C TYR D 58 -11.63 11.28 24.35
N GLY D 59 -10.39 10.97 24.02
CA GLY D 59 -10.13 10.06 22.91
C GLY D 59 -8.89 9.21 23.12
N CYS D 60 -8.81 8.11 22.39
CA CYS D 60 -7.69 7.19 22.53
C CYS D 60 -6.63 7.40 21.46
N ALA D 61 -5.40 7.53 21.92
CA ALA D 61 -4.25 7.70 21.05
C ALA D 61 -3.19 6.66 21.38
N THR D 62 -3.61 5.49 21.84
CA THR D 62 -2.67 4.51 22.41
C THR D 62 -1.82 3.73 21.39
N PHE D 63 -0.53 4.07 21.36
CA PHE D 63 0.51 3.34 20.65
C PHE D 63 1.50 3.03 21.80
N GLN D 64 1.33 1.88 22.44
CA GLN D 64 1.94 1.67 23.75
C GLN D 64 3.46 1.61 23.70
N GLN D 65 4.00 1.24 22.54
CA GLN D 65 5.43 1.03 22.42
C GLN D 65 6.19 2.34 22.28
N ARG D 66 5.51 3.41 21.84
CA ARG D 66 6.17 4.69 21.60
C ARG D 66 5.40 5.86 22.18
N PRO D 67 4.95 5.75 23.45
CA PRO D 67 3.97 6.73 23.90
C PRO D 67 4.50 8.17 23.92
N LEU D 68 5.78 8.35 24.22
CA LEU D 68 6.32 9.70 24.36
C LEU D 68 6.36 10.42 23.02
N ALA D 69 6.47 9.65 21.94
CA ALA D 69 6.44 10.24 20.59
C ALA D 69 5.04 10.74 20.23
N VAL D 70 4.01 9.98 20.61
CA VAL D 70 2.64 10.41 20.41
C VAL D 70 2.35 11.68 21.21
N LYS D 71 2.83 11.74 22.45
CA LYS D 71 2.55 12.88 23.31
C LYS D 71 3.25 14.12 22.75
N THR D 72 4.47 13.96 22.27
CA THR D 72 5.18 15.07 21.61
C THR D 72 4.37 15.56 20.42
N MET D 73 3.90 14.61 19.61
CA MET D 73 3.10 14.93 18.44
C MET D 73 1.89 15.78 18.82
N VAL D 74 1.15 15.37 19.85
CA VAL D 74 -0.02 16.12 20.29
C VAL D 74 0.36 17.47 20.89
N ASP D 75 1.30 17.45 21.84
CA ASP D 75 1.63 18.65 22.60
C ASP D 75 2.30 19.73 21.77
N GLU D 76 3.21 19.33 20.88
CA GLU D 76 4.04 20.30 20.18
C GLU D 76 3.47 20.72 18.82
N TYR D 77 2.60 19.89 18.25
CA TYR D 77 2.13 20.16 16.89
C TYR D 77 0.61 20.20 16.72
N LEU D 78 -0.12 19.22 17.24
CA LEU D 78 -1.57 19.25 17.07
C LEU D 78 -2.19 20.35 17.90
N LYS D 79 -1.65 20.58 19.10
CA LYS D 79 -2.20 21.62 19.95
C LYS D 79 -2.18 23.03 19.33
N PRO D 80 -1.00 23.54 18.91
CA PRO D 80 -1.04 24.90 18.36
C PRO D 80 -1.80 24.96 17.04
N LEU D 81 -1.90 23.82 16.35
CA LEU D 81 -2.68 23.76 15.12
C LEU D 81 -4.17 23.91 15.40
N LEU D 82 -4.63 23.27 16.47
CA LEU D 82 -6.06 23.06 16.67
C LEU D 82 -6.76 24.14 17.51
N ILE D 83 -6.05 24.69 18.49
CA ILE D 83 -6.67 25.70 19.35
C ILE D 83 -7.18 26.87 18.51
N GLY D 84 -8.45 27.25 18.72
CA GLY D 84 -9.03 28.36 17.97
C GLY D 84 -9.95 27.89 16.86
N LYS D 85 -9.87 26.61 16.51
CA LYS D 85 -10.70 26.07 15.43
C LYS D 85 -12.05 25.50 15.90
N ASP D 86 -12.99 25.38 14.97
CA ASP D 86 -14.34 24.96 15.28
C ASP D 86 -14.45 23.43 15.38
N ALA D 87 -14.67 22.94 16.59
CA ALA D 87 -14.74 21.50 16.85
C ALA D 87 -15.91 20.83 16.15
N ASN D 88 -16.90 21.61 15.74
CA ASN D 88 -18.07 21.08 15.05
C ASN D 88 -17.73 20.31 13.77
N ASN D 89 -16.72 20.79 13.06
CA ASN D 89 -16.43 20.28 11.73
C ASN D 89 -15.37 19.21 11.75
N ILE D 90 -15.76 18.06 12.28
CA ILE D 90 -14.83 16.97 12.51
C ILE D 90 -14.23 16.52 11.18
N GLU D 91 -15.06 16.47 10.14
CA GLU D 91 -14.57 16.01 8.85
C GLU D 91 -13.44 16.89 8.33
N ASP D 92 -13.64 18.21 8.28
CA ASP D 92 -12.56 19.11 7.85
C ASP D 92 -11.34 18.99 8.73
N LEU D 93 -11.55 18.96 10.04
CA LEU D 93 -10.43 18.86 10.96
C LEU D 93 -9.61 17.59 10.71
N TRP D 94 -10.29 16.49 10.39
CA TRP D 94 -9.56 15.26 10.10
C TRP D 94 -8.77 15.37 8.79
N GLN D 95 -9.42 15.86 7.73
CA GLN D 95 -8.75 15.97 6.45
C GLN D 95 -7.57 16.91 6.57
N MET D 96 -7.74 17.96 7.37
CA MET D 96 -6.69 18.95 7.56
C MET D 96 -5.54 18.35 8.39
N MET D 97 -5.87 17.74 9.52
CA MET D 97 -4.83 17.15 10.35
C MET D 97 -4.01 16.09 9.59
N MET D 98 -4.68 15.27 8.80
CA MET D 98 -3.99 14.14 8.13
C MET D 98 -2.88 14.58 7.19
N VAL D 99 -3.05 15.74 6.54
CA VAL D 99 -2.04 16.20 5.59
C VAL D 99 -1.17 17.35 6.12
N ASN D 100 -1.35 17.68 7.40
CA ASN D 100 -0.75 18.89 7.95
C ASN D 100 0.78 18.89 8.04
N ALA D 101 1.36 17.71 8.15
CA ALA D 101 2.81 17.58 8.16
C ALA D 101 3.35 17.25 6.76
N TYR D 102 2.48 17.38 5.75
CA TYR D 102 2.82 16.97 4.38
C TYR D 102 3.00 15.45 4.32
N TRP D 103 4.15 14.95 4.79
CA TRP D 103 4.30 13.51 4.92
C TRP D 103 3.28 13.02 5.95
N ARG D 104 2.76 11.80 5.79
CA ARG D 104 1.59 11.41 6.55
C ARG D 104 1.42 9.89 6.65
N ASN D 105 0.29 9.48 7.24
CA ASN D 105 0.03 8.09 7.58
C ASN D 105 1.06 7.64 8.63
N GLY D 106 1.03 6.39 9.05
CA GLY D 106 1.99 5.99 10.06
C GLY D 106 1.47 6.06 11.49
N PRO D 107 2.10 5.30 12.39
CA PRO D 107 1.51 5.06 13.71
C PRO D 107 1.57 6.23 14.68
N VAL D 108 2.62 7.04 14.61
CA VAL D 108 2.75 8.16 15.54
C VAL D 108 1.75 9.28 15.21
N ILE D 109 1.74 9.72 13.95
CA ILE D 109 0.79 10.76 13.54
C ILE D 109 -0.67 10.31 13.65
N ASN D 110 -0.97 9.12 13.15
CA ASN D 110 -2.34 8.64 13.16
C ASN D 110 -2.92 8.50 14.57
N ASN D 111 -2.12 7.98 15.49
CA ASN D 111 -2.59 7.88 16.86
C ASN D 111 -2.89 9.25 17.47
N ALA D 112 -2.02 10.22 17.22
CA ALA D 112 -2.25 11.56 17.74
C ALA D 112 -3.56 12.10 17.18
N ILE D 113 -3.76 11.94 15.88
CA ILE D 113 -4.94 12.46 15.23
C ILE D 113 -6.17 11.75 15.76
N SER D 114 -6.03 10.45 15.99
CA SER D 114 -7.13 9.64 16.49
C SER D 114 -7.63 10.13 17.85
N GLY D 115 -6.72 10.47 18.73
CA GLY D 115 -7.13 10.95 20.05
C GLY D 115 -7.98 12.19 19.90
N VAL D 116 -7.55 13.09 19.03
CA VAL D 116 -8.33 14.30 18.76
C VAL D 116 -9.69 13.96 18.12
N ASP D 117 -9.66 13.16 17.07
CA ASP D 117 -10.87 12.80 16.34
C ASP D 117 -11.91 12.19 17.28
N MET D 118 -11.48 11.25 18.13
CA MET D 118 -12.42 10.62 19.07
C MET D 118 -13.00 11.63 20.05
N ALA D 119 -12.15 12.48 20.60
CA ALA D 119 -12.64 13.49 21.54
C ALA D 119 -13.65 14.44 20.87
N LEU D 120 -13.43 14.78 19.60
CA LEU D 120 -14.36 15.64 18.88
C LEU D 120 -15.73 14.97 18.71
N TRP D 121 -15.72 13.68 18.37
CA TRP D 121 -16.94 12.89 18.26
C TRP D 121 -17.63 12.79 19.61
N ASP D 122 -16.84 12.69 20.67
CA ASP D 122 -17.37 12.65 22.02
C ASP D 122 -18.08 13.97 22.31
N ILE D 123 -17.42 15.08 21.98
CA ILE D 123 -17.97 16.42 22.17
C ILE D 123 -19.26 16.60 21.38
N LYS D 124 -19.27 16.17 20.12
CA LYS D 124 -20.46 16.31 19.31
C LYS D 124 -21.64 15.50 19.89
N ALA D 125 -21.37 14.28 20.31
CA ALA D 125 -22.43 13.43 20.87
C ALA D 125 -22.93 14.00 22.20
N LYS D 126 -22.01 14.50 23.01
CA LYS D 126 -22.39 15.15 24.26
C LYS D 126 -23.31 16.33 23.98
N ILE D 127 -23.00 17.11 22.95
CA ILE D 127 -23.79 18.31 22.63
C ILE D 127 -25.17 17.92 22.09
N ALA D 128 -25.21 16.81 21.35
CA ALA D 128 -26.47 16.30 20.82
C ALA D 128 -27.26 15.63 21.93
N ASN D 129 -26.59 15.38 23.06
CA ASN D 129 -27.15 14.60 24.17
C ASN D 129 -27.59 13.21 23.72
N MET D 130 -26.70 12.50 23.05
CA MET D 130 -26.97 11.16 22.52
C MET D 130 -25.76 10.29 22.74
N PRO D 131 -25.97 8.96 22.88
CA PRO D 131 -24.85 8.02 22.84
C PRO D 131 -24.16 8.16 21.50
N LEU D 132 -22.84 8.01 21.47
CA LEU D 132 -22.09 8.12 20.21
C LEU D 132 -22.74 7.35 19.05
N HIS D 133 -23.14 6.10 19.28
CA HIS D 133 -23.61 5.32 18.15
C HIS D 133 -24.95 5.85 17.63
N GLN D 134 -25.68 6.58 18.46
CA GLN D 134 -26.93 7.17 17.99
C GLN D 134 -26.67 8.31 17.00
N LEU D 135 -25.56 9.04 17.19
CA LEU D 135 -25.10 10.02 16.21
C LEU D 135 -24.92 9.39 14.83
N PHE D 136 -24.32 8.20 14.82
CA PHE D 136 -23.95 7.52 13.58
C PHE D 136 -25.17 7.14 12.74
N GLY D 137 -26.33 7.04 13.39
CA GLY D 137 -27.52 6.55 12.72
C GLY D 137 -28.18 5.42 13.49
N GLY D 138 -27.66 5.12 14.68
CA GLY D 138 -28.31 4.16 15.54
C GLY D 138 -27.84 2.72 15.43
N LYS D 139 -28.50 1.84 16.17
CA LYS D 139 -28.08 0.44 16.23
C LYS D 139 -28.51 -0.33 14.99
N SER D 140 -27.66 -1.26 14.55
CA SER D 140 -28.07 -2.27 13.58
C SER D 140 -28.06 -3.66 14.24
N ARG D 141 -27.74 -3.71 15.54
CA ARG D 141 -27.83 -4.93 16.33
C ARG D 141 -28.07 -4.58 17.80
N ASP D 142 -28.46 -5.56 18.61
CA ASP D 142 -28.78 -5.30 20.02
C ASP D 142 -27.52 -5.09 20.87
N ALA D 143 -26.48 -5.82 20.52
CA ALA D 143 -25.19 -5.80 21.22
C ALA D 143 -24.24 -6.59 20.34
N ILE D 144 -22.95 -6.54 20.67
CA ILE D 144 -21.94 -7.22 19.87
C ILE D 144 -21.41 -8.44 20.61
N GLN D 145 -21.28 -9.56 19.90
CA GLN D 145 -20.69 -10.76 20.48
C GLN D 145 -19.19 -10.54 20.77
N VAL D 146 -18.69 -11.30 21.74
CA VAL D 146 -17.37 -11.07 22.31
C VAL D 146 -16.56 -12.36 22.31
N TYR D 147 -15.28 -12.27 22.00
CA TYR D 147 -14.39 -13.40 22.21
C TYR D 147 -13.27 -13.02 23.17
N THR D 148 -12.81 -14.00 23.94
CA THR D 148 -11.75 -13.81 24.92
C THR D 148 -10.53 -14.60 24.50
N HIS D 149 -9.48 -14.52 25.32
CA HIS D 149 -8.20 -15.20 25.06
C HIS D 149 -7.91 -16.31 26.08
N ALA D 150 -7.65 -17.52 25.58
CA ALA D 150 -7.15 -18.62 26.42
C ALA D 150 -5.79 -19.04 25.89
N THR D 151 -4.79 -19.00 26.76
CA THR D 151 -3.42 -19.34 26.39
C THR D 151 -2.74 -20.12 27.51
N SER D 152 -2.06 -21.21 27.15
CA SER D 152 -1.39 -22.06 28.15
C SER D 152 -0.28 -22.90 27.53
N ASP D 153 0.66 -23.35 28.35
CA ASP D 153 1.71 -24.20 27.83
C ASP D 153 1.30 -25.67 27.84
N THR D 154 0.10 -25.97 28.36
CA THR D 154 -0.42 -27.34 28.38
C THR D 154 -1.89 -27.37 27.97
N MET D 155 -2.35 -28.50 27.46
CA MET D 155 -3.77 -28.63 27.07
C MET D 155 -4.73 -28.55 28.26
N GLU D 156 -4.37 -29.14 29.39
CA GLU D 156 -5.24 -29.11 30.56
C GLU D 156 -5.31 -27.68 31.09
N GLY D 157 -4.20 -26.95 31.00
CA GLY D 157 -4.18 -25.54 31.33
C GLY D 157 -5.15 -24.77 30.45
N LEU D 158 -5.19 -25.13 29.17
CA LEU D 158 -6.13 -24.51 28.25
C LEU D 158 -7.58 -24.87 28.62
N TYR D 159 -7.80 -26.14 28.94
CA TYR D 159 -9.16 -26.62 29.29
C TYR D 159 -9.76 -25.86 30.47
N GLU D 160 -8.95 -25.61 31.50
CA GLU D 160 -9.41 -24.86 32.67
C GLU D 160 -9.88 -23.47 32.29
N GLN D 161 -9.14 -22.82 31.41
CA GLN D 161 -9.49 -21.46 31.00
C GLN D 161 -10.72 -21.49 30.13
N VAL D 162 -10.72 -22.41 29.16
CA VAL D 162 -11.88 -22.59 28.28
C VAL D 162 -13.14 -22.89 29.09
N ASP D 163 -13.05 -23.85 30.01
CA ASP D 163 -14.18 -24.20 30.88
C ASP D 163 -14.70 -22.99 31.64
N LYS D 164 -13.78 -22.17 32.17
CA LYS D 164 -14.16 -20.95 32.87
C LYS D 164 -14.98 -20.04 31.96
N TYR D 165 -14.49 -19.82 30.74
CA TYR D 165 -15.15 -18.91 29.80
C TYR D 165 -16.52 -19.37 29.34
N LEU D 166 -16.67 -20.67 29.09
CA LEU D 166 -17.95 -21.23 28.65
C LEU D 166 -19.00 -21.04 29.73
N GLU D 167 -18.60 -21.25 30.98
CA GLU D 167 -19.50 -21.07 32.11
C GLU D 167 -19.96 -19.61 32.22
N GLN D 168 -19.13 -18.69 31.77
CA GLN D 168 -19.44 -17.26 31.81
C GLN D 168 -20.27 -16.84 30.62
N GLY D 169 -20.46 -17.75 29.67
CA GLY D 169 -21.33 -17.47 28.54
C GLY D 169 -20.65 -17.05 27.26
N TYR D 170 -19.33 -17.01 27.24
CA TYR D 170 -18.62 -16.78 25.98
C TYR D 170 -18.87 -17.94 25.01
N GLN D 171 -18.98 -17.62 23.73
CA GLN D 171 -19.24 -18.62 22.70
C GLN D 171 -18.10 -18.64 21.70
N HIS D 172 -17.14 -17.75 21.92
CA HIS D 172 -16.00 -17.60 21.02
C HIS D 172 -14.77 -17.45 21.90
N ILE D 173 -13.73 -18.25 21.64
CA ILE D 173 -12.49 -18.14 22.41
C ILE D 173 -11.30 -18.29 21.47
N ARG D 174 -10.38 -17.35 21.54
CA ARG D 174 -9.13 -17.46 20.80
C ARG D 174 -8.21 -18.32 21.64
N CYS D 175 -7.76 -19.45 21.08
CA CYS D 175 -6.97 -20.41 21.85
C CYS D 175 -5.53 -20.50 21.36
N GLN D 176 -4.60 -20.62 22.30
CA GLN D 176 -3.21 -20.84 21.92
C GLN D 176 -2.53 -21.81 22.88
N LEU D 177 -1.93 -22.84 22.30
CA LEU D 177 -1.13 -23.79 23.04
C LEU D 177 0.34 -23.41 22.89
N GLY D 178 1.01 -23.24 24.02
CA GLY D 178 2.43 -22.90 24.03
C GLY D 178 2.67 -21.41 24.09
N PHE D 179 3.84 -21.03 24.59
CA PHE D 179 4.31 -19.65 24.55
C PHE D 179 5.56 -19.59 23.68
N TYR D 180 5.66 -18.57 22.84
CA TYR D 180 6.68 -18.54 21.80
C TYR D 180 7.57 -17.31 21.91
N GLY D 181 8.82 -17.55 22.28
CA GLY D 181 9.78 -16.47 22.42
C GLY D 181 10.71 -16.74 23.58
N GLY D 182 11.53 -15.76 23.94
CA GLY D 182 12.44 -15.93 25.05
C GLY D 182 13.72 -16.66 24.67
N VAL D 183 14.40 -17.19 25.67
CA VAL D 183 15.66 -17.89 25.43
C VAL D 183 15.44 -19.19 24.65
N PRO D 184 16.36 -19.50 23.72
CA PRO D 184 16.20 -20.66 22.83
C PRO D 184 16.55 -22.01 23.46
N GLU D 185 15.86 -22.38 24.55
CA GLU D 185 16.25 -23.57 25.33
C GLU D 185 16.28 -24.90 24.56
N ASN D 186 15.19 -25.24 23.88
CA ASN D 186 15.14 -26.45 23.07
C ASN D 186 15.07 -26.12 21.60
N ILE D 187 15.94 -25.21 21.16
CA ILE D 187 16.00 -24.81 19.77
C ILE D 187 17.45 -24.91 19.29
N GLN D 188 17.66 -25.55 18.15
CA GLN D 188 19.02 -25.68 17.63
C GLN D 188 19.42 -24.42 16.89
N THR D 189 20.09 -23.51 17.59
CA THR D 189 20.55 -22.24 17.02
C THR D 189 22.01 -22.37 16.59
N ALA D 190 22.55 -21.30 16.03
CA ALA D 190 23.99 -21.21 15.80
C ALA D 190 24.68 -21.21 17.16
N GLN D 191 25.99 -21.42 17.17
CA GLN D 191 26.76 -21.57 18.42
C GLN D 191 26.59 -20.44 19.46
N ASN D 192 26.71 -19.19 19.01
CA ASN D 192 26.53 -18.05 19.91
C ASN D 192 25.38 -17.17 19.41
N PRO D 193 24.14 -17.59 19.69
CA PRO D 193 22.98 -16.93 19.09
C PRO D 193 22.87 -15.46 19.51
N THR D 194 22.53 -14.61 18.54
CA THR D 194 22.37 -13.19 18.80
C THR D 194 21.20 -12.96 19.74
N GLN D 195 21.37 -12.03 20.68
CA GLN D 195 20.34 -11.72 21.67
C GLN D 195 18.99 -11.45 21.03
N GLY D 196 17.96 -12.11 21.54
CA GLY D 196 16.63 -11.94 20.99
C GLY D 196 15.61 -12.88 21.60
N SER D 197 14.40 -12.84 21.07
CA SER D 197 13.30 -13.67 21.56
C SER D 197 13.08 -14.77 20.54
N TYR D 198 13.48 -15.99 20.89
CA TYR D 198 13.54 -17.10 19.91
C TYR D 198 12.31 -17.99 19.90
N TYR D 199 11.91 -18.41 18.71
CA TYR D 199 10.91 -19.45 18.56
C TYR D 199 11.19 -20.24 17.30
N ASP D 200 10.55 -21.41 17.19
CA ASP D 200 10.75 -22.27 16.05
C ASP D 200 9.40 -22.41 15.38
N GLN D 201 9.32 -22.03 14.11
CA GLN D 201 8.04 -22.03 13.39
C GLN D 201 7.38 -23.42 13.30
N ASP D 202 8.18 -24.46 13.11
CA ASP D 202 7.65 -25.80 12.97
C ASP D 202 7.05 -26.30 14.28
N GLN D 203 7.73 -25.97 15.38
N GLN D 203 7.70 -25.98 15.39
CA GLN D 203 7.25 -26.30 16.72
CA GLN D 203 7.16 -26.36 16.69
C GLN D 203 5.90 -25.64 16.96
C GLN D 203 5.84 -25.64 16.93
N TYR D 204 5.79 -24.38 16.55
CA TYR D 204 4.57 -23.58 16.71
C TYR D 204 3.40 -24.15 15.90
N ILE D 205 3.64 -24.43 14.62
CA ILE D 205 2.65 -25.06 13.75
C ILE D 205 2.19 -26.39 14.34
N GLU D 206 3.16 -27.21 14.74
CA GLU D 206 2.88 -28.54 15.30
C GLU D 206 1.97 -28.45 16.52
N ASN D 207 2.34 -27.58 17.48
CA ASN D 207 1.54 -27.42 18.69
C ASN D 207 0.14 -26.90 18.37
N THR D 208 0.07 -25.93 17.46
CA THR D 208 -1.21 -25.30 17.13
C THR D 208 -2.15 -26.28 16.43
N VAL D 209 -1.62 -27.12 15.55
CA VAL D 209 -2.45 -28.13 14.89
C VAL D 209 -2.98 -29.13 15.90
N GLU D 210 -2.12 -29.54 16.83
CA GLU D 210 -2.51 -30.49 17.86
C GLU D 210 -3.56 -29.89 18.82
N MET D 211 -3.42 -28.59 19.09
CA MET D 211 -4.37 -27.88 19.94
C MET D 211 -5.77 -27.94 19.33
N PHE D 212 -5.88 -27.59 18.05
CA PHE D 212 -7.16 -27.69 17.34
C PHE D 212 -7.72 -29.10 17.38
N LYS D 213 -6.86 -30.08 17.14
CA LYS D 213 -7.31 -31.47 17.11
C LYS D 213 -7.92 -31.85 18.46
N ASN D 214 -7.20 -31.51 19.53
CA ASN D 214 -7.62 -31.89 20.88
C ASN D 214 -8.89 -31.16 21.32
N LEU D 215 -8.94 -29.86 21.02
CA LEU D 215 -10.12 -29.05 21.32
C LEU D 215 -11.38 -29.57 20.65
N ARG D 216 -11.30 -29.96 19.37
CA ARG D 216 -12.47 -30.50 18.72
C ARG D 216 -12.85 -31.87 19.29
N GLU D 217 -11.85 -32.64 19.71
CA GLU D 217 -12.16 -33.94 20.32
C GLU D 217 -12.89 -33.78 21.65
N LYS D 218 -12.43 -32.85 22.48
CA LYS D 218 -13.04 -32.63 23.78
C LYS D 218 -14.36 -31.85 23.71
N TYR D 219 -14.37 -30.79 22.91
CA TYR D 219 -15.49 -29.87 22.95
C TYR D 219 -16.43 -29.97 21.74
N GLY D 220 -16.00 -30.63 20.68
CA GLY D 220 -16.79 -30.70 19.45
C GLY D 220 -17.12 -29.30 18.95
N LYS D 221 -18.38 -29.05 18.67
CA LYS D 221 -18.79 -27.75 18.16
C LYS D 221 -19.40 -26.86 19.26
N GLN D 222 -19.00 -27.11 20.51
N GLN D 222 -18.98 -27.09 20.50
CA GLN D 222 -19.55 -26.35 21.63
CA GLN D 222 -19.54 -26.36 21.63
C GLN D 222 -19.33 -24.84 21.51
C GLN D 222 -19.32 -24.85 21.53
N PHE D 223 -18.16 -24.44 21.01
CA PHE D 223 -17.85 -23.03 20.84
C PHE D 223 -17.05 -22.75 19.58
N HIS D 224 -16.92 -21.48 19.24
CA HIS D 224 -16.10 -21.06 18.11
C HIS D 224 -14.67 -20.85 18.57
N ILE D 225 -13.74 -21.51 17.88
CA ILE D 225 -12.32 -21.44 18.20
C ILE D 225 -11.66 -20.46 17.24
N LEU D 226 -10.94 -19.49 17.80
CA LEU D 226 -10.14 -18.58 16.99
C LEU D 226 -8.69 -18.84 17.33
N HIS D 227 -7.81 -18.43 16.42
CA HIS D 227 -6.38 -18.53 16.69
C HIS D 227 -5.64 -17.42 15.96
N ASP D 228 -4.65 -16.83 16.65
CA ASP D 228 -3.89 -15.71 16.13
C ASP D 228 -2.46 -16.13 15.74
N VAL D 229 -2.19 -16.22 14.44
CA VAL D 229 -0.86 -16.60 13.95
C VAL D 229 0.17 -15.50 14.20
N HIS D 230 -0.29 -14.26 14.26
CA HIS D 230 0.54 -13.13 14.67
C HIS D 230 1.81 -13.03 13.81
N GLU D 231 1.62 -13.20 12.49
CA GLU D 231 2.64 -13.04 11.45
C GLU D 231 3.92 -13.85 11.70
N ARG D 232 3.79 -14.99 12.39
CA ARG D 232 4.93 -15.83 12.74
C ARG D 232 5.50 -16.67 11.60
N LEU D 233 4.79 -16.75 10.49
CA LEU D 233 5.11 -17.75 9.44
C LEU D 233 5.59 -17.14 8.13
N PHE D 234 6.34 -17.91 7.35
CA PHE D 234 6.61 -17.56 5.97
C PHE D 234 5.39 -17.97 5.13
N PRO D 235 5.25 -17.43 3.91
CA PRO D 235 4.07 -17.77 3.08
C PRO D 235 3.88 -19.27 2.86
N ASN D 236 4.94 -20.00 2.57
CA ASN D 236 4.74 -21.43 2.29
C ASN D 236 4.26 -22.15 3.54
N GLN D 237 4.68 -21.65 4.71
CA GLN D 237 4.22 -22.24 5.95
C GLN D 237 2.76 -21.87 6.21
N ALA D 238 2.38 -20.64 5.86
CA ALA D 238 1.00 -20.21 6.07
C ALA D 238 0.04 -21.05 5.22
N ILE D 239 0.43 -21.29 3.98
CA ILE D 239 -0.40 -22.09 3.08
C ILE D 239 -0.54 -23.52 3.61
N GLN D 240 0.57 -24.11 4.05
CA GLN D 240 0.50 -25.44 4.67
C GLN D 240 -0.42 -25.44 5.89
N PHE D 241 -0.23 -24.44 6.76
CA PHE D 241 -1.02 -24.35 7.97
C PHE D 241 -2.51 -24.23 7.66
N ALA D 242 -2.85 -23.40 6.67
CA ALA D 242 -4.25 -23.21 6.28
C ALA D 242 -4.89 -24.55 5.93
N LYS D 243 -4.18 -25.36 5.15
CA LYS D 243 -4.70 -26.67 4.77
C LYS D 243 -4.76 -27.65 5.95
N GLN D 244 -3.87 -27.48 6.93
CA GLN D 244 -3.83 -28.38 8.07
C GLN D 244 -4.97 -28.14 9.04
N ILE D 245 -5.45 -26.89 9.14
CA ILE D 245 -6.48 -26.60 10.16
C ILE D 245 -7.87 -26.26 9.64
N GLU D 246 -8.01 -26.15 8.32
CA GLU D 246 -9.31 -25.79 7.75
C GLU D 246 -10.41 -26.76 8.16
N GLN D 247 -10.07 -28.02 8.36
CA GLN D 247 -11.06 -29.03 8.73
C GLN D 247 -11.69 -28.76 10.10
N TYR D 248 -11.01 -27.96 10.93
CA TYR D 248 -11.50 -27.67 12.28
C TYR D 248 -12.37 -26.42 12.29
N ASN D 249 -12.62 -25.88 11.10
CA ASN D 249 -13.48 -24.69 10.93
C ASN D 249 -13.28 -23.55 11.93
N PRO D 250 -12.06 -23.00 12.01
CA PRO D 250 -11.90 -21.91 12.98
C PRO D 250 -12.76 -20.71 12.60
N PHE D 251 -13.27 -19.99 13.60
CA PHE D 251 -14.07 -18.79 13.37
C PHE D 251 -13.24 -17.83 12.52
N PHE D 252 -11.99 -17.64 12.92
CA PHE D 252 -11.00 -17.09 12.01
C PHE D 252 -9.59 -17.44 12.45
N ILE D 253 -8.69 -17.47 11.46
CA ILE D 253 -7.27 -17.56 11.71
C ILE D 253 -6.75 -16.16 11.43
N GLU D 254 -6.03 -15.59 12.38
CA GLU D 254 -5.74 -14.17 12.35
C GLU D 254 -4.27 -13.93 12.00
N ASP D 255 -4.04 -12.88 11.21
CA ASP D 255 -2.70 -12.48 10.79
C ASP D 255 -1.84 -13.66 10.33
N ILE D 256 -2.35 -14.42 9.37
CA ILE D 256 -1.62 -15.60 8.91
C ILE D 256 -0.37 -15.19 8.13
N LEU D 257 -0.33 -13.93 7.70
CA LEU D 257 0.83 -13.35 7.03
C LEU D 257 1.07 -11.93 7.58
N PRO D 258 2.28 -11.39 7.37
CA PRO D 258 2.54 -9.95 7.65
C PRO D 258 1.90 -9.05 6.58
N PRO D 259 1.67 -7.78 6.91
CA PRO D 259 0.98 -6.88 5.96
C PRO D 259 1.64 -6.76 4.59
N SER D 260 2.96 -6.93 4.52
CA SER D 260 3.70 -6.71 3.27
C SER D 260 3.63 -7.91 2.33
N GLN D 261 2.98 -8.98 2.78
CA GLN D 261 2.93 -10.22 2.01
C GLN D 261 1.51 -10.72 1.72
N THR D 262 0.51 -9.85 1.79
CA THR D 262 -0.88 -10.33 1.69
C THR D 262 -1.30 -10.78 0.29
N GLU D 263 -0.48 -10.51 -0.72
CA GLU D 263 -0.79 -11.06 -2.04
C GLU D 263 -0.66 -12.57 -2.05
N TRP D 264 0.08 -13.13 -1.10
CA TRP D 264 0.19 -14.57 -0.99
C TRP D 264 -1.11 -15.18 -0.52
N LEU D 265 -2.01 -14.36 0.01
CA LEU D 265 -3.34 -14.88 0.42
C LEU D 265 -4.11 -15.49 -0.75
N ASP D 266 -3.86 -15.00 -1.96
CA ASP D 266 -4.56 -15.57 -3.13
C ASP D 266 -4.30 -17.06 -3.26
N ASN D 267 -3.06 -17.48 -2.98
CA ASN D 267 -2.70 -18.88 -3.03
C ASN D 267 -3.59 -19.67 -2.06
N ILE D 268 -3.81 -19.09 -0.89
CA ILE D 268 -4.64 -19.73 0.14
C ILE D 268 -6.12 -19.72 -0.24
N ARG D 269 -6.61 -18.55 -0.69
CA ARG D 269 -8.02 -18.42 -1.05
C ARG D 269 -8.43 -19.30 -2.24
N ASN D 270 -7.50 -19.63 -3.13
CA ASN D 270 -7.80 -20.50 -4.26
C ASN D 270 -7.86 -21.99 -3.92
N GLN D 271 -7.39 -22.37 -2.72
CA GLN D 271 -7.36 -23.80 -2.39
C GLN D 271 -7.86 -24.16 -1.01
N SER D 272 -8.16 -23.17 -0.16
CA SER D 272 -8.58 -23.48 1.20
C SER D 272 -9.85 -22.71 1.60
N SER D 273 -10.65 -23.34 2.45
CA SER D 273 -11.92 -22.76 2.90
C SER D 273 -11.77 -21.99 4.21
N VAL D 274 -10.55 -21.95 4.75
CA VAL D 274 -10.32 -21.38 6.09
C VAL D 274 -10.76 -19.92 6.17
N SER D 275 -11.36 -19.55 7.31
CA SER D 275 -11.79 -18.17 7.54
C SER D 275 -10.59 -17.34 8.00
N LEU D 276 -10.37 -16.20 7.38
CA LEU D 276 -9.20 -15.38 7.67
C LEU D 276 -9.54 -13.98 8.16
N ALA D 277 -8.73 -13.50 9.11
CA ALA D 277 -8.79 -12.12 9.60
C ALA D 277 -7.38 -11.52 9.58
N LEU D 278 -7.27 -10.24 9.24
CA LEU D 278 -5.97 -9.59 9.21
C LEU D 278 -6.15 -8.07 9.32
N GLY D 279 -5.14 -7.38 9.83
CA GLY D 279 -5.18 -5.93 9.76
C GLY D 279 -4.88 -5.09 10.99
N GLU D 280 -4.65 -5.70 12.16
CA GLU D 280 -4.37 -4.88 13.35
C GLU D 280 -3.12 -4.00 13.15
N LEU D 281 -2.23 -4.40 12.24
CA LEU D 281 -1.01 -3.62 12.00
C LEU D 281 -1.20 -2.43 11.06
N PHE D 282 -2.34 -2.34 10.39
CA PHE D 282 -2.49 -1.36 9.31
C PHE D 282 -2.48 0.10 9.79
N ASN D 283 -1.71 0.94 9.11
CA ASN D 283 -1.79 2.39 9.33
C ASN D 283 -1.61 3.17 8.03
N ASN D 284 -1.91 2.52 6.91
CA ASN D 284 -1.86 3.18 5.61
C ASN D 284 -2.90 2.49 4.75
N PRO D 285 -3.80 3.27 4.12
CA PRO D 285 -4.89 2.66 3.35
C PRO D 285 -4.41 1.74 2.23
N GLU D 286 -3.21 1.95 1.70
CA GLU D 286 -2.69 1.06 0.66
C GLU D 286 -2.50 -0.36 1.19
N GLU D 287 -2.43 -0.50 2.51
CA GLU D 287 -2.31 -1.81 3.11
C GLU D 287 -3.62 -2.61 3.01
N TRP D 288 -4.76 -1.91 2.94
CA TRP D 288 -6.03 -2.62 2.97
C TRP D 288 -6.86 -2.63 1.68
N LYS D 289 -6.66 -1.68 0.78
CA LYS D 289 -7.59 -1.55 -0.35
C LYS D 289 -7.62 -2.82 -1.21
N ALA D 290 -6.48 -3.21 -1.74
CA ALA D 290 -6.40 -4.41 -2.58
C ALA D 290 -6.77 -5.66 -1.79
N LEU D 291 -6.42 -5.68 -0.50
CA LEU D 291 -6.77 -6.79 0.38
C LEU D 291 -8.28 -7.04 0.35
N ILE D 292 -9.04 -5.94 0.43
CA ILE D 292 -10.49 -6.02 0.54
C ILE D 292 -11.14 -6.16 -0.83
N ILE D 293 -10.65 -5.38 -1.80
CA ILE D 293 -11.16 -5.47 -3.18
C ILE D 293 -11.04 -6.89 -3.73
N ASN D 294 -9.96 -7.59 -3.36
CA ASN D 294 -9.77 -8.96 -3.83
C ASN D 294 -10.27 -10.02 -2.86
N ARG D 295 -11.02 -9.59 -1.85
CA ARG D 295 -11.67 -10.51 -0.91
C ARG D 295 -10.66 -11.48 -0.27
N ARG D 296 -9.49 -10.97 0.09
CA ARG D 296 -8.42 -11.81 0.61
C ARG D 296 -8.61 -12.15 2.08
N VAL D 297 -9.47 -11.41 2.78
CA VAL D 297 -9.82 -11.78 4.14
C VAL D 297 -11.34 -11.74 4.34
N ASP D 298 -11.78 -12.35 5.43
CA ASP D 298 -13.19 -12.35 5.77
C ASP D 298 -13.50 -11.31 6.84
N PHE D 299 -12.49 -10.94 7.61
CA PHE D 299 -12.64 -9.94 8.65
C PHE D 299 -11.47 -8.98 8.63
N ILE D 300 -11.75 -7.68 8.68
CA ILE D 300 -10.67 -6.71 8.79
C ILE D 300 -10.46 -6.47 10.29
N ARG D 301 -9.21 -6.32 10.71
CA ARG D 301 -8.88 -6.30 12.14
C ARG D 301 -8.23 -5.00 12.60
N CYS D 302 -8.47 -3.91 11.87
CA CYS D 302 -7.69 -2.70 12.13
C CYS D 302 -7.79 -2.18 13.56
N HIS D 303 -6.71 -1.53 14.01
CA HIS D 303 -6.69 -0.85 15.30
C HIS D 303 -7.18 0.56 15.01
N VAL D 304 -8.32 0.95 15.58
CA VAL D 304 -8.98 2.19 15.16
C VAL D 304 -8.08 3.41 15.30
N SER D 305 -7.31 3.48 16.39
CA SER D 305 -6.44 4.63 16.57
C SER D 305 -5.26 4.62 15.59
N GLN D 306 -4.91 3.45 15.06
CA GLN D 306 -3.79 3.33 14.11
C GLN D 306 -4.16 3.85 12.73
N ILE D 307 -5.45 3.83 12.41
CA ILE D 307 -5.92 4.33 11.11
C ILE D 307 -6.42 5.77 11.18
N GLY D 308 -6.40 6.36 12.37
CA GLY D 308 -6.70 7.77 12.51
C GLY D 308 -8.02 8.12 13.19
N GLY D 309 -8.68 7.13 13.78
CA GLY D 309 -9.86 7.43 14.60
C GLY D 309 -11.19 6.96 14.03
N ILE D 310 -12.27 7.55 14.54
CA ILE D 310 -13.64 7.18 14.17
C ILE D 310 -13.95 7.56 12.74
N THR D 311 -13.55 8.78 12.37
CA THR D 311 -13.77 9.26 11.02
C THR D 311 -13.33 8.25 9.94
N PRO D 312 -12.08 7.78 9.99
CA PRO D 312 -11.77 6.79 8.94
C PRO D 312 -12.31 5.40 9.24
N ALA D 313 -12.56 5.07 10.51
CA ALA D 313 -13.17 3.78 10.85
C ALA D 313 -14.55 3.62 10.20
N LEU D 314 -15.35 4.68 10.22
CA LEU D 314 -16.66 4.64 9.58
C LEU D 314 -16.56 4.38 8.08
N LYS D 315 -15.72 5.15 7.39
CA LYS D 315 -15.55 4.98 5.95
C LYS D 315 -15.04 3.59 5.59
N LEU D 316 -14.09 3.10 6.38
CA LEU D 316 -13.53 1.78 6.13
C LEU D 316 -14.57 0.68 6.37
N GLY D 317 -15.41 0.89 7.39
CA GLY D 317 -16.52 -0.01 7.65
C GLY D 317 -17.42 -0.06 6.42
N HIS D 318 -17.71 1.10 5.85
CA HIS D 318 -18.58 1.15 4.68
C HIS D 318 -17.93 0.53 3.45
N PHE D 319 -16.64 0.78 3.29
CA PHE D 319 -15.89 0.24 2.17
C PHE D 319 -15.90 -1.30 2.23
N CYS D 320 -15.62 -1.85 3.41
CA CYS D 320 -15.67 -3.30 3.58
C CYS D 320 -17.05 -3.89 3.28
N GLU D 321 -18.08 -3.19 3.74
CA GLU D 321 -19.46 -3.64 3.62
C GLU D 321 -19.85 -3.88 2.16
N SER D 322 -19.45 -2.96 1.29
CA SER D 322 -19.73 -3.12 -0.14
C SER D 322 -19.12 -4.42 -0.66
N PHE D 323 -17.97 -4.80 -0.11
CA PHE D 323 -17.28 -5.99 -0.61
C PHE D 323 -17.67 -7.24 0.15
N GLY D 324 -18.45 -7.09 1.22
CA GLY D 324 -18.90 -8.23 1.99
C GLY D 324 -17.92 -8.67 3.07
N VAL D 325 -16.93 -7.84 3.34
CA VAL D 325 -15.94 -8.09 4.40
C VAL D 325 -16.52 -7.59 5.73
N ARG D 326 -16.35 -8.37 6.79
CA ARG D 326 -16.90 -8.00 8.11
C ARG D 326 -15.82 -7.41 9.02
N ILE D 327 -16.22 -6.85 10.16
CA ILE D 327 -15.27 -6.09 10.97
C ILE D 327 -15.07 -6.69 12.35
N ALA D 328 -13.80 -6.85 12.73
CA ALA D 328 -13.44 -7.27 14.09
C ALA D 328 -12.30 -6.39 14.56
N TRP D 329 -12.60 -5.14 14.91
CA TRP D 329 -11.54 -4.19 15.28
C TRP D 329 -10.65 -4.80 16.37
N HIS D 330 -9.35 -4.52 16.29
CA HIS D 330 -8.38 -4.95 17.29
C HIS D 330 -8.72 -4.30 18.63
N CYS D 331 -8.90 -5.09 19.68
CA CYS D 331 -9.17 -4.52 20.99
C CYS D 331 -8.26 -5.15 22.03
N PRO D 332 -6.97 -4.79 22.01
CA PRO D 332 -5.96 -5.40 22.90
C PRO D 332 -5.97 -4.72 24.26
N PRO D 333 -5.24 -5.27 25.24
CA PRO D 333 -5.11 -4.54 26.51
C PRO D 333 -4.45 -3.18 26.36
N ASP D 334 -3.56 -3.02 25.37
CA ASP D 334 -2.95 -1.72 25.14
C ASP D 334 -3.86 -0.80 24.33
N MET D 335 -4.93 -0.36 24.99
CA MET D 335 -5.92 0.56 24.44
C MET D 335 -6.71 1.04 25.65
N THR D 336 -7.11 2.31 25.66
CA THR D 336 -7.89 2.79 26.80
C THR D 336 -9.26 2.16 26.74
N PRO D 337 -9.92 2.02 27.90
CA PRO D 337 -11.35 1.69 27.91
C PRO D 337 -12.17 2.71 27.11
N ILE D 338 -11.67 3.94 26.96
CA ILE D 338 -12.34 4.90 26.10
C ILE D 338 -12.40 4.37 24.67
N GLY D 339 -11.26 3.92 24.17
CA GLY D 339 -11.18 3.35 22.84
C GLY D 339 -12.01 2.09 22.69
N ALA D 340 -12.08 1.31 23.76
CA ALA D 340 -12.90 0.10 23.73
C ALA D 340 -14.37 0.46 23.63
N ALA D 341 -14.81 1.47 24.38
CA ALA D 341 -16.19 1.93 24.30
C ALA D 341 -16.52 2.42 22.90
N VAL D 342 -15.61 3.22 22.33
CA VAL D 342 -15.78 3.68 20.95
C VAL D 342 -15.99 2.50 20.00
N ASN D 343 -15.20 1.44 20.17
CA ASN D 343 -15.35 0.30 19.27
C ASN D 343 -16.70 -0.40 19.42
N THR D 344 -17.25 -0.39 20.65
CA THR D 344 -18.57 -0.98 20.87
C THR D 344 -19.68 -0.13 20.22
N HIS D 345 -19.54 1.20 20.29
CA HIS D 345 -20.45 2.10 19.56
C HIS D 345 -20.40 1.82 18.07
N LEU D 346 -19.18 1.69 17.52
CA LEU D 346 -19.01 1.38 16.09
C LEU D 346 -19.58 0.00 15.75
N ASN D 347 -19.44 -0.93 16.69
CA ASN D 347 -19.90 -2.31 16.49
C ASN D 347 -21.40 -2.51 16.60
N VAL D 348 -22.09 -1.70 17.40
CA VAL D 348 -23.55 -1.83 17.41
C VAL D 348 -24.18 -1.05 16.24
N HIS D 349 -23.39 -0.16 15.62
CA HIS D 349 -23.89 0.63 14.52
C HIS D 349 -23.62 0.05 13.13
N LEU D 350 -22.35 -0.26 12.86
CA LEU D 350 -21.94 -0.74 11.53
C LEU D 350 -22.52 -2.12 11.28
N HIS D 351 -23.28 -2.25 10.20
CA HIS D 351 -24.02 -3.48 9.98
C HIS D 351 -23.10 -4.69 9.77
N ASN D 352 -21.92 -4.45 9.20
CA ASN D 352 -20.99 -5.55 8.93
C ASN D 352 -20.01 -5.81 10.08
N ALA D 353 -20.28 -5.24 11.26
CA ALA D 353 -19.43 -5.56 12.39
C ALA D 353 -19.77 -6.97 12.88
N ALA D 354 -18.74 -7.73 13.28
CA ALA D 354 -18.94 -9.15 13.57
C ALA D 354 -18.76 -9.50 15.04
N ILE D 355 -17.61 -9.12 15.59
CA ILE D 355 -17.27 -9.54 16.94
C ILE D 355 -16.29 -8.58 17.59
N GLN D 356 -16.36 -8.47 18.91
CA GLN D 356 -15.43 -7.61 19.65
C GLN D 356 -14.53 -8.42 20.57
N GLU D 357 -13.22 -8.25 20.38
CA GLU D 357 -12.24 -8.88 21.23
C GLU D 357 -12.26 -8.20 22.59
N HIS D 358 -12.20 -8.96 23.68
CA HIS D 358 -12.10 -8.29 24.97
C HIS D 358 -11.10 -8.95 25.87
N VAL D 359 -10.31 -8.13 26.56
CA VAL D 359 -9.51 -8.63 27.68
C VAL D 359 -10.03 -7.96 28.96
N GLU D 360 -10.15 -8.75 30.02
CA GLU D 360 -10.67 -8.27 31.29
C GLU D 360 -9.88 -7.09 31.84
N TYR D 361 -10.59 -6.04 32.27
CA TYR D 361 -9.97 -4.88 32.90
C TYR D 361 -9.52 -5.15 34.33
N LYS D 362 -8.37 -4.59 34.70
CA LYS D 362 -7.92 -4.63 36.09
C LYS D 362 -8.36 -3.37 36.83
N ALA D 363 -8.35 -3.45 38.16
CA ALA D 363 -8.99 -2.43 39.00
C ALA D 363 -8.41 -1.03 38.86
N ASN D 364 -7.08 -0.91 38.75
CA ASN D 364 -6.49 0.42 38.62
C ASN D 364 -6.90 1.07 37.31
N THR D 365 -7.00 0.26 36.26
CA THR D 365 -7.43 0.77 34.97
C THR D 365 -8.89 1.21 35.06
N GLN D 366 -9.69 0.44 35.80
CA GLN D 366 -11.09 0.80 36.00
C GLN D 366 -11.22 2.07 36.82
N ARG D 367 -10.28 2.30 37.72
CA ARG D 367 -10.33 3.52 38.52
C ARG D 367 -10.04 4.77 37.67
N VAL D 368 -9.05 4.65 36.79
CA VAL D 368 -8.64 5.75 35.93
C VAL D 368 -9.69 6.00 34.81
N PHE D 369 -10.43 4.96 34.45
CA PHE D 369 -11.41 5.07 33.37
C PHE D 369 -12.75 4.48 33.81
N PRO D 370 -13.51 5.23 34.63
CA PRO D 370 -14.69 4.66 35.29
C PRO D 370 -15.78 4.21 34.33
N ASN D 371 -16.57 3.22 34.75
CA ASN D 371 -17.78 2.80 34.04
C ASN D 371 -17.60 2.08 32.71
N ALA D 372 -16.43 1.50 32.49
CA ALA D 372 -16.17 0.74 31.29
C ALA D 372 -17.06 -0.50 31.26
N ALA D 373 -17.78 -0.71 30.17
CA ALA D 373 -18.64 -1.89 30.04
C ALA D 373 -17.80 -3.17 30.07
N GLU D 374 -18.37 -4.23 30.64
CA GLU D 374 -17.74 -5.54 30.58
C GLU D 374 -18.68 -6.53 29.89
N PRO D 375 -18.12 -7.62 29.33
CA PRO D 375 -19.03 -8.52 28.60
C PRO D 375 -20.03 -9.14 29.57
N ILE D 376 -21.26 -9.34 29.08
CA ILE D 376 -22.32 -9.96 29.89
C ILE D 376 -22.90 -11.09 29.07
N ASN D 377 -22.68 -12.32 29.53
CA ASN D 377 -23.14 -13.51 28.79
C ASN D 377 -22.70 -13.50 27.32
N GLY D 378 -21.45 -13.11 27.06
CA GLY D 378 -20.90 -13.15 25.72
C GLY D 378 -21.23 -11.94 24.86
N TYR D 379 -21.80 -10.91 25.46
CA TYR D 379 -22.14 -9.69 24.71
C TYR D 379 -21.56 -8.44 25.35
N LEU D 380 -21.16 -7.48 24.51
CA LEU D 380 -20.78 -6.16 25.00
C LEU D 380 -21.86 -5.20 24.56
N TYR D 381 -22.35 -4.40 25.50
CA TYR D 381 -23.44 -3.46 25.23
C TYR D 381 -22.90 -2.04 25.16
N ALA D 382 -23.33 -1.31 24.14
CA ALA D 382 -22.89 0.06 23.93
C ALA D 382 -23.36 0.89 25.09
N SER D 383 -22.59 1.94 25.40
CA SER D 383 -22.98 2.89 26.42
C SER D 383 -24.27 3.61 25.98
N GLU D 384 -25.13 3.97 26.94
CA GLU D 384 -26.38 4.62 26.60
C GLU D 384 -26.50 6.05 27.12
N ILE D 385 -25.45 6.57 27.74
CA ILE D 385 -25.47 7.97 28.16
C ILE D 385 -24.91 8.86 27.05
N ALA D 386 -24.99 10.17 27.23
CA ALA D 386 -24.50 11.09 26.20
C ALA D 386 -22.99 10.94 26.01
N GLY D 387 -22.54 10.99 24.76
CA GLY D 387 -21.12 10.91 24.45
C GLY D 387 -20.61 9.49 24.23
N ILE D 388 -19.29 9.31 24.35
CA ILE D 388 -18.68 7.99 24.31
C ILE D 388 -19.12 7.16 25.53
N GLY D 389 -19.24 7.82 26.68
CA GLY D 389 -19.73 7.14 27.87
C GLY D 389 -18.66 6.83 28.89
N VAL D 390 -17.41 6.92 28.48
CA VAL D 390 -16.27 6.64 29.35
C VAL D 390 -15.30 7.80 29.24
N GLU D 391 -14.82 8.30 30.36
CA GLU D 391 -13.85 9.40 30.36
C GLU D 391 -12.61 8.98 31.15
N MET D 392 -11.63 9.87 31.28
CA MET D 392 -10.47 9.59 32.11
C MET D 392 -10.54 10.45 33.37
N ASP D 393 -10.38 9.82 34.53
CA ASP D 393 -10.23 10.56 35.79
C ASP D 393 -8.82 11.13 35.81
N ARG D 394 -8.71 12.44 35.59
CA ARG D 394 -7.42 13.12 35.48
C ARG D 394 -6.54 12.99 36.73
N GLU D 395 -7.15 13.05 37.90
CA GLU D 395 -6.41 12.93 39.15
C GLU D 395 -5.90 11.51 39.35
N ALA D 396 -6.73 10.52 39.05
CA ALA D 396 -6.32 9.12 39.17
C ALA D 396 -5.18 8.78 38.22
N ALA D 397 -5.27 9.29 36.99
CA ALA D 397 -4.26 9.02 35.98
C ALA D 397 -2.88 9.52 36.42
N GLN D 398 -2.85 10.54 37.28
CA GLN D 398 -1.59 11.10 37.75
C GLN D 398 -0.84 10.17 38.69
N ASP D 399 -1.58 9.29 39.37
CA ASP D 399 -0.97 8.28 40.21
C ASP D 399 -0.10 7.31 39.40
N PHE D 400 -0.29 7.28 38.08
CA PHE D 400 0.39 6.30 37.24
C PHE D 400 1.08 6.92 36.03
N PRO D 401 2.26 7.53 36.23
CA PRO D 401 2.90 8.13 35.06
C PRO D 401 3.50 7.07 34.14
N VAL D 402 3.83 7.49 32.92
CA VAL D 402 4.50 6.63 31.94
C VAL D 402 5.74 5.95 32.54
N GLU D 403 5.98 4.69 32.16
CA GLU D 403 7.16 3.96 32.59
C GLU D 403 7.76 3.24 31.39
N TYR D 404 9.06 3.41 31.15
CA TYR D 404 9.70 2.77 29.99
C TYR D 404 9.58 1.25 30.05
N ARG D 405 9.32 0.65 28.89
CA ARG D 405 9.32 -0.80 28.73
C ARG D 405 10.02 -1.13 27.42
N PRO D 406 10.91 -2.13 27.44
CA PRO D 406 11.68 -2.47 26.25
C PRO D 406 10.94 -3.38 25.25
N HIS D 407 9.76 -3.91 25.63
CA HIS D 407 8.99 -4.86 24.79
C HIS D 407 9.87 -5.86 24.05
N GLU D 408 10.66 -6.63 24.80
CA GLU D 408 11.69 -7.49 24.22
C GLU D 408 11.17 -8.49 23.19
N TRP D 409 9.89 -8.84 23.30
CA TRP D 409 9.27 -9.76 22.33
C TRP D 409 9.32 -9.27 20.89
N THR D 410 9.50 -7.96 20.68
CA THR D 410 9.53 -7.45 19.30
C THR D 410 10.85 -7.74 18.61
N GLN D 411 11.86 -8.15 19.37
CA GLN D 411 13.11 -8.61 18.77
C GLN D 411 13.05 -10.11 18.52
N SER D 412 12.06 -10.50 17.73
CA SER D 412 11.73 -11.91 17.53
C SER D 412 12.70 -12.56 16.53
N ARG D 413 13.38 -13.61 16.95
CA ARG D 413 14.35 -14.27 16.07
C ARG D 413 14.04 -15.74 15.79
N LEU D 414 14.34 -16.17 14.56
CA LEU D 414 14.28 -17.57 14.17
C LEU D 414 15.53 -18.28 14.66
N PRO D 415 15.55 -19.63 14.61
CA PRO D 415 16.72 -20.35 15.15
C PRO D 415 18.07 -19.89 14.60
N ASP D 416 18.14 -19.45 13.34
CA ASP D 416 19.44 -19.09 12.77
C ASP D 416 19.87 -17.66 13.14
N GLY D 417 19.04 -16.98 13.92
CA GLY D 417 19.36 -15.64 14.39
C GLY D 417 18.68 -14.52 13.61
N SER D 418 17.89 -14.87 12.60
CA SER D 418 17.27 -13.87 11.72
C SER D 418 16.10 -13.24 12.41
N ILE D 419 15.93 -11.92 12.24
CA ILE D 419 14.71 -11.24 12.66
C ILE D 419 13.54 -11.76 11.84
N HIS D 420 12.40 -11.99 12.49
CA HIS D 420 11.15 -12.24 11.76
C HIS D 420 10.13 -11.22 12.27
N THR D 421 9.17 -10.86 11.42
CA THR D 421 8.11 -9.95 11.83
C THR D 421 7.41 -10.52 13.06
N PRO D 422 7.36 -9.74 14.15
CA PRO D 422 6.98 -10.13 15.51
C PRO D 422 5.47 -10.19 15.75
MG MG E . -8.05 -24.19 -6.34
MG MG F . 19.09 -29.50 -8.15
N1 EPE G . 24.94 -36.78 -11.48
C2 EPE G . 24.42 -35.52 -12.07
C3 EPE G . 22.93 -35.70 -12.32
N4 EPE G . 22.30 -36.45 -11.26
C5 EPE G . 23.00 -36.56 -9.98
C6 EPE G . 24.45 -37.02 -10.12
C7 EPE G . 20.85 -36.60 -11.27
C8 EPE G . 20.21 -36.34 -12.64
O8 EPE G . 20.21 -37.50 -13.43
C9 EPE G . 26.41 -36.86 -11.57
C10 EPE G . 27.06 -35.53 -11.20
S EPE G . 28.50 -35.10 -12.22
O1S EPE G . 28.16 -35.13 -13.64
O2S EPE G . 28.90 -33.74 -11.87
O3S EPE G . 29.60 -36.01 -11.95
C1 EDO H . 23.41 -10.97 13.39
O1 EDO H . 23.98 -10.75 14.69
C2 EDO H . 21.93 -11.34 13.54
O2 EDO H . 21.84 -12.69 14.00
C1 EDO I . 21.01 -47.29 -24.08
O1 EDO I . 22.33 -46.91 -24.46
C2 EDO I . 20.55 -48.50 -24.87
O2 EDO I . 20.83 -48.30 -26.26
C1 EDO J . -1.22 -30.35 3.27
O1 EDO J . -1.60 -31.72 3.37
C2 EDO J . -0.92 -29.86 4.69
O2 EDO J . 0.15 -30.65 5.22
C1 EDO K . 25.10 -30.47 -11.21
O1 EDO K . 25.38 -29.25 -10.50
C2 EDO K . 25.16 -30.24 -12.71
O2 EDO K . 26.50 -29.84 -13.06
CL CL L . 31.25 -38.25 -17.23
CL CL L . 29.59 -39.78 -17.95
MG MG M . -29.02 14.15 -16.41
N1 EPE N . -37.65 16.65 -20.17
C2 EPE N . -36.88 15.53 -19.63
C3 EPE N . -35.92 15.04 -20.71
N4 EPE N . -35.25 16.13 -21.39
C5 EPE N . -35.41 17.48 -20.86
C6 EPE N . -36.85 17.84 -20.52
C7 EPE N . -34.09 15.84 -22.21
C8 EPE N . -33.98 14.38 -22.62
O8 EPE N . -34.92 14.07 -23.62
C9 EPE N . -38.86 16.97 -19.39
C10 EPE N . -38.72 16.65 -17.91
S EPE N . -40.35 16.46 -17.13
O1S EPE N . -41.22 17.55 -17.55
O2S EPE N . -40.94 15.17 -17.48
O3S EPE N . -40.18 16.48 -15.69
C1 EDO O . -6.74 18.05 -23.42
O1 EDO O . -7.44 19.30 -23.48
C2 EDO O . -7.19 17.16 -24.59
O2 EDO O . -7.01 17.89 -25.81
C1 EDO P . -41.88 0.15 -33.66
O1 EDO P . -41.79 1.22 -34.59
C2 EDO P . -42.67 -1.00 -34.30
O2 EDO P . -44.00 -0.57 -34.52
C1 EDO Q . -35.53 13.96 -14.90
O1 EDO Q . -35.02 14.02 -13.56
C2 EDO Q . -36.19 12.62 -15.18
O2 EDO Q . -37.45 12.54 -14.50
C1 EDO R . -12.03 28.17 -15.86
O1 EDO R . -13.46 28.32 -15.74
C2 EDO R . -11.71 26.83 -16.52
O2 EDO R . -12.71 26.51 -17.49
MG MG S . 8.29 17.53 -5.39
C1 GOL T . 8.38 19.53 -0.68
O1 GOL T . 7.15 20.24 -0.72
C2 GOL T . 9.09 19.79 0.66
O2 GOL T . 10.30 19.06 0.71
C3 GOL T . 8.20 19.38 1.83
O3 GOL T . 8.92 19.55 3.04
N1 EPE U . 6.86 25.35 -0.05
C2 EPE U . 6.57 23.92 0.04
C3 EPE U . 5.42 23.57 -0.89
N4 EPE U . 5.51 24.27 -2.16
C5 EPE U . 6.78 24.90 -2.49
C6 EPE U . 7.36 25.76 -1.38
C7 EPE U . 4.62 23.89 -3.24
C8 EPE U . 3.24 23.41 -2.77
O8 EPE U . 2.58 24.46 -2.11
C9 EPE U . 7.67 25.86 1.08
C10 EPE U . 8.68 24.82 1.57
S EPE U . 9.15 25.08 3.30
O1S EPE U . 9.81 23.89 3.83
O2S EPE U . 10.05 26.21 3.40
O3S EPE U . 7.97 25.33 4.12
C1 EDO V . -11.24 18.48 -16.07
O1 EDO V . -10.16 19.41 -15.83
C2 EDO V . -12.48 19.25 -16.52
O2 EDO V . -13.08 19.86 -15.37
C1 EDO W . -15.22 23.77 6.85
O1 EDO W . -15.02 24.97 7.60
C2 EDO W . -14.09 23.62 5.83
O2 EDO W . -14.08 24.75 4.96
C1 EDO X . 5.24 13.53 -27.77
O1 EDO X . 6.29 14.24 -28.43
C2 EDO X . 4.01 13.48 -28.66
O2 EDO X . 3.54 14.81 -28.91
C1 EDO Y . -8.21 33.59 3.96
O1 EDO Y . -9.50 32.99 4.12
C2 EDO Y . -7.15 32.55 4.31
O2 EDO Y . -7.20 32.25 5.71
CL CL Z . 5.69 6.91 12.31
CL CL Z . 3.96 8.59 12.00
CL CL AA . 6.00 28.53 8.10
CL CL AA . 3.79 29.15 7.29
CL CL BA . 23.46 10.80 -19.07
MG MG CA . -3.68 -10.22 16.95
C1 GOL DA . 0.75 -5.12 20.58
O1 GOL DA . 0.75 -3.96 21.38
C2 GOL DA . -0.46 -5.99 20.92
O2 GOL DA . -1.62 -5.20 20.95
C3 GOL DA . -0.61 -7.08 19.86
O3 GOL DA . 0.58 -7.85 19.83
N1 EPE EA . 1.84 -10.12 24.06
C2 EPE EA . 2.14 -11.49 24.49
C3 EPE EA . 1.99 -12.42 23.28
N4 EPE EA . 2.71 -11.95 22.11
C5 EPE EA . 2.74 -10.54 21.84
C6 EPE EA . 2.89 -9.72 23.12
C7 EPE EA . 2.82 -12.84 20.97
C8 EPE EA . 3.90 -12.40 19.99
O8 EPE EA . 5.16 -12.79 20.49
C9 EPE EA . 1.81 -9.19 25.20
C10 EPE EA . 2.07 -7.77 24.69
S EPE EA . 2.64 -6.59 25.95
O1S EPE EA . 4.06 -6.34 25.77
O2S EPE EA . 1.94 -5.34 25.76
O3S EPE EA . 2.37 -7.11 27.30
C1 EDO FA . -16.20 -20.11 10.39
O1 EDO FA . -17.04 -19.32 11.24
C2 EDO FA . -16.83 -20.16 9.00
O2 EDO FA . -18.13 -20.78 9.12
C1 EDO GA . 20.05 -15.57 22.74
O1 EDO GA . 21.34 -15.15 23.20
C2 EDO GA . 18.98 -15.18 23.76
O2 EDO GA . 18.79 -13.76 23.77
C1 EDO HA . 6.50 -25.40 4.74
O1 EDO HA . 6.13 -25.61 6.10
C2 EDO HA . 7.32 -26.61 4.28
O2 EDO HA . 8.55 -26.56 5.02
#